data_6LVX
#
_entry.id   6LVX
#
_cell.length_a   98.754
_cell.length_b   138.504
_cell.length_c   148.462
_cell.angle_alpha   90.000
_cell.angle_beta   90.000
_cell.angle_gamma   90.000
#
_symmetry.space_group_name_H-M   'P 21 21 21'
#
loop_
_entity.id
_entity.type
_entity.pdbx_description
1 polymer 'Toll-like receptor 7'
2 branched 2-acetamido-2-deoxy-beta-D-glucopyranose-(1-4)-2-acetamido-2-deoxy-beta-D-glucopyranose
3 non-polymer 6-azanyl-2-butoxy-9-(phenylmethyl)-7H-purin-8-one
4 non-polymer 2-acetamido-2-deoxy-beta-D-glucopyranose
5 non-polymer 'SULFATE ION'
6 water water
#
_entity_poly.entity_id   1
_entity_poly.type   'polypeptide(L)'
_entity_poly.pdbx_seq_one_letter_code
;RSPWARWFPKTLPCDVTLDVSKNHVIVDCTDKHLTEIPGGIPTNTTNLTLTINHIPDISPASFHRLVHLVEIDFRCNCVP
IRLGSKSNMCPRRLQIKPRSFSGLTYLKSLYLDGNQLLEIPQGLPPSLQLLSLEANNIFSIRKEQLTELANIEILYLGQN
CYYRNPCYVSYSIEKDAFLNLTKLKVLSLKDNNVTTVPTVLPSTLTELYLYNNMIAEIQEDDFNNLNQLQILDLSGNCPR
CYNAPFPCTPCKNNSPLQIPVNAFDALTELKVLRLHSNSLQHVPPRWFKNINNLQELDLSQNFLAKEIGDAKFLHFLPNL
IQLDLSFNFELQVYRASMNLSQAFSSLKSLKILRIRGYVFKELKSFQLSPLHNLQNLEVLDLGTNFIKIANLSMFKQFKR
LKVIDLSVNKISPSGDSLVPRGSSNARTSVESYEPQVLEQLYYFRYDKYARSCRFKNKEASFTSVQESCYKYGQTLDLSK
NSIFFIKSSDFQHLSFLKCLNLSGNLISQTLNGSEFQPLAELRYLDFSNNRLDLLHSTAFEELRKLEVLDISSNSHYFQS
EGITHMLNFTKNLKVLQKLMMNDNDISSSTSRTMESESLRTLEFRGNHLDVLWRDGDNRYLQLFKNLLKLEELDISKNSL
SFLPSGVFDGMPPNLKNLSLAKNGLKSFIWEKLRYLKNLETLDLSHNQLTTVPERLSNCSRSLKNLILKNNQIRSLTKYF
LQDAFQLRYLDLSSNKIQMIQKTSFPENVLNNLKMLLLHHNRFLCTCDAVWFVWWVQHTEVTIPYLATDVTCVGPGAHKG
QSVISLDLYTCELDLTNEFLVPR
;
_entity_poly.pdbx_strand_id   A,B
#
loop_
_chem_comp.id
_chem_comp.type
_chem_comp.name
_chem_comp.formula
EWL non-polymer 6-azanyl-2-butoxy-9-(phenylmethyl)-7H-purin-8-one 'C16 H19 N5 O2'
NAG D-saccharide, beta linking 2-acetamido-2-deoxy-beta-D-glucopyranose 'C8 H15 N O6'
SO4 non-polymer 'SULFATE ION' 'O4 S -2'
#
# COMPACT_ATOMS: atom_id res chain seq x y z
N ALA A 5 -37.93 25.51 0.64
CA ALA A 5 -38.48 25.61 -0.73
C ALA A 5 -39.63 24.56 -0.91
N ARG A 6 -39.32 23.24 -0.88
CA ARG A 6 -40.33 22.16 -1.07
C ARG A 6 -41.49 22.17 -0.07
N TRP A 7 -42.68 21.84 -0.54
CA TRP A 7 -43.85 21.71 0.33
C TRP A 7 -44.02 20.30 0.92
N PHE A 8 -43.69 19.25 0.14
CA PHE A 8 -43.75 17.85 0.61
C PHE A 8 -42.43 17.08 0.52
N PRO A 9 -41.81 16.78 1.68
CA PRO A 9 -40.52 16.08 1.70
C PRO A 9 -40.54 14.75 0.97
N LYS A 10 -39.48 14.50 0.22
CA LYS A 10 -39.33 13.22 -0.48
C LYS A 10 -38.86 12.24 0.56
N THR A 11 -39.70 11.26 0.85
CA THR A 11 -39.41 10.26 1.85
C THR A 11 -39.17 8.86 1.27
N LEU A 12 -39.54 8.65 0.01
CA LEU A 12 -39.27 7.39 -0.71
C LEU A 12 -37.76 7.11 -0.76
N PRO A 13 -37.33 5.86 -0.43
CA PRO A 13 -35.90 5.59 -0.37
C PRO A 13 -35.29 5.25 -1.73
N CYS A 14 -35.70 5.95 -2.77
CA CYS A 14 -35.27 5.66 -4.14
C CYS A 14 -35.04 6.97 -4.85
N ASP A 15 -34.03 7.05 -5.71
CA ASP A 15 -33.81 8.24 -6.56
C ASP A 15 -34.89 8.34 -7.66
N VAL A 16 -35.55 9.49 -7.73
CA VAL A 16 -36.62 9.77 -8.67
C VAL A 16 -36.18 10.86 -9.63
N THR A 17 -36.34 10.62 -10.93
CA THR A 17 -35.89 11.50 -11.98
C THR A 17 -37.04 11.67 -12.95
N LEU A 18 -37.12 12.82 -13.58
CA LEU A 18 -38.05 13.09 -14.66
C LEU A 18 -37.28 13.22 -15.94
N ASP A 19 -37.98 13.08 -17.06
CA ASP A 19 -37.38 13.23 -18.38
C ASP A 19 -38.53 13.41 -19.37
N VAL A 20 -38.58 14.55 -20.06
CA VAL A 20 -39.67 14.84 -21.00
C VAL A 20 -39.11 15.09 -22.41
N LYS A 22 -37.78 11.89 -23.08
CA LYS A 22 -39.22 11.79 -22.89
C LYS A 22 -39.76 10.35 -22.96
N ASN A 23 -40.94 10.05 -22.40
CA ASN A 23 -41.59 10.77 -21.31
C ASN A 23 -41.62 9.84 -20.12
N HIS A 24 -40.50 9.86 -19.41
CA HIS A 24 -40.17 8.85 -18.42
C HIS A 24 -40.14 9.42 -16.98
N VAL A 25 -40.77 8.70 -16.05
CA VAL A 25 -40.66 8.91 -14.62
C VAL A 25 -39.87 7.71 -14.11
N ILE A 26 -38.65 7.98 -13.66
CA ILE A 26 -37.68 6.92 -13.34
C ILE A 26 -37.56 6.78 -11.84
N VAL A 27 -37.66 5.56 -11.32
CA VAL A 27 -37.55 5.32 -9.91
C VAL A 27 -36.48 4.27 -9.75
N ASP A 28 -35.37 4.63 -9.12
CA ASP A 28 -34.21 3.74 -8.98
C ASP A 28 -33.96 3.40 -7.52
N CYS A 29 -34.36 2.20 -7.11
CA CYS A 29 -34.13 1.73 -5.75
C CYS A 29 -32.96 0.75 -5.72
N THR A 30 -31.92 1.00 -6.51
CA THR A 30 -30.80 0.05 -6.57
C THR A 30 -30.13 0.06 -5.18
N ASP A 31 -30.05 -1.10 -4.55
CA ASP A 31 -29.19 -1.31 -3.39
C ASP A 31 -29.56 -0.41 -2.26
N LYS A 32 -30.77 -0.58 -1.77
CA LYS A 32 -31.27 0.23 -0.72
C LYS A 32 -31.67 -0.68 0.44
N HIS A 33 -31.12 -1.87 0.50
CA HIS A 33 -31.39 -2.80 1.60
C HIS A 33 -32.88 -2.94 1.92
N LEU A 34 -33.69 -3.08 0.88
CA LEU A 34 -35.13 -3.18 1.01
C LEU A 34 -35.54 -4.61 1.16
N THR A 35 -36.51 -4.88 2.03
CA THR A 35 -37.13 -6.20 2.15
C THR A 35 -38.59 -6.27 1.62
N GLU A 36 -39.14 -5.11 1.26
CA GLU A 36 -40.45 -4.98 0.67
C GLU A 36 -40.31 -3.93 -0.38
N ILE A 37 -41.21 -3.92 -1.36
CA ILE A 37 -41.29 -2.79 -2.28
C ILE A 37 -41.82 -1.63 -1.44
N PRO A 38 -41.14 -0.46 -1.48
CA PRO A 38 -41.63 0.66 -0.66
C PRO A 38 -42.94 1.23 -1.16
N GLY A 39 -43.69 1.81 -0.23
CA GLY A 39 -44.96 2.46 -0.52
C GLY A 39 -44.72 3.82 -1.15
N GLY A 40 -45.74 4.33 -1.86
CA GLY A 40 -45.74 5.67 -2.38
C GLY A 40 -44.92 5.83 -3.65
N ILE A 41 -44.75 4.75 -4.42
CA ILE A 41 -44.06 4.88 -5.70
C ILE A 41 -44.96 5.72 -6.64
N PRO A 42 -44.38 6.72 -7.34
CA PRO A 42 -45.21 7.54 -8.20
C PRO A 42 -46.02 6.72 -9.20
N THR A 43 -47.31 6.99 -9.24
CA THR A 43 -48.25 6.33 -10.18
C THR A 43 -47.84 6.45 -11.64
N ASN A 44 -47.25 7.57 -12.03
CA ASN A 44 -46.73 7.80 -13.39
C ASN A 44 -45.41 7.05 -13.67
N THR A 45 -44.87 6.27 -12.71
CA THR A 45 -43.60 5.58 -12.90
C THR A 45 -43.60 4.79 -14.21
N THR A 46 -42.62 5.09 -15.08
CA THR A 46 -42.38 4.32 -16.31
C THR A 46 -41.27 3.28 -16.12
N ASN A 47 -40.19 3.63 -15.39
CA ASN A 47 -39.06 2.71 -15.13
C ASN A 47 -38.82 2.50 -13.62
N LEU A 48 -38.99 1.27 -13.14
CA LEU A 48 -38.76 0.93 -11.74
C LEU A 48 -37.61 -0.04 -11.59
N THR A 49 -36.54 0.37 -10.93
CA THR A 49 -35.44 -0.52 -10.66
C THR A 49 -35.32 -0.88 -9.19
N LEU A 50 -35.33 -2.18 -8.89
CA LEU A 50 -35.20 -2.70 -7.53
C LEU A 50 -34.04 -3.69 -7.39
N THR A 51 -33.03 -3.51 -8.23
CA THR A 51 -31.86 -4.35 -8.27
C THR A 51 -31.09 -4.33 -6.94
N ILE A 52 -30.59 -5.50 -6.54
CA ILE A 52 -29.86 -5.72 -5.31
C ILE A 52 -30.62 -5.21 -4.10
N ASN A 53 -31.62 -5.97 -3.70
CA ASN A 53 -32.36 -5.75 -2.48
C ASN A 53 -32.72 -7.13 -2.00
N HIS A 54 -33.54 -7.26 -0.98
CA HIS A 54 -33.88 -8.58 -0.47
C HIS A 54 -35.36 -8.70 -0.41
N ILE A 55 -35.99 -8.35 -1.53
CA ILE A 55 -37.44 -8.49 -1.67
C ILE A 55 -37.76 -9.96 -1.99
N PRO A 56 -38.40 -10.70 -1.05
CA PRO A 56 -38.56 -12.14 -1.18
C PRO A 56 -39.71 -12.55 -2.08
N ASP A 57 -40.64 -11.64 -2.42
CA ASP A 57 -41.69 -11.96 -3.39
C ASP A 57 -42.32 -10.80 -4.15
N ILE A 58 -42.98 -11.18 -5.23
CA ILE A 58 -43.74 -10.30 -6.10
C ILE A 58 -45.15 -10.84 -6.09
N SER A 59 -46.13 -9.93 -6.09
CA SER A 59 -47.56 -10.28 -6.16
C SER A 59 -48.33 -9.19 -6.93
N PRO A 60 -49.65 -9.38 -7.18
CA PRO A 60 -50.40 -8.33 -7.84
C PRO A 60 -50.41 -6.98 -7.11
N ALA A 61 -50.29 -7.02 -5.78
CA ALA A 61 -50.09 -5.80 -4.98
C ALA A 61 -48.82 -5.03 -5.39
N SER A 62 -47.72 -5.76 -5.65
CA SER A 62 -46.41 -5.14 -5.99
C SER A 62 -46.50 -3.96 -6.94
N PHE A 63 -47.22 -4.11 -8.06
CA PHE A 63 -47.28 -3.10 -9.11
C PHE A 63 -48.66 -2.49 -9.38
N HIS A 64 -49.64 -2.85 -8.54
CA HIS A 64 -51.08 -2.49 -8.68
C HIS A 64 -51.34 -1.12 -9.36
N ARG A 65 -50.90 -0.03 -8.72
CA ARG A 65 -51.23 1.32 -9.20
C ARG A 65 -50.39 1.77 -10.38
N LEU A 66 -49.32 1.02 -10.70
CA LEU A 66 -48.23 1.52 -11.54
C LEU A 66 -48.44 1.18 -13.01
N VAL A 67 -49.65 1.41 -13.49
CA VAL A 67 -50.10 0.89 -14.79
C VAL A 67 -49.31 1.41 -15.98
N HIS A 68 -48.61 2.55 -15.81
CA HIS A 68 -47.82 3.15 -16.90
C HIS A 68 -46.38 2.60 -17.02
N LEU A 69 -46.01 1.58 -16.22
CA LEU A 69 -44.68 0.92 -16.30
C LEU A 69 -44.33 0.32 -17.66
N VAL A 70 -43.25 0.83 -18.27
CA VAL A 70 -42.64 0.22 -19.45
C VAL A 70 -41.47 -0.71 -19.10
N GLU A 71 -40.78 -0.48 -17.98
CA GLU A 71 -39.64 -1.33 -17.62
C GLU A 71 -39.62 -1.63 -16.14
N ILE A 72 -39.45 -2.90 -15.81
CA ILE A 72 -39.15 -3.31 -14.45
C ILE A 72 -37.80 -3.98 -14.50
N ASP A 73 -36.86 -3.46 -13.72
CA ASP A 73 -35.62 -4.13 -13.51
C ASP A 73 -35.64 -4.63 -12.08
N PHE A 74 -35.75 -5.93 -11.91
CA PHE A 74 -35.83 -6.59 -10.61
C PHE A 74 -34.70 -7.64 -10.52
N ARG A 75 -33.46 -7.21 -10.78
CA ARG A 75 -32.31 -8.11 -10.83
C ARG A 75 -31.73 -8.35 -9.44
N CYS A 76 -31.33 -9.61 -9.19
CA CYS A 76 -30.45 -9.95 -8.08
C CYS A 76 -31.05 -9.67 -6.70
N ASN A 77 -32.29 -10.11 -6.51
CA ASN A 77 -32.90 -10.09 -5.19
C ASN A 77 -32.76 -11.44 -4.52
N CYS A 78 -32.25 -12.43 -5.26
CA CYS A 78 -31.88 -13.72 -4.70
C CYS A 78 -30.85 -14.39 -5.60
N VAL A 79 -29.59 -13.96 -5.54
CA VAL A 79 -28.63 -14.41 -6.55
C VAL A 79 -28.17 -15.82 -6.15
N PRO A 80 -27.84 -16.67 -7.14
CA PRO A 80 -27.35 -17.97 -6.74
C PRO A 80 -26.23 -17.92 -5.70
N ILE A 81 -26.23 -18.91 -4.80
CA ILE A 81 -25.30 -18.99 -3.67
C ILE A 81 -23.83 -18.61 -4.00
N ARG A 82 -23.28 -19.19 -5.08
CA ARG A 82 -21.85 -18.97 -5.44
C ARG A 82 -21.53 -17.62 -6.06
N LEU A 83 -22.54 -16.97 -6.66
CA LEU A 83 -22.40 -15.64 -7.28
C LEU A 83 -22.56 -14.47 -6.31
N GLY A 84 -23.26 -14.68 -5.21
CA GLY A 84 -23.62 -13.58 -4.31
C GLY A 84 -22.81 -13.49 -3.03
N SER A 85 -23.13 -12.46 -2.25
CA SER A 85 -22.65 -12.28 -0.89
C SER A 85 -22.82 -13.56 -0.05
N LYS A 86 -21.78 -13.88 0.75
CA LYS A 86 -21.82 -14.97 1.76
C LYS A 86 -22.19 -14.47 3.20
N SER A 87 -22.09 -13.17 3.45
CA SER A 87 -22.60 -12.60 4.71
C SER A 87 -24.14 -12.47 4.72
N ASN A 88 -24.73 -12.14 3.57
CA ASN A 88 -26.17 -12.08 3.44
C ASN A 88 -26.62 -12.96 2.28
N MET A 89 -26.61 -14.27 2.52
CA MET A 89 -27.11 -15.23 1.53
C MET A 89 -28.63 -15.11 1.43
N CYS A 90 -29.16 -15.35 0.24
CA CYS A 90 -30.61 -15.37 0.05
C CYS A 90 -31.20 -16.67 0.60
N PRO A 91 -32.18 -16.57 1.55
CA PRO A 91 -32.67 -17.79 2.21
C PRO A 91 -33.51 -18.70 1.28
N ARG A 92 -34.31 -18.09 0.40
CA ARG A 92 -35.31 -18.82 -0.36
C ARG A 92 -35.57 -18.13 -1.70
N ARG A 93 -35.72 -18.91 -2.76
CA ARG A 93 -35.90 -18.32 -4.08
C ARG A 93 -37.06 -17.32 -4.12
N LEU A 94 -36.99 -16.38 -5.06
CA LEU A 94 -38.03 -15.37 -5.25
C LEU A 94 -39.35 -15.99 -5.67
N GLN A 95 -40.44 -15.62 -4.99
CA GLN A 95 -41.80 -16.13 -5.29
C GLN A 95 -42.53 -15.11 -6.13
N ILE A 96 -42.97 -15.52 -7.33
CA ILE A 96 -43.81 -14.65 -8.16
C ILE A 96 -45.23 -15.22 -8.17
N LYS A 97 -46.23 -14.43 -7.82
CA LYS A 97 -47.59 -14.95 -7.69
C LYS A 97 -48.37 -14.72 -8.96
N PRO A 98 -49.45 -15.49 -9.15
CA PRO A 98 -50.19 -15.35 -10.40
C PRO A 98 -50.64 -13.92 -10.64
N ARG A 99 -50.54 -13.51 -11.91
CA ARG A 99 -51.12 -12.26 -12.39
C ARG A 99 -50.44 -11.01 -11.83
N SER A 100 -49.15 -11.14 -11.49
CA SER A 100 -48.37 -9.98 -10.98
C SER A 100 -47.96 -9.02 -12.09
N PHE A 101 -47.88 -9.52 -13.31
CA PHE A 101 -47.46 -8.74 -14.45
C PHE A 101 -48.57 -8.47 -15.45
N SER A 102 -49.63 -9.29 -15.45
CA SER A 102 -50.62 -9.25 -16.54
C SER A 102 -51.38 -7.92 -16.64
N GLY A 103 -51.49 -7.19 -15.52
CA GLY A 103 -52.03 -5.84 -15.53
C GLY A 103 -51.20 -4.82 -16.32
N LEU A 104 -49.89 -5.05 -16.42
CA LEU A 104 -48.95 -4.03 -16.92
C LEU A 104 -48.97 -4.00 -18.43
N THR A 105 -50.00 -3.35 -18.92
CA THR A 105 -50.34 -3.36 -20.31
C THR A 105 -49.29 -2.74 -21.21
N TYR A 106 -48.46 -1.85 -20.69
CA TYR A 106 -47.39 -1.21 -21.46
C TYR A 106 -45.96 -1.75 -21.22
N LEU A 107 -45.84 -2.86 -20.49
CA LEU A 107 -44.54 -3.37 -20.05
C LEU A 107 -43.71 -3.88 -21.24
N LYS A 108 -42.57 -3.27 -21.48
CA LYS A 108 -41.75 -3.62 -22.62
C LYS A 108 -40.49 -4.38 -22.25
N SER A 109 -39.98 -4.20 -21.04
CA SER A 109 -38.73 -4.84 -20.60
C SER A 109 -38.92 -5.40 -19.22
N LEU A 110 -38.52 -6.65 -19.02
CA LEU A 110 -38.49 -7.25 -17.70
C LEU A 110 -37.18 -8.03 -17.44
N TYR A 111 -36.41 -7.58 -16.46
CA TYR A 111 -35.15 -8.20 -16.06
C TYR A 111 -35.40 -8.91 -14.74
N LEU A 112 -35.29 -10.23 -14.73
CA LEU A 112 -35.43 -11.02 -13.50
C LEU A 112 -34.20 -11.87 -13.29
N ASP A 113 -33.05 -11.38 -13.74
CA ASP A 113 -31.80 -12.13 -13.58
C ASP A 113 -31.50 -12.39 -12.09
N GLY A 114 -30.87 -13.52 -11.79
CA GLY A 114 -30.28 -13.69 -10.47
C GLY A 114 -31.28 -13.71 -9.34
N ASN A 115 -32.32 -14.52 -9.49
CA ASN A 115 -33.36 -14.73 -8.48
C ASN A 115 -33.66 -16.20 -8.12
N GLN A 116 -32.89 -17.12 -8.68
CA GLN A 116 -33.03 -18.56 -8.42
C GLN A 116 -34.38 -19.12 -8.86
N LEU A 117 -34.98 -18.50 -9.86
CA LEU A 117 -36.26 -18.92 -10.39
C LEU A 117 -36.08 -20.32 -11.01
N LEU A 118 -37.09 -21.16 -10.83
CA LEU A 118 -37.11 -22.52 -11.40
C LEU A 118 -37.76 -22.61 -12.79
N GLU A 119 -38.47 -21.56 -13.21
CA GLU A 119 -39.34 -21.64 -14.39
C GLU A 119 -39.56 -20.26 -15.00
N ILE A 120 -39.89 -20.26 -16.28
CA ILE A 120 -40.13 -19.02 -16.99
C ILE A 120 -41.42 -18.45 -16.46
N PRO A 121 -41.36 -17.31 -15.73
CA PRO A 121 -42.57 -16.77 -15.13
C PRO A 121 -43.66 -16.57 -16.17
N GLN A 122 -44.82 -17.16 -15.89
CA GLN A 122 -45.97 -17.13 -16.79
C GLN A 122 -46.92 -15.94 -16.52
N GLY A 123 -47.87 -15.71 -17.43
CA GLY A 123 -48.81 -14.61 -17.31
C GLY A 123 -48.18 -13.26 -17.54
N LEU A 124 -47.22 -13.20 -18.46
CA LEU A 124 -46.60 -11.95 -18.81
C LEU A 124 -47.40 -11.35 -19.93
N PRO A 125 -47.39 -10.00 -20.01
CA PRO A 125 -48.23 -9.33 -20.98
C PRO A 125 -47.66 -9.36 -22.38
N PRO A 126 -48.55 -9.24 -23.36
CA PRO A 126 -48.13 -9.39 -24.75
C PRO A 126 -47.31 -8.23 -25.31
N SER A 127 -47.12 -7.14 -24.56
CA SER A 127 -46.34 -5.98 -25.05
C SER A 127 -44.84 -6.13 -24.84
N LEU A 128 -44.47 -7.20 -24.14
CA LEU A 128 -43.11 -7.45 -23.70
C LEU A 128 -42.17 -7.73 -24.87
N GLN A 129 -41.10 -6.93 -24.96
CA GLN A 129 -40.07 -7.04 -25.98
C GLN A 129 -38.77 -7.62 -25.47
N LEU A 130 -38.34 -7.26 -24.25
CA LEU A 130 -37.13 -7.78 -23.66
C LEU A 130 -37.45 -8.56 -22.40
N LEU A 131 -36.94 -9.77 -22.29
CA LEU A 131 -37.04 -10.60 -21.06
C LEU A 131 -35.68 -11.20 -20.76
N SER A 132 -35.19 -10.97 -19.55
CA SER A 132 -33.88 -11.40 -19.11
C SER A 132 -34.01 -12.27 -17.87
N LEU A 133 -33.53 -13.49 -17.94
CA LEU A 133 -33.61 -14.48 -16.87
C LEU A 133 -32.24 -15.11 -16.56
N GLU A 134 -31.16 -14.37 -16.82
CA GLU A 134 -29.82 -14.82 -16.51
C GLU A 134 -29.68 -15.25 -15.01
N ALA A 135 -28.80 -16.22 -14.77
CA ALA A 135 -28.43 -16.63 -13.41
C ALA A 135 -29.62 -17.08 -12.56
N ASN A 136 -30.61 -17.68 -13.20
CA ASN A 136 -31.67 -18.39 -12.48
C ASN A 136 -31.39 -19.90 -12.52
N ASN A 137 -32.37 -20.75 -12.23
CA ASN A 137 -32.22 -22.20 -12.26
C ASN A 137 -33.30 -22.84 -13.17
N ILE A 138 -33.41 -22.26 -14.38
CA ILE A 138 -34.31 -22.70 -15.42
C ILE A 138 -33.39 -23.37 -16.42
N PHE A 139 -33.43 -24.69 -16.50
CA PHE A 139 -32.51 -25.41 -17.39
C PHE A 139 -33.22 -26.43 -18.30
N SER A 140 -34.46 -26.09 -18.64
CA SER A 140 -35.32 -26.88 -19.52
C SER A 140 -36.40 -25.95 -20.08
N ILE A 141 -36.35 -25.72 -21.38
CA ILE A 141 -37.21 -24.80 -22.10
C ILE A 141 -38.21 -25.60 -22.92
N ARG A 142 -39.49 -25.29 -22.77
CA ARG A 142 -40.54 -26.04 -23.46
C ARG A 142 -41.34 -25.07 -24.28
N LYS A 143 -41.74 -25.48 -25.48
CA LYS A 143 -42.56 -24.65 -26.36
C LYS A 143 -43.76 -24.02 -25.65
N GLU A 144 -44.43 -24.80 -24.80
CA GLU A 144 -45.66 -24.33 -24.09
C GLU A 144 -45.42 -23.09 -23.18
N GLN A 145 -44.30 -23.11 -22.49
CA GLN A 145 -43.87 -22.01 -21.60
C GLN A 145 -43.54 -20.73 -22.33
N LEU A 146 -43.19 -20.86 -23.59
CA LEU A 146 -42.82 -19.74 -24.42
C LEU A 146 -43.96 -19.12 -25.23
N THR A 147 -45.20 -19.61 -25.10
CA THR A 147 -46.28 -19.12 -25.98
C THR A 147 -46.66 -17.69 -25.62
N GLU A 148 -46.68 -17.36 -24.33
CA GLU A 148 -46.83 -15.95 -23.85
C GLU A 148 -45.93 -14.91 -24.57
N LEU A 149 -44.80 -15.34 -25.12
CA LEU A 149 -43.82 -14.42 -25.66
C LEU A 149 -43.97 -14.10 -27.15
N ALA A 150 -45.18 -14.19 -27.71
CA ALA A 150 -45.37 -13.98 -29.16
C ALA A 150 -44.55 -12.80 -29.70
N ASN A 151 -44.70 -11.64 -29.06
CA ASN A 151 -44.09 -10.40 -29.51
C ASN A 151 -42.67 -10.12 -28.98
N ILE A 152 -42.04 -11.14 -28.39
CA ILE A 152 -40.71 -10.95 -27.78
C ILE A 152 -39.64 -10.77 -28.86
N GLU A 153 -38.77 -9.77 -28.61
CA GLU A 153 -37.62 -9.44 -29.46
C GLU A 153 -36.22 -9.77 -28.85
N ILE A 154 -36.07 -9.74 -27.53
CA ILE A 154 -34.75 -9.94 -26.88
C ILE A 154 -34.96 -10.89 -25.73
N LEU A 155 -34.24 -12.00 -25.71
CA LEU A 155 -34.44 -13.05 -24.70
C LEU A 155 -33.10 -13.55 -24.19
N TYR A 156 -32.79 -13.28 -22.93
CA TYR A 156 -31.51 -13.64 -22.30
C TYR A 156 -31.81 -14.78 -21.33
N LEU A 157 -31.27 -15.98 -21.63
CA LEU A 157 -31.52 -17.17 -20.81
C LEU A 157 -30.24 -17.81 -20.25
N GLY A 158 -29.09 -17.15 -20.41
CA GLY A 158 -27.81 -17.73 -20.05
C GLY A 158 -27.48 -17.81 -18.55
N GLN A 159 -26.37 -18.47 -18.23
CA GLN A 159 -25.85 -18.59 -16.85
C GLN A 159 -26.79 -19.30 -15.92
N ASN A 160 -27.67 -20.13 -16.47
CA ASN A 160 -28.60 -20.94 -15.68
C ASN A 160 -28.03 -22.32 -15.35
N CYS A 161 -26.95 -22.74 -16.02
CA CYS A 161 -26.32 -24.01 -15.71
C CYS A 161 -24.83 -24.05 -16.07
N TYR A 162 -24.02 -23.66 -15.11
CA TYR A 162 -22.55 -23.65 -15.27
C TYR A 162 -21.87 -23.68 -13.88
N TYR A 163 -20.54 -23.71 -13.84
CA TYR A 163 -19.84 -23.99 -12.56
C TYR A 163 -20.15 -22.99 -11.41
N ARG A 164 -20.45 -21.74 -11.72
CA ARG A 164 -20.85 -20.80 -10.70
C ARG A 164 -22.30 -20.97 -10.28
N ASN A 165 -23.07 -21.79 -10.99
CA ASN A 165 -24.48 -21.97 -10.71
C ASN A 165 -24.99 -23.23 -11.38
N PRO A 166 -24.55 -24.37 -10.89
CA PRO A 166 -24.79 -25.63 -11.60
C PRO A 166 -26.22 -26.12 -11.50
N CYS A 167 -26.64 -26.87 -12.52
CA CYS A 167 -27.92 -27.57 -12.55
C CYS A 167 -27.79 -29.08 -12.63
N TYR A 168 -26.56 -29.57 -12.81
CA TYR A 168 -26.25 -31.02 -12.73
C TYR A 168 -26.84 -31.91 -13.83
N VAL A 169 -27.43 -31.33 -14.88
CA VAL A 169 -27.85 -32.11 -16.06
C VAL A 169 -27.57 -31.28 -17.33
N SER A 170 -27.82 -31.88 -18.49
CA SER A 170 -27.80 -31.12 -19.70
C SER A 170 -28.97 -30.14 -19.76
N TYR A 171 -28.75 -29.05 -20.45
CA TYR A 171 -29.82 -28.14 -20.82
C TYR A 171 -30.74 -28.95 -21.77
N SER A 172 -32.05 -28.65 -21.75
CA SER A 172 -33.02 -29.28 -22.66
C SER A 172 -33.79 -28.18 -23.32
N ILE A 173 -33.94 -28.29 -24.63
CA ILE A 173 -34.73 -27.36 -25.39
C ILE A 173 -35.62 -28.21 -26.29
N GLU A 174 -36.94 -28.11 -26.14
CA GLU A 174 -37.83 -28.81 -27.05
C GLU A 174 -37.55 -28.45 -28.52
N LYS A 175 -37.70 -29.43 -29.40
CA LYS A 175 -37.65 -29.19 -30.83
C LYS A 175 -38.60 -28.03 -31.18
N ASP A 176 -38.06 -27.05 -31.92
CA ASP A 176 -38.81 -25.90 -32.44
C ASP A 176 -39.34 -24.96 -31.36
N ALA A 177 -38.80 -25.05 -30.13
CA ALA A 177 -39.26 -24.22 -28.99
C ALA A 177 -39.43 -22.77 -29.29
N PHE A 178 -38.40 -22.20 -29.91
CA PHE A 178 -38.36 -20.78 -30.24
C PHE A 178 -38.95 -20.42 -31.61
N LEU A 179 -39.44 -21.40 -32.38
CA LEU A 179 -39.75 -21.17 -33.81
C LEU A 179 -40.90 -20.17 -34.02
N ASN A 180 -41.97 -20.32 -33.23
CA ASN A 180 -43.14 -19.46 -33.34
C ASN A 180 -43.01 -18.12 -32.57
N LEU A 181 -41.79 -17.77 -32.15
CA LEU A 181 -41.49 -16.41 -31.65
C LEU A 181 -41.06 -15.60 -32.84
N THR A 182 -42.04 -15.18 -33.63
CA THR A 182 -41.76 -14.67 -34.98
C THR A 182 -41.09 -13.32 -35.05
N LYS A 183 -40.89 -12.67 -33.89
CA LYS A 183 -40.29 -11.34 -33.81
C LYS A 183 -38.91 -11.33 -33.12
N LEU A 184 -38.47 -12.50 -32.66
CA LEU A 184 -37.23 -12.64 -31.88
C LEU A 184 -36.00 -12.21 -32.69
N LYS A 185 -35.23 -11.31 -32.13
CA LYS A 185 -34.02 -10.84 -32.75
C LYS A 185 -32.76 -11.25 -32.00
N VAL A 186 -32.82 -11.32 -30.66
CA VAL A 186 -31.63 -11.62 -29.84
C VAL A 186 -31.94 -12.76 -28.89
N LEU A 187 -31.18 -13.86 -29.00
CA LEU A 187 -31.31 -15.04 -28.16
C LEU A 187 -29.95 -15.37 -27.58
N SER A 188 -29.86 -15.50 -26.27
CA SER A 188 -28.61 -15.78 -25.59
C SER A 188 -28.81 -16.99 -24.73
N LEU A 189 -28.03 -18.02 -25.00
CA LEU A 189 -28.16 -19.31 -24.30
C LEU A 189 -26.82 -19.73 -23.75
N LYS A 190 -25.95 -18.74 -23.53
CA LYS A 190 -24.61 -18.93 -23.02
C LYS A 190 -24.54 -19.52 -21.63
N ASP A 191 -23.37 -20.07 -21.28
CA ASP A 191 -23.08 -20.60 -19.93
C ASP A 191 -24.23 -21.50 -19.43
N ASN A 192 -24.66 -22.43 -20.27
CA ASN A 192 -25.84 -23.25 -19.98
C ASN A 192 -25.77 -24.78 -20.10
N ASN A 193 -24.61 -25.37 -20.40
CA ASN A 193 -24.52 -26.85 -20.53
C ASN A 193 -25.42 -27.34 -21.69
N VAL A 194 -25.52 -26.50 -22.72
CA VAL A 194 -26.27 -26.84 -23.94
C VAL A 194 -25.43 -27.85 -24.74
N THR A 195 -26.08 -28.86 -25.33
CA THR A 195 -25.37 -29.90 -26.08
C THR A 195 -25.50 -29.78 -27.59
N THR A 196 -26.55 -29.12 -28.09
CA THR A 196 -26.71 -28.95 -29.54
C THR A 196 -27.34 -27.63 -29.84
N VAL A 197 -27.05 -27.10 -31.03
CA VAL A 197 -27.69 -25.87 -31.46
C VAL A 197 -29.18 -26.20 -31.52
N PRO A 198 -30.05 -25.51 -30.71
CA PRO A 198 -31.48 -25.76 -30.86
C PRO A 198 -31.99 -25.33 -32.22
N THR A 199 -32.93 -26.10 -32.74
CA THR A 199 -33.52 -25.87 -34.06
C THR A 199 -34.99 -26.17 -33.95
N VAL A 200 -35.82 -25.66 -34.85
CA VAL A 200 -35.44 -24.65 -35.86
C VAL A 200 -35.64 -23.29 -35.19
N LEU A 201 -34.76 -22.34 -35.50
CA LEU A 201 -34.81 -21.05 -34.85
C LEU A 201 -35.49 -20.10 -35.80
N PRO A 202 -36.14 -19.06 -35.27
CA PRO A 202 -36.85 -18.14 -36.13
C PRO A 202 -35.90 -17.29 -36.97
N SER A 203 -36.26 -17.07 -38.24
CA SER A 203 -35.31 -16.48 -39.25
C SER A 203 -35.11 -14.97 -39.07
N THR A 204 -36.01 -14.42 -38.30
CA THR A 204 -35.91 -13.08 -37.80
C THR A 204 -34.67 -12.75 -36.92
N LEU A 205 -33.99 -13.75 -36.34
CA LEU A 205 -32.76 -13.56 -35.52
C LEU A 205 -31.63 -12.70 -36.11
N THR A 206 -31.13 -11.77 -35.30
CA THR A 206 -29.96 -10.97 -35.64
C THR A 206 -28.75 -11.32 -34.85
N GLU A 207 -28.94 -11.73 -33.59
CA GLU A 207 -27.83 -12.11 -32.72
C GLU A 207 -28.14 -13.41 -31.98
N LEU A 208 -27.18 -14.36 -32.03
CA LEU A 208 -27.30 -15.64 -31.37
C LEU A 208 -26.04 -15.90 -30.57
N TYR A 209 -26.23 -16.11 -29.27
CA TYR A 209 -25.11 -16.33 -28.34
C TYR A 209 -25.21 -17.76 -27.80
N LEU A 210 -24.29 -18.63 -28.25
CA LEU A 210 -24.22 -20.03 -27.83
C LEU A 210 -22.90 -20.39 -27.17
N TYR A 211 -22.16 -19.40 -26.69
CA TYR A 211 -20.82 -19.66 -26.15
C TYR A 211 -20.81 -20.21 -24.74
N ASN A 212 -19.71 -20.86 -24.41
CA ASN A 212 -19.53 -21.58 -23.12
C ASN A 212 -20.62 -22.62 -22.87
N ASN A 213 -20.58 -23.70 -23.65
CA ASN A 213 -21.54 -24.79 -23.57
C ASN A 213 -20.81 -26.15 -23.87
N MET A 214 -21.58 -27.22 -24.13
CA MET A 214 -21.07 -28.57 -24.40
C MET A 214 -21.52 -29.02 -25.79
N ILE A 215 -21.36 -28.12 -26.77
CA ILE A 215 -21.73 -28.38 -28.15
C ILE A 215 -20.47 -28.89 -28.81
N ALA A 216 -20.47 -30.17 -29.18
CA ALA A 216 -19.33 -30.81 -29.84
C ALA A 216 -19.34 -30.70 -31.37
N GLU A 217 -20.55 -30.54 -31.93
CA GLU A 217 -20.76 -30.53 -33.36
C GLU A 217 -21.80 -29.51 -33.76
N ILE A 218 -21.51 -28.80 -34.83
CA ILE A 218 -22.51 -28.07 -35.57
C ILE A 218 -22.96 -28.93 -36.74
N GLN A 219 -24.27 -29.13 -36.87
CA GLN A 219 -24.86 -29.78 -38.04
C GLN A 219 -24.95 -28.77 -39.16
N GLU A 220 -24.84 -29.21 -40.41
CA GLU A 220 -24.82 -28.29 -41.56
C GLU A 220 -26.12 -27.52 -41.72
N ASP A 221 -27.17 -28.07 -41.14
CA ASP A 221 -28.52 -27.52 -41.04
C ASP A 221 -28.69 -26.38 -40.03
N ASP A 222 -27.85 -26.34 -39.00
CA ASP A 222 -28.18 -25.65 -37.76
C ASP A 222 -28.50 -24.12 -37.95
N PHE A 223 -27.93 -23.47 -38.99
CA PHE A 223 -28.14 -22.04 -39.21
C PHE A 223 -28.75 -21.74 -40.60
N ASN A 224 -29.42 -22.72 -41.19
CA ASN A 224 -29.99 -22.65 -42.56
C ASN A 224 -30.88 -21.50 -42.85
N ASN A 225 -31.73 -21.16 -41.93
CA ASN A 225 -32.71 -20.15 -42.23
C ASN A 225 -32.34 -18.76 -41.71
N LEU A 226 -31.20 -18.62 -41.01
CA LEU A 226 -30.87 -17.40 -40.28
C LEU A 226 -30.25 -16.34 -41.19
N ASN A 227 -31.02 -15.95 -42.20
CA ASN A 227 -30.53 -15.05 -43.24
C ASN A 227 -30.49 -13.56 -42.84
N GLN A 228 -30.97 -13.22 -41.65
CA GLN A 228 -30.78 -11.88 -41.09
C GLN A 228 -29.74 -11.80 -39.96
N LEU A 229 -29.09 -12.91 -39.65
CA LEU A 229 -28.15 -12.99 -38.54
C LEU A 229 -26.88 -12.15 -38.76
N GLN A 230 -26.53 -11.35 -37.73
CA GLN A 230 -25.42 -10.43 -37.75
C GLN A 230 -24.31 -10.83 -36.82
N ILE A 231 -24.66 -11.41 -35.67
CA ILE A 231 -23.67 -11.83 -34.71
C ILE A 231 -23.93 -13.30 -34.39
N LEU A 232 -22.91 -14.14 -34.60
CA LEU A 232 -22.89 -15.50 -34.10
C LEU A 232 -21.67 -15.70 -33.21
N ASP A 233 -21.89 -16.28 -32.03
CA ASP A 233 -20.82 -16.56 -31.09
C ASP A 233 -20.99 -17.99 -30.62
N LEU A 234 -20.03 -18.82 -31.01
CA LEU A 234 -20.01 -20.23 -30.67
C LEU A 234 -18.80 -20.57 -29.83
N SER A 235 -18.18 -19.53 -29.24
CA SER A 235 -16.94 -19.68 -28.48
C SER A 235 -17.02 -20.66 -27.32
N GLY A 236 -15.89 -21.20 -26.89
CA GLY A 236 -15.86 -21.98 -25.66
C GLY A 236 -16.76 -23.21 -25.67
N ASN A 237 -16.93 -23.80 -26.84
CA ASN A 237 -17.43 -25.14 -27.01
C ASN A 237 -16.28 -25.98 -27.56
N CYS A 238 -15.82 -26.99 -26.82
CA CYS A 238 -14.49 -27.61 -27.03
C CYS A 238 -13.38 -26.60 -26.72
N PRO A 239 -13.37 -26.13 -25.48
CA PRO A 239 -12.36 -25.13 -25.12
C PRO A 239 -10.92 -25.67 -25.13
N ARG A 240 -10.00 -24.77 -25.43
CA ARG A 240 -8.59 -24.92 -25.14
C ARG A 240 -8.39 -24.61 -23.67
N CYS A 241 -7.92 -25.57 -22.89
CA CYS A 241 -7.90 -25.45 -21.42
C CYS A 241 -6.56 -25.08 -20.76
N TYR A 242 -5.47 -24.98 -21.51
CA TYR A 242 -4.16 -24.63 -20.94
C TYR A 242 -4.18 -23.28 -20.22
N ASN A 243 -3.77 -23.30 -18.94
CA ASN A 243 -3.81 -22.12 -18.03
C ASN A 243 -5.17 -21.41 -17.94
N ALA A 244 -6.27 -22.12 -18.17
CA ALA A 244 -7.59 -21.54 -18.05
C ALA A 244 -7.81 -21.26 -16.57
N PRO A 245 -8.27 -20.07 -16.23
CA PRO A 245 -8.54 -19.71 -14.83
C PRO A 245 -9.96 -20.09 -14.38
N PHE A 246 -10.63 -20.96 -15.12
CA PHE A 246 -11.91 -21.47 -14.71
C PHE A 246 -11.82 -22.98 -14.89
N PRO A 247 -12.69 -23.73 -14.21
CA PRO A 247 -12.74 -25.18 -14.49
C PRO A 247 -13.12 -25.44 -15.95
N CYS A 248 -12.39 -26.32 -16.61
CA CYS A 248 -12.35 -26.43 -18.05
C CYS A 248 -12.25 -27.89 -18.45
N THR A 249 -13.23 -28.35 -19.22
CA THR A 249 -13.25 -29.73 -19.69
C THR A 249 -13.23 -29.73 -21.21
N PRO A 250 -12.13 -30.25 -21.79
CA PRO A 250 -11.99 -30.27 -23.27
C PRO A 250 -12.80 -31.41 -23.89
N CYS A 251 -13.12 -31.31 -25.17
CA CYS A 251 -13.75 -32.41 -25.91
C CYS A 251 -12.73 -33.53 -25.97
N LYS A 252 -13.18 -34.79 -25.93
CA LYS A 252 -12.28 -35.96 -25.98
C LYS A 252 -11.40 -35.95 -27.23
N ASN A 253 -10.21 -36.57 -27.11
CA ASN A 253 -9.26 -36.72 -28.22
C ASN A 253 -8.72 -35.40 -28.75
N ASN A 254 -8.60 -34.39 -27.89
CA ASN A 254 -8.23 -33.04 -28.33
C ASN A 254 -9.01 -32.54 -29.55
N SER A 255 -10.28 -32.84 -29.59
CA SER A 255 -11.06 -32.66 -30.80
C SER A 255 -11.55 -31.21 -30.79
N PRO A 256 -11.78 -30.61 -32.00
CA PRO A 256 -12.34 -29.28 -32.07
C PRO A 256 -13.85 -29.27 -32.11
N LEU A 257 -14.43 -28.09 -32.02
CA LEU A 257 -15.80 -27.90 -32.42
C LEU A 257 -15.82 -28.22 -33.89
N GLN A 258 -16.62 -29.24 -34.26
CA GLN A 258 -16.72 -29.70 -35.65
C GLN A 258 -17.75 -28.86 -36.41
N ILE A 259 -17.28 -28.08 -37.38
CA ILE A 259 -18.15 -27.20 -38.14
C ILE A 259 -18.05 -27.58 -39.59
N PRO A 260 -19.15 -28.02 -40.16
CA PRO A 260 -19.16 -28.30 -41.57
C PRO A 260 -18.79 -27.09 -42.39
N VAL A 261 -18.16 -27.34 -43.52
CA VAL A 261 -17.67 -26.28 -44.40
C VAL A 261 -18.80 -25.39 -44.92
N ASN A 262 -20.00 -25.95 -45.04
CA ASN A 262 -21.15 -25.16 -45.53
C ASN A 262 -22.09 -24.62 -44.42
N ALA A 263 -21.66 -24.72 -43.17
CA ALA A 263 -22.47 -24.34 -42.01
C ALA A 263 -22.93 -22.89 -41.97
N PHE A 264 -22.12 -21.99 -42.53
CA PHE A 264 -22.42 -20.58 -42.51
C PHE A 264 -23.06 -20.03 -43.80
N ASP A 265 -23.32 -20.92 -44.78
CA ASP A 265 -23.82 -20.50 -46.10
C ASP A 265 -25.02 -19.55 -46.14
N ALA A 266 -25.96 -19.76 -45.23
CA ALA A 266 -27.14 -18.91 -45.15
C ALA A 266 -26.89 -17.48 -44.59
N LEU A 267 -25.73 -17.23 -43.98
CA LEU A 267 -25.56 -16.08 -43.12
C LEU A 267 -24.98 -14.89 -43.88
N THR A 268 -25.72 -14.40 -44.87
CA THR A 268 -25.16 -13.41 -45.82
C THR A 268 -24.95 -12.07 -45.15
N GLU A 269 -25.68 -11.84 -44.07
CA GLU A 269 -25.61 -10.61 -43.29
C GLU A 269 -24.61 -10.67 -42.13
N LEU A 270 -24.00 -11.83 -41.86
CA LEU A 270 -23.09 -11.98 -40.70
C LEU A 270 -21.96 -10.90 -40.68
N LYS A 271 -21.95 -10.10 -39.62
CA LYS A 271 -20.96 -9.06 -39.38
C LYS A 271 -19.88 -9.46 -38.36
N VAL A 272 -20.29 -10.27 -37.35
CA VAL A 272 -19.40 -10.71 -36.27
C VAL A 272 -19.48 -12.22 -36.10
N LEU A 273 -18.34 -12.88 -36.12
CA LEU A 273 -18.24 -14.30 -35.89
C LEU A 273 -17.20 -14.55 -34.83
N ARG A 274 -17.56 -15.25 -33.78
CA ARG A 274 -16.68 -15.45 -32.67
C ARG A 274 -16.47 -16.90 -32.44
N LEU A 275 -15.23 -17.34 -32.69
CA LEU A 275 -14.83 -18.73 -32.52
C LEU A 275 -13.57 -18.81 -31.66
N HIS A 276 -13.71 -18.29 -30.44
CA HIS A 276 -12.67 -18.25 -29.42
C HIS A 276 -12.82 -19.53 -28.63
N SER A 277 -11.71 -20.22 -28.38
CA SER A 277 -11.67 -21.39 -27.48
C SER A 277 -12.56 -22.51 -27.98
N ASN A 278 -12.34 -22.86 -29.24
CA ASN A 278 -13.00 -23.96 -29.87
C ASN A 278 -12.00 -25.02 -30.32
N SER A 279 -10.75 -24.89 -29.90
CA SER A 279 -9.73 -25.91 -30.17
C SER A 279 -9.55 -26.16 -31.65
N LEU A 280 -9.74 -25.14 -32.48
CA LEU A 280 -9.63 -25.27 -33.95
C LEU A 280 -8.19 -25.43 -34.37
N GLN A 281 -7.94 -26.44 -35.20
CA GLN A 281 -6.61 -26.64 -35.81
C GLN A 281 -6.55 -26.07 -37.20
N HIS A 282 -7.68 -25.91 -37.86
CA HIS A 282 -7.72 -25.40 -39.26
C HIS A 282 -8.84 -24.39 -39.39
N VAL A 283 -8.71 -23.51 -40.39
CA VAL A 283 -9.75 -22.53 -40.69
C VAL A 283 -10.02 -22.68 -42.18
N PRO A 284 -10.97 -23.54 -42.55
CA PRO A 284 -11.28 -23.79 -43.98
C PRO A 284 -11.85 -22.59 -44.66
N PRO A 285 -11.20 -22.13 -45.76
CA PRO A 285 -11.70 -21.06 -46.63
C PRO A 285 -13.17 -21.17 -46.99
N ARG A 286 -13.58 -22.41 -47.28
CA ARG A 286 -14.93 -22.68 -47.71
C ARG A 286 -15.99 -22.08 -46.74
N TRP A 287 -15.69 -22.05 -45.42
CA TRP A 287 -16.56 -21.39 -44.41
C TRP A 287 -17.04 -20.00 -44.83
N PHE A 288 -16.16 -19.19 -45.42
CA PHE A 288 -16.47 -17.79 -45.75
C PHE A 288 -16.91 -17.50 -47.19
N LYS A 289 -17.20 -18.54 -47.99
CA LYS A 289 -17.54 -18.39 -49.42
C LYS A 289 -18.69 -17.42 -49.63
N ASN A 290 -19.75 -17.51 -48.83
CA ASN A 290 -20.91 -16.59 -48.95
C ASN A 290 -21.06 -15.51 -47.87
N ILE A 291 -20.02 -15.24 -47.10
CA ILE A 291 -20.04 -14.12 -46.17
C ILE A 291 -18.99 -13.07 -46.53
N ASN A 292 -19.44 -12.03 -47.21
CA ASN A 292 -18.56 -10.92 -47.57
C ASN A 292 -18.87 -9.64 -46.84
N ASN A 293 -19.82 -9.67 -45.92
CA ASN A 293 -20.08 -8.55 -45.02
C ASN A 293 -19.27 -8.65 -43.71
N LEU A 294 -18.38 -9.64 -43.57
CA LEU A 294 -17.82 -9.97 -42.24
C LEU A 294 -16.77 -8.98 -41.82
N GLN A 295 -17.00 -8.39 -40.65
CA GLN A 295 -16.22 -7.29 -40.11
C GLN A 295 -15.39 -7.65 -38.90
N GLU A 296 -15.87 -8.59 -38.07
CA GLU A 296 -15.16 -9.00 -36.87
C GLU A 296 -15.04 -10.53 -36.78
N LEU A 297 -13.82 -11.00 -36.54
CA LEU A 297 -13.56 -12.43 -36.41
C LEU A 297 -12.59 -12.70 -35.28
N ASP A 298 -13.07 -13.48 -34.31
CA ASP A 298 -12.27 -13.83 -33.15
C ASP A 298 -11.90 -15.29 -33.26
N LEU A 299 -10.63 -15.54 -33.54
CA LEU A 299 -10.06 -16.88 -33.54
C LEU A 299 -8.98 -17.10 -32.43
N SER A 300 -9.12 -16.35 -31.33
CA SER A 300 -8.26 -16.51 -30.15
C SER A 300 -8.55 -17.81 -29.36
N GLN A 301 -7.53 -18.33 -28.69
CA GLN A 301 -7.59 -19.59 -27.91
C GLN A 301 -7.94 -20.81 -28.75
N ASN A 302 -7.28 -20.96 -29.89
CA ASN A 302 -7.39 -22.20 -30.67
C ASN A 302 -6.01 -22.78 -30.82
N PHE A 303 -5.82 -23.69 -31.77
CA PHE A 303 -4.49 -24.27 -32.02
C PHE A 303 -4.12 -23.94 -33.46
N LEU A 304 -4.08 -22.65 -33.76
CA LEU A 304 -3.93 -22.16 -35.12
C LEU A 304 -2.55 -21.61 -35.41
N ALA A 305 -1.54 -21.98 -34.64
CA ALA A 305 -0.17 -21.48 -34.90
C ALA A 305 0.27 -21.75 -36.32
N LYS A 306 0.07 -23.00 -36.80
CA LYS A 306 0.47 -23.37 -38.13
C LYS A 306 -0.37 -22.65 -39.13
N GLU A 307 -1.69 -22.64 -38.91
CA GLU A 307 -2.61 -21.96 -39.83
C GLU A 307 -2.24 -20.48 -40.09
N ILE A 308 -1.63 -19.81 -39.10
CA ILE A 308 -1.26 -18.41 -39.26
C ILE A 308 -0.23 -18.25 -40.40
N GLY A 309 0.61 -19.26 -40.60
CA GLY A 309 1.60 -19.27 -41.68
C GLY A 309 1.01 -19.50 -43.06
N ASP A 310 -0.22 -20.04 -43.11
CA ASP A 310 -0.90 -20.37 -44.34
C ASP A 310 -2.12 -19.46 -44.55
N ALA A 311 -3.14 -19.61 -43.73
CA ALA A 311 -4.27 -18.72 -43.70
C ALA A 311 -4.91 -18.42 -45.03
N LYS A 312 -5.18 -19.43 -45.84
CA LYS A 312 -5.83 -19.21 -47.15
C LYS A 312 -7.20 -18.53 -47.01
N PHE A 313 -7.88 -18.79 -45.90
CA PHE A 313 -9.19 -18.17 -45.62
C PHE A 313 -9.23 -16.64 -45.66
N LEU A 314 -8.11 -15.99 -45.42
CA LEU A 314 -8.08 -14.51 -45.38
C LEU A 314 -8.40 -13.86 -46.74
N HIS A 315 -8.11 -14.56 -47.84
CA HIS A 315 -8.45 -14.07 -49.17
C HIS A 315 -9.97 -13.82 -49.33
N PHE A 316 -10.80 -14.47 -48.50
CA PHE A 316 -12.27 -14.35 -48.59
C PHE A 316 -12.85 -13.25 -47.69
N LEU A 317 -11.99 -12.40 -47.10
CA LEU A 317 -12.41 -11.49 -46.03
C LEU A 317 -11.98 -10.04 -46.26
N PRO A 318 -12.26 -9.49 -47.44
CA PRO A 318 -11.76 -8.12 -47.74
C PRO A 318 -12.47 -6.97 -46.96
N ASN A 319 -13.66 -7.19 -46.44
CA ASN A 319 -14.33 -6.17 -45.62
C ASN A 319 -14.06 -6.25 -44.09
N LEU A 320 -13.15 -7.13 -43.69
CA LEU A 320 -12.89 -7.41 -42.29
C LEU A 320 -12.15 -6.28 -41.64
N ILE A 321 -12.68 -5.82 -40.51
CA ILE A 321 -12.20 -4.65 -39.77
C ILE A 321 -11.30 -5.06 -38.60
N GLN A 322 -11.72 -6.09 -37.83
CA GLN A 322 -10.91 -6.67 -36.73
C GLN A 322 -10.68 -8.12 -36.91
N LEU A 323 -9.45 -8.54 -36.61
CA LEU A 323 -9.08 -9.94 -36.54
C LEU A 323 -8.30 -10.19 -35.29
N ASP A 324 -8.65 -11.27 -34.60
CA ASP A 324 -7.94 -11.71 -33.41
C ASP A 324 -7.47 -13.16 -33.51
N LEU A 325 -6.16 -13.35 -33.44
CA LEU A 325 -5.53 -14.67 -33.51
C LEU A 325 -4.66 -14.92 -32.30
N SER A 326 -5.08 -14.38 -31.17
CA SER A 326 -4.27 -14.40 -29.96
C SER A 326 -4.35 -15.76 -29.26
N PHE A 327 -3.26 -16.14 -28.60
CA PHE A 327 -3.18 -17.38 -27.84
C PHE A 327 -3.51 -18.66 -28.64
N ASN A 328 -2.76 -18.80 -29.74
CA ASN A 328 -2.77 -20.00 -30.58
C ASN A 328 -1.47 -20.78 -30.51
N PHE A 329 -0.62 -20.45 -29.56
CA PHE A 329 0.70 -21.09 -29.41
C PHE A 329 0.59 -22.57 -29.22
N GLU A 330 1.54 -23.32 -29.73
CA GLU A 330 1.64 -24.75 -29.44
C GLU A 330 2.30 -24.95 -28.11
N LEU A 331 1.70 -25.81 -27.29
CA LEU A 331 2.22 -26.05 -25.93
C LEU A 331 3.68 -26.44 -26.01
N GLN A 332 4.51 -25.91 -25.13
CA GLN A 332 5.94 -26.30 -25.01
C GLN A 332 6.83 -25.87 -26.18
N VAL A 333 6.34 -24.99 -27.05
CA VAL A 333 7.14 -24.54 -28.17
C VAL A 333 7.41 -23.05 -28.03
N TYR A 334 8.66 -22.66 -28.23
CA TYR A 334 9.09 -21.27 -28.27
C TYR A 334 9.65 -21.04 -29.65
N ARG A 335 8.81 -20.63 -30.58
CA ARG A 335 9.25 -20.35 -31.94
C ARG A 335 10.39 -19.32 -32.04
N ALA A 336 11.20 -19.47 -33.08
CA ALA A 336 12.29 -18.54 -33.33
C ALA A 336 11.74 -17.24 -33.87
N SER A 337 10.62 -17.30 -34.59
CA SER A 337 10.10 -16.15 -35.30
C SER A 337 8.61 -16.29 -35.53
N MET A 338 8.01 -15.24 -36.09
CA MET A 338 6.62 -15.23 -36.45
C MET A 338 6.48 -15.39 -37.97
N ASN A 339 5.76 -16.42 -38.38
CA ASN A 339 5.45 -16.69 -39.79
C ASN A 339 3.99 -16.20 -40.01
N LEU A 340 3.85 -14.99 -40.53
CA LEU A 340 2.57 -14.51 -41.07
C LEU A 340 2.43 -14.76 -42.58
N SER A 341 1.40 -15.47 -42.97
CA SER A 341 1.11 -15.69 -44.38
C SER A 341 0.93 -14.42 -45.21
N GLN A 342 1.45 -14.40 -46.45
CA GLN A 342 1.12 -13.32 -47.40
C GLN A 342 -0.37 -13.02 -47.45
N ALA A 343 -1.21 -14.04 -47.24
CA ALA A 343 -2.66 -13.83 -47.27
C ALA A 343 -3.14 -12.64 -46.39
N PHE A 344 -2.44 -12.36 -45.30
CA PHE A 344 -2.69 -11.13 -44.54
C PHE A 344 -2.74 -9.86 -45.42
N SER A 345 -1.94 -9.79 -46.48
CA SER A 345 -2.06 -8.67 -47.44
C SER A 345 -3.42 -8.54 -48.18
N SER A 346 -4.28 -9.58 -48.15
CA SER A 346 -5.68 -9.48 -48.67
C SER A 346 -6.60 -8.60 -47.87
N LEU A 347 -6.25 -8.30 -46.62
CA LEU A 347 -7.20 -7.67 -45.69
C LEU A 347 -7.31 -6.16 -45.88
N LYS A 348 -7.79 -5.74 -47.05
CA LYS A 348 -7.92 -4.31 -47.43
C LYS A 348 -8.55 -3.46 -46.31
N SER A 349 -9.58 -3.96 -45.61
CA SER A 349 -10.26 -3.12 -44.61
C SER A 349 -9.74 -3.20 -43.16
N LEU A 350 -8.74 -4.05 -42.91
CA LEU A 350 -8.29 -4.28 -41.55
C LEU A 350 -7.84 -3.00 -40.82
N LYS A 351 -8.47 -2.75 -39.65
CA LYS A 351 -8.06 -1.73 -38.73
C LYS A 351 -7.31 -2.31 -37.54
N ILE A 352 -7.78 -3.42 -37.00
CA ILE A 352 -7.24 -3.97 -35.77
C ILE A 352 -6.77 -5.40 -36.00
N LEU A 353 -5.49 -5.67 -35.73
CA LEU A 353 -4.97 -7.02 -35.76
C LEU A 353 -4.35 -7.32 -34.40
N ARG A 354 -4.77 -8.43 -33.77
CA ARG A 354 -4.23 -8.84 -32.47
C ARG A 354 -3.70 -10.27 -32.55
N ILE A 355 -2.42 -10.45 -32.25
CA ILE A 355 -1.78 -11.77 -32.21
C ILE A 355 -0.93 -11.77 -30.96
N ARG A 356 -1.62 -11.62 -29.83
CA ARG A 356 -1.03 -11.96 -28.55
C ARG A 356 -0.69 -13.47 -28.49
N GLY A 357 0.24 -13.84 -27.64
CA GLY A 357 0.47 -15.25 -27.32
C GLY A 357 0.67 -16.19 -28.50
N TYR A 358 1.37 -15.73 -29.52
CA TYR A 358 1.90 -16.58 -30.58
C TYR A 358 3.17 -17.25 -30.05
N VAL A 359 4.02 -16.47 -29.37
CA VAL A 359 5.16 -16.96 -28.56
C VAL A 359 6.36 -17.29 -29.42
N PHE A 360 7.23 -16.29 -29.52
CA PHE A 360 8.41 -16.35 -30.39
C PHE A 360 9.50 -15.41 -29.90
N LYS A 361 10.74 -15.72 -30.29
CA LYS A 361 11.92 -15.11 -29.66
C LYS A 361 12.30 -13.80 -30.30
N GLU A 362 12.20 -13.77 -31.61
CA GLU A 362 12.78 -12.66 -32.35
C GLU A 362 11.81 -12.15 -33.38
N LEU A 363 11.45 -10.86 -33.27
CA LEU A 363 10.65 -10.18 -34.26
C LEU A 363 11.54 -9.39 -35.20
N LYS A 364 11.32 -9.57 -36.50
CA LYS A 364 12.12 -8.92 -37.53
C LYS A 364 11.27 -8.28 -38.63
N SER A 365 11.76 -7.14 -39.14
CA SER A 365 11.00 -6.24 -39.98
C SER A 365 10.22 -6.96 -41.05
N PHE A 366 10.93 -7.80 -41.78
CA PHE A 366 10.37 -8.41 -42.99
C PHE A 366 9.14 -9.28 -42.63
N GLN A 367 9.15 -9.90 -41.44
CA GLN A 367 8.04 -10.76 -40.95
C GLN A 367 6.67 -10.05 -40.89
N LEU A 368 6.67 -8.72 -40.84
CA LEU A 368 5.45 -7.93 -40.88
C LEU A 368 5.08 -7.40 -42.26
N SER A 369 5.79 -7.84 -43.30
CA SER A 369 5.60 -7.28 -44.68
C SER A 369 4.26 -7.55 -45.30
N PRO A 370 3.60 -8.66 -44.88
CA PRO A 370 2.23 -8.80 -45.30
C PRO A 370 1.32 -7.65 -44.85
N LEU A 371 1.71 -6.97 -43.78
CA LEU A 371 0.92 -5.87 -43.28
C LEU A 371 1.26 -4.51 -43.89
N HIS A 372 2.32 -4.39 -44.71
CA HIS A 372 2.83 -3.07 -45.15
C HIS A 372 1.80 -2.20 -45.89
N ASN A 373 1.10 -2.78 -46.86
CA ASN A 373 0.08 -2.03 -47.61
C ASN A 373 -1.36 -2.11 -47.07
N LEU A 374 -1.57 -2.54 -45.83
CA LEU A 374 -2.89 -2.46 -45.22
C LEU A 374 -3.18 -0.98 -44.88
N GLN A 375 -3.77 -0.27 -45.84
CA GLN A 375 -3.88 1.19 -45.74
C GLN A 375 -4.70 1.66 -44.50
N ASN A 376 -5.66 0.86 -44.04
CA ASN A 376 -6.47 1.25 -42.89
C ASN A 376 -5.99 0.78 -41.52
N LEU A 377 -4.87 0.08 -41.44
CA LEU A 377 -4.49 -0.55 -40.19
C LEU A 377 -4.21 0.53 -39.13
N GLU A 378 -4.88 0.41 -37.99
CA GLU A 378 -4.76 1.35 -36.89
C GLU A 378 -4.12 0.73 -35.68
N VAL A 379 -4.29 -0.58 -35.45
CA VAL A 379 -3.77 -1.24 -34.23
C VAL A 379 -3.07 -2.55 -34.56
N LEU A 380 -1.81 -2.68 -34.13
CA LEU A 380 -1.11 -3.94 -34.18
C LEU A 380 -0.76 -4.33 -32.78
N ASP A 381 -1.36 -5.42 -32.31
CA ASP A 381 -1.14 -5.90 -30.94
C ASP A 381 -0.40 -7.23 -30.91
N LEU A 382 0.89 -7.19 -30.51
CA LEU A 382 1.73 -8.37 -30.41
C LEU A 382 2.22 -8.49 -29.00
N GLY A 383 1.34 -8.21 -28.04
CA GLY A 383 1.67 -8.30 -26.63
C GLY A 383 1.78 -9.73 -26.15
N THR A 384 2.43 -9.95 -25.01
CA THR A 384 2.46 -11.28 -24.37
C THR A 384 2.94 -12.37 -25.33
N ASN A 385 4.09 -12.10 -25.96
CA ASN A 385 4.72 -13.02 -26.87
C ASN A 385 6.11 -13.54 -26.46
N PHE A 386 6.65 -13.05 -25.34
CA PHE A 386 8.00 -13.37 -24.91
C PHE A 386 9.01 -13.07 -25.99
N ILE A 387 8.78 -11.99 -26.70
CA ILE A 387 9.75 -11.51 -27.65
C ILE A 387 10.99 -11.03 -26.88
N LYS A 388 12.16 -11.52 -27.25
CA LYS A 388 13.46 -11.08 -26.70
C LYS A 388 14.16 -10.00 -27.49
N ILE A 389 13.93 -9.92 -28.79
CA ILE A 389 14.71 -9.07 -29.68
C ILE A 389 13.82 -8.42 -30.72
N ALA A 390 13.88 -7.09 -30.79
CA ALA A 390 13.08 -6.31 -31.74
C ALA A 390 13.72 -4.96 -32.14
N ASN A 391 14.15 -4.85 -33.37
CA ASN A 391 14.64 -3.56 -33.84
C ASN A 391 13.40 -2.69 -33.96
N LEU A 392 13.28 -1.76 -33.01
CA LEU A 392 12.09 -0.90 -32.93
C LEU A 392 11.97 0.02 -34.15
N SER A 393 13.07 0.22 -34.88
CA SER A 393 13.02 1.00 -36.13
C SER A 393 12.14 0.38 -37.22
N MET A 394 11.83 -0.90 -37.12
CA MET A 394 10.98 -1.49 -38.15
C MET A 394 9.67 -0.71 -38.24
N PHE A 395 9.25 -0.14 -37.11
CA PHE A 395 7.98 0.57 -37.08
C PHE A 395 7.95 1.90 -37.84
N LYS A 396 9.07 2.31 -38.45
CA LYS A 396 9.03 3.46 -39.41
C LYS A 396 8.07 3.26 -40.59
N GLN A 397 7.82 1.99 -40.93
CA GLN A 397 6.81 1.62 -41.93
C GLN A 397 5.39 1.47 -41.38
N PHE A 398 5.14 1.95 -40.15
CA PHE A 398 3.80 1.91 -39.58
C PHE A 398 3.42 3.25 -38.93
N LYS A 399 3.93 4.36 -39.49
CA LYS A 399 3.51 5.72 -39.13
C LYS A 399 1.99 5.93 -39.07
N ARG A 400 1.22 5.26 -39.94
CA ARG A 400 -0.22 5.47 -40.06
C ARG A 400 -0.99 4.89 -38.87
N LEU A 401 -0.38 3.90 -38.20
CA LEU A 401 -1.01 3.22 -37.05
C LEU A 401 -1.18 4.13 -35.85
N LYS A 402 -2.28 3.91 -35.12
CA LYS A 402 -2.58 4.62 -33.87
C LYS A 402 -1.92 4.03 -32.65
N VAL A 403 -1.77 2.68 -32.61
CA VAL A 403 -1.13 1.94 -31.52
C VAL A 403 -0.35 0.73 -32.02
N ILE A 404 0.93 0.64 -31.61
CA ILE A 404 1.77 -0.56 -31.75
C ILE A 404 2.01 -1.08 -30.35
N ASP A 405 1.38 -2.20 -30.02
CA ASP A 405 1.40 -2.78 -28.66
C ASP A 405 2.34 -3.98 -28.57
N LEU A 406 3.49 -3.78 -27.93
CA LEU A 406 4.45 -4.84 -27.61
C LEU A 406 4.53 -5.04 -26.09
N SER A 407 3.44 -4.71 -25.43
CA SER A 407 3.31 -4.85 -23.98
C SER A 407 3.51 -6.29 -23.51
N VAL A 408 4.16 -6.45 -22.36
CA VAL A 408 4.33 -7.78 -21.74
C VAL A 408 5.13 -8.70 -22.63
N ASN A 409 6.36 -8.32 -22.86
CA ASN A 409 7.24 -9.12 -23.67
C ASN A 409 8.53 -9.17 -22.91
N LYS A 410 9.60 -9.65 -23.55
CA LYS A 410 10.87 -9.86 -22.84
C LYS A 410 12.04 -9.12 -23.52
N ILE A 411 11.70 -8.11 -24.30
CA ILE A 411 12.62 -7.28 -25.07
C ILE A 411 13.69 -6.64 -24.23
N SER A 412 14.92 -6.68 -24.74
CA SER A 412 16.06 -5.95 -24.15
C SER A 412 17.05 -5.58 -25.26
N PRO A 413 17.76 -4.43 -25.11
CA PRO A 413 18.33 -3.51 -26.09
C PRO A 413 17.73 -3.59 -27.48
N VAL A 437 -8.16 0.27 -24.81
CA VAL A 437 -7.68 -0.51 -23.69
C VAL A 437 -8.57 -1.76 -23.49
N LEU A 438 -7.94 -2.92 -23.20
CA LEU A 438 -8.62 -4.20 -22.91
C LEU A 438 -8.49 -4.54 -21.43
N GLU A 439 -9.37 -5.44 -20.94
CA GLU A 439 -9.33 -5.92 -19.54
C GLU A 439 -7.98 -6.61 -19.20
N GLN A 440 -7.54 -6.50 -17.94
CA GLN A 440 -6.29 -7.16 -17.48
C GLN A 440 -6.46 -8.70 -17.48
N LEU A 441 -7.69 -9.15 -17.17
CA LEU A 441 -8.20 -10.50 -17.50
C LEU A 441 -9.22 -10.28 -18.64
N TYR A 442 -8.79 -10.56 -19.87
CA TYR A 442 -9.59 -10.37 -21.09
C TYR A 442 -9.63 -11.67 -21.88
N TYR A 443 -8.46 -12.15 -22.30
CA TYR A 443 -8.35 -13.40 -23.09
C TYR A 443 -8.57 -14.72 -22.30
N PHE A 444 -8.38 -14.64 -20.99
CA PHE A 444 -8.49 -15.80 -20.15
C PHE A 444 -9.75 -15.87 -19.29
N ARG A 445 -10.39 -14.73 -18.98
CA ARG A 445 -11.62 -14.77 -18.17
C ARG A 445 -12.77 -15.53 -18.85
N TYR A 446 -13.61 -16.14 -18.02
CA TYR A 446 -14.62 -17.10 -18.47
C TYR A 446 -15.60 -16.52 -19.47
N ASP A 447 -16.18 -15.39 -19.09
CA ASP A 447 -17.22 -14.71 -19.86
C ASP A 447 -16.89 -13.23 -19.73
N LYS A 448 -16.16 -12.69 -20.72
CA LYS A 448 -15.77 -11.27 -20.73
C LYS A 448 -16.98 -10.30 -20.84
N TYR A 449 -18.18 -10.82 -21.20
CA TYR A 449 -19.42 -10.04 -21.24
C TYR A 449 -20.40 -10.37 -20.09
N ALA A 450 -19.93 -10.94 -18.98
CA ALA A 450 -20.83 -11.31 -17.87
C ALA A 450 -21.34 -10.04 -17.18
N ARG A 451 -22.66 -9.99 -17.04
CA ARG A 451 -23.38 -8.90 -16.40
C ARG A 451 -23.25 -9.03 -14.88
N SER A 452 -22.89 -7.94 -14.24
CA SER A 452 -22.89 -7.87 -12.78
C SER A 452 -24.15 -7.08 -12.38
N CYS A 453 -24.82 -7.59 -11.37
CA CYS A 453 -25.85 -6.90 -10.63
C CYS A 453 -25.45 -5.43 -10.38
N SER A 468 -4.27 7.05 -19.99
CA SER A 468 -4.08 6.52 -21.34
C SER A 468 -3.70 7.57 -22.40
N CYS A 469 -2.66 7.29 -23.16
CA CYS A 469 -2.04 8.29 -24.00
C CYS A 469 -2.34 8.15 -25.51
N TYR A 470 -3.29 7.28 -25.88
CA TYR A 470 -3.58 6.96 -27.28
C TYR A 470 -4.04 8.20 -28.06
N LYS A 471 -4.75 9.06 -27.34
CA LYS A 471 -5.27 10.32 -27.87
C LYS A 471 -4.24 11.39 -28.24
N TYR A 472 -2.99 11.24 -27.78
CA TYR A 472 -1.90 12.10 -28.21
C TYR A 472 -1.44 11.83 -29.66
N GLY A 473 -1.80 10.65 -30.18
CA GLY A 473 -1.47 10.23 -31.52
C GLY A 473 -0.73 8.90 -31.42
N GLN A 474 0.17 8.66 -32.36
CA GLN A 474 0.84 7.38 -32.47
C GLN A 474 1.55 6.89 -31.19
N THR A 475 1.23 5.67 -30.79
CA THR A 475 1.70 5.09 -29.54
C THR A 475 2.52 3.82 -29.74
N LEU A 476 3.70 3.79 -29.14
CA LEU A 476 4.49 2.60 -29.11
C LEU A 476 4.48 2.16 -27.67
N ASP A 477 3.80 1.05 -27.39
CA ASP A 477 3.70 0.52 -26.03
C ASP A 477 4.80 -0.54 -25.82
N LEU A 478 5.82 -0.22 -25.02
CA LEU A 478 6.84 -1.18 -24.66
C LEU A 478 6.79 -1.53 -23.17
N SER A 479 5.64 -1.30 -22.53
CA SER A 479 5.53 -1.52 -21.13
C SER A 479 5.77 -2.99 -20.76
N LYS A 480 6.27 -3.21 -19.56
CA LYS A 480 6.47 -4.54 -19.03
C LYS A 480 7.33 -5.40 -19.94
N ASN A 481 8.53 -4.92 -20.14
CA ASN A 481 9.53 -5.61 -20.93
C ASN A 481 10.79 -5.62 -20.12
N SER A 482 11.92 -5.99 -20.71
CA SER A 482 13.17 -6.17 -19.94
C SER A 482 14.24 -5.19 -20.38
N ILE A 483 13.86 -3.96 -20.69
CA ILE A 483 14.79 -2.97 -21.24
C ILE A 483 15.51 -2.43 -20.01
N PHE A 484 16.81 -2.72 -19.91
CA PHE A 484 17.65 -2.21 -18.82
C PHE A 484 18.48 -1.03 -19.26
N PHE A 485 18.69 -0.87 -20.57
CA PHE A 485 19.52 0.23 -21.07
C PHE A 485 18.93 0.76 -22.33
N ILE A 486 18.85 2.08 -22.42
CA ILE A 486 18.43 2.73 -23.65
C ILE A 486 19.49 3.66 -24.18
N LYS A 487 19.54 3.81 -25.49
CA LYS A 487 20.30 4.90 -26.12
C LYS A 487 19.61 5.36 -27.40
N SER A 488 19.98 6.54 -27.87
CA SER A 488 19.42 7.13 -29.09
C SER A 488 19.05 6.21 -30.24
N SER A 489 20.01 5.40 -30.70
CA SER A 489 19.80 4.62 -31.91
C SER A 489 18.68 3.57 -31.78
N ASP A 490 18.36 3.19 -30.53
CA ASP A 490 17.22 2.37 -30.24
C ASP A 490 15.94 2.93 -30.83
N PHE A 491 15.82 4.26 -30.88
CA PHE A 491 14.67 4.96 -31.44
C PHE A 491 14.93 5.63 -32.79
N GLN A 492 15.88 5.10 -33.56
CA GLN A 492 16.16 5.64 -34.89
C GLN A 492 14.95 5.44 -35.78
N HIS A 493 14.68 6.43 -36.62
CA HIS A 493 13.56 6.44 -37.58
C HIS A 493 12.18 6.50 -36.95
N LEU A 494 12.10 6.84 -35.66
CA LEU A 494 10.82 6.83 -34.95
C LEU A 494 10.33 8.22 -34.52
N SER A 495 10.70 9.25 -35.28
CA SER A 495 10.44 10.61 -34.85
C SER A 495 8.94 10.96 -34.89
N PHE A 496 8.17 10.24 -35.69
CA PHE A 496 6.72 10.41 -35.69
C PHE A 496 5.97 10.10 -34.39
N LEU A 497 6.60 9.37 -33.47
CA LEU A 497 5.91 8.93 -32.27
C LEU A 497 5.44 10.07 -31.41
N LYS A 498 4.21 9.94 -30.92
CA LYS A 498 3.60 10.93 -30.05
C LYS A 498 3.57 10.48 -28.58
N CYS A 499 3.38 9.19 -28.33
CA CYS A 499 3.44 8.63 -26.97
C CYS A 499 4.34 7.42 -26.99
N LEU A 500 5.12 7.22 -25.93
CA LEU A 500 5.94 6.02 -25.78
C LEU A 500 5.71 5.46 -24.40
N ASN A 501 5.38 4.18 -24.28
CA ASN A 501 5.18 3.60 -22.98
C ASN A 501 6.38 2.73 -22.62
N LEU A 502 7.19 3.17 -21.68
CA LEU A 502 8.29 2.36 -21.16
C LEU A 502 7.97 1.97 -19.74
N SER A 503 6.70 2.00 -19.38
CA SER A 503 6.37 1.70 -18.02
C SER A 503 6.75 0.28 -17.70
N GLY A 504 7.42 0.05 -16.60
CA GLY A 504 7.59 -1.29 -16.11
C GLY A 504 8.72 -2.00 -16.82
N ASN A 505 9.79 -1.26 -17.08
CA ASN A 505 11.02 -1.85 -17.55
C ASN A 505 12.08 -1.77 -16.45
N LEU A 506 13.35 -1.93 -16.81
CA LEU A 506 14.39 -2.05 -15.84
C LEU A 506 15.40 -0.92 -15.99
N ILE A 507 14.94 0.27 -16.37
CA ILE A 507 15.84 1.34 -16.78
C ILE A 507 16.35 1.99 -15.52
N SER A 508 17.66 2.03 -15.42
CA SER A 508 18.35 2.10 -14.16
C SER A 508 19.68 2.80 -14.42
N GLN A 509 19.58 4.06 -14.82
CA GLN A 509 20.57 4.68 -15.73
C GLN A 509 20.51 6.18 -15.50
N THR A 510 21.65 6.85 -15.64
CA THR A 510 21.71 8.29 -15.35
C THR A 510 21.39 9.10 -16.63
N LEU A 511 20.12 9.10 -17.01
CA LEU A 511 19.65 9.83 -18.18
C LEU A 511 20.23 11.23 -18.18
N ASN A 512 20.93 11.58 -19.26
CA ASN A 512 21.69 12.84 -19.40
C ASN A 512 21.19 13.74 -20.56
N GLY A 513 20.09 13.38 -21.19
CA GLY A 513 19.62 14.10 -22.38
C GLY A 513 19.99 13.53 -23.74
N SER A 514 20.67 12.40 -23.79
CA SER A 514 21.07 11.81 -25.06
C SER A 514 20.26 10.58 -25.43
N GLU A 515 19.52 10.02 -24.49
CA GLU A 515 18.89 8.70 -24.68
C GLU A 515 17.73 8.62 -25.71
N PHE A 516 16.96 9.71 -25.85
CA PHE A 516 15.70 9.74 -26.63
C PHE A 516 15.76 10.71 -27.81
N GLN A 517 16.96 10.99 -28.32
CA GLN A 517 17.18 12.19 -29.15
C GLN A 517 16.30 12.18 -30.44
N PRO A 518 16.05 10.99 -31.03
CA PRO A 518 15.18 10.98 -32.23
C PRO A 518 13.71 11.32 -32.01
N LEU A 519 13.25 11.40 -30.76
CA LEU A 519 11.83 11.46 -30.51
C LEU A 519 11.31 12.90 -30.47
N ALA A 520 11.54 13.58 -31.59
CA ALA A 520 11.37 15.01 -31.70
C ALA A 520 9.93 15.43 -31.59
N GLU A 521 9.00 14.53 -31.83
CA GLU A 521 7.57 14.86 -31.76
C GLU A 521 6.85 14.28 -30.54
N LEU A 522 7.60 13.61 -29.66
CA LEU A 522 7.00 12.92 -28.55
C LEU A 522 6.34 13.86 -27.56
N ARG A 523 5.09 13.55 -27.23
CA ARG A 523 4.27 14.38 -26.39
C ARG A 523 4.06 13.79 -25.02
N TYR A 524 4.15 12.47 -24.90
CA TYR A 524 3.87 11.79 -23.68
C TYR A 524 4.88 10.71 -23.50
N LEU A 525 5.56 10.73 -22.36
CA LEU A 525 6.39 9.61 -21.98
C LEU A 525 5.96 9.07 -20.64
N ASP A 526 5.60 7.78 -20.62
CA ASP A 526 5.31 7.04 -19.41
C ASP A 526 6.60 6.26 -19.09
N PHE A 527 7.32 6.77 -18.09
CA PHE A 527 8.54 6.15 -17.62
C PHE A 527 8.25 5.58 -16.25
N SER A 528 7.01 5.21 -15.96
CA SER A 528 6.71 4.80 -14.57
C SER A 528 7.25 3.42 -14.34
N ASN A 529 7.48 3.04 -13.09
CA ASN A 529 7.97 1.67 -12.78
C ASN A 529 9.29 1.36 -13.46
N ASN A 530 10.24 2.28 -13.35
CA ASN A 530 11.65 2.07 -13.73
C ASN A 530 12.47 2.49 -12.56
N ARG A 531 13.76 2.71 -12.73
CA ARG A 531 14.64 3.13 -11.64
C ARG A 531 15.46 4.33 -12.07
N LEU A 532 14.75 5.44 -12.26
CA LEU A 532 15.35 6.67 -12.70
C LEU A 532 16.41 7.14 -11.74
N ASP A 533 17.61 7.37 -12.28
CA ASP A 533 18.66 8.01 -11.51
C ASP A 533 18.79 9.47 -11.94
N LEU A 534 18.34 10.39 -11.08
CA LEU A 534 18.37 11.82 -11.42
C LEU A 534 19.68 12.42 -10.96
N LEU A 535 20.80 11.89 -11.45
CA LEU A 535 22.08 12.52 -11.25
C LEU A 535 22.13 13.80 -11.98
N HIS A 536 21.60 13.80 -13.20
CA HIS A 536 21.76 14.92 -14.10
C HIS A 536 20.45 15.63 -14.24
N SER A 537 20.47 16.96 -14.20
CA SER A 537 19.30 17.79 -14.44
C SER A 537 18.95 17.96 -15.93
N THR A 538 19.81 17.44 -16.79
CA THR A 538 19.56 17.38 -18.23
C THR A 538 18.68 16.18 -18.64
N ALA A 539 18.28 15.35 -17.68
CA ALA A 539 17.41 14.20 -17.98
C ALA A 539 16.16 14.67 -18.71
N PHE A 540 15.86 13.96 -19.79
CA PHE A 540 14.65 14.22 -20.58
C PHE A 540 14.64 15.52 -21.40
N GLU A 541 15.70 16.35 -21.38
CA GLU A 541 15.65 17.65 -22.06
C GLU A 541 15.58 17.55 -23.59
N GLU A 542 16.02 16.43 -24.14
CA GLU A 542 15.98 16.21 -25.60
C GLU A 542 14.55 16.03 -26.11
N LEU A 543 13.60 15.71 -25.22
CA LEU A 543 12.21 15.59 -25.59
C LEU A 543 11.53 16.98 -25.63
N ARG A 544 11.94 17.77 -26.60
CA ARG A 544 11.49 19.16 -26.66
C ARG A 544 10.01 19.41 -26.81
N LYS A 545 9.21 18.42 -27.22
CA LYS A 545 7.77 18.61 -27.36
C LYS A 545 7.02 17.91 -26.24
N LEU A 546 7.71 17.53 -25.18
CA LEU A 546 7.08 16.72 -24.13
C LEU A 546 6.02 17.53 -23.33
N GLU A 547 4.79 17.04 -23.36
CA GLU A 547 3.67 17.64 -22.61
C GLU A 547 3.34 16.93 -21.31
N VAL A 548 3.60 15.63 -21.23
CA VAL A 548 3.32 14.85 -20.05
C VAL A 548 4.48 13.90 -19.82
N LEU A 549 4.99 13.87 -18.60
CA LEU A 549 6.04 12.95 -18.18
C LEU A 549 5.52 12.23 -16.94
N ASP A 550 5.35 10.91 -17.01
CA ASP A 550 5.14 10.09 -15.82
C ASP A 550 6.44 9.40 -15.36
N ILE A 551 7.00 9.84 -14.24
CA ILE A 551 8.11 9.13 -13.59
C ILE A 551 7.70 8.63 -12.23
N SER A 552 6.42 8.36 -12.09
CA SER A 552 5.92 7.68 -10.88
C SER A 552 6.55 6.28 -10.67
N SER A 553 6.64 5.86 -9.42
CA SER A 553 7.13 4.54 -9.02
C SER A 553 8.52 4.27 -9.58
N ASN A 554 9.40 5.26 -9.37
CA ASN A 554 10.82 5.13 -9.64
C ASN A 554 11.50 5.36 -8.34
N SER A 555 11.06 4.65 -7.31
CA SER A 555 11.47 4.98 -5.94
C SER A 555 12.85 4.48 -5.59
N HIS A 556 13.36 3.53 -6.38
CA HIS A 556 14.61 2.84 -6.07
C HIS A 556 15.76 3.74 -5.61
N TYR A 557 16.11 4.72 -6.44
CA TYR A 557 17.23 5.61 -6.11
C TYR A 557 16.85 6.71 -5.09
N PHE A 558 15.55 6.98 -4.88
CA PHE A 558 15.16 7.91 -3.81
C PHE A 558 15.17 7.24 -2.42
N GLN A 559 15.13 5.93 -2.36
CA GLN A 559 15.12 5.17 -1.09
C GLN A 559 16.47 4.97 -0.38
N SER A 560 17.59 5.22 -1.07
CA SER A 560 18.91 5.16 -0.43
C SER A 560 19.49 6.56 -0.16
N GLU A 561 20.13 6.65 1.01
CA GLU A 561 20.74 7.87 1.55
C GLU A 561 21.97 8.30 0.75
N GLY A 562 22.16 9.61 0.62
CA GLY A 562 23.43 10.16 0.14
C GLY A 562 23.67 10.09 -1.35
N ILE A 563 22.57 10.01 -2.09
CA ILE A 563 22.56 9.90 -3.53
C ILE A 563 22.07 11.26 -4.03
N THR A 564 22.53 11.72 -5.18
CA THR A 564 22.11 13.02 -5.71
C THR A 564 20.74 12.88 -6.42
N HIS A 565 19.90 13.92 -6.32
CA HIS A 565 18.59 13.95 -6.99
C HIS A 565 18.34 15.36 -7.50
N MET A 566 18.45 15.57 -8.80
CA MET A 566 18.22 16.89 -9.38
C MET A 566 16.74 17.02 -9.75
N LEU A 567 15.90 17.36 -8.79
CA LEU A 567 14.47 17.62 -9.08
C LEU A 567 14.25 18.90 -9.91
N ASN A 568 15.28 19.73 -10.10
CA ASN A 568 15.16 20.90 -10.97
C ASN A 568 15.22 20.63 -12.47
N PHE A 569 15.33 19.36 -12.83
CA PHE A 569 15.33 18.94 -14.21
C PHE A 569 14.21 19.45 -15.12
N THR A 570 13.12 19.93 -14.53
CA THR A 570 11.95 20.45 -15.29
C THR A 570 12.13 21.76 -16.08
N LYS A 571 13.21 22.48 -15.77
CA LYS A 571 13.49 23.78 -16.36
C LYS A 571 13.67 23.73 -17.85
N ASN A 572 14.23 22.62 -18.33
CA ASN A 572 14.57 22.47 -19.72
C ASN A 572 13.36 22.15 -20.61
N LEU A 573 12.26 21.67 -20.02
CA LEU A 573 11.11 21.22 -20.80
C LEU A 573 10.08 22.31 -21.02
N LYS A 574 10.17 22.94 -22.18
CA LYS A 574 9.48 24.20 -22.38
C LYS A 574 8.01 24.13 -22.55
N VAL A 575 7.49 22.98 -22.92
CA VAL A 575 6.04 22.85 -23.12
C VAL A 575 5.46 21.79 -22.20
N LEU A 576 6.16 21.47 -21.11
CA LEU A 576 5.69 20.45 -20.20
C LEU A 576 4.49 20.97 -19.43
N GLN A 577 3.41 20.19 -19.51
CA GLN A 577 2.12 20.55 -18.95
C GLN A 577 1.81 19.78 -17.65
N LYS A 578 2.21 18.51 -17.61
CA LYS A 578 1.82 17.60 -16.56
C LYS A 578 2.96 16.70 -16.21
N LEU A 579 3.28 16.64 -14.94
CA LEU A 579 4.38 15.82 -14.40
C LEU A 579 3.84 15.00 -13.27
N MET A 580 4.07 13.71 -13.35
CA MET A 580 3.57 12.77 -12.34
C MET A 580 4.78 12.11 -11.73
N MET A 581 4.97 12.34 -10.46
CA MET A 581 6.09 11.76 -9.78
C MET A 581 5.66 11.18 -8.46
N ASN A 582 4.60 10.36 -8.57
CA ASN A 582 3.95 9.66 -7.47
C ASN A 582 4.72 8.44 -6.95
N ASP A 583 4.54 8.15 -5.66
CA ASP A 583 5.10 6.96 -5.03
C ASP A 583 6.57 6.77 -5.21
N ASN A 584 7.29 7.87 -5.13
CA ASN A 584 8.74 7.85 -5.34
C ASN A 584 9.50 7.89 -4.04
N ASP A 585 8.81 7.98 -2.90
CA ASP A 585 9.48 7.98 -1.60
C ASP A 585 10.48 9.10 -1.43
N ILE A 586 10.23 10.20 -2.11
CA ILE A 586 11.19 11.27 -2.17
C ILE A 586 11.26 11.89 -0.78
N SER A 587 12.44 11.81 -0.16
CA SER A 587 12.67 12.43 1.14
C SER A 587 13.89 13.31 1.19
N SER A 588 14.62 13.43 0.11
CA SER A 588 15.75 14.36 0.03
C SER A 588 15.85 14.85 -1.41
N SER A 589 16.47 16.03 -1.58
CA SER A 589 16.63 16.60 -2.93
C SER A 589 17.83 17.50 -2.97
N THR A 590 18.64 17.37 -4.01
CA THR A 590 19.76 18.24 -4.18
C THR A 590 19.25 19.64 -4.51
N SER A 591 18.23 19.78 -5.35
CA SER A 591 17.74 21.11 -5.69
C SER A 591 16.72 21.56 -4.69
N ARG A 592 16.83 22.83 -4.32
CA ARG A 592 15.95 23.50 -3.38
C ARG A 592 14.65 23.90 -4.07
N THR A 593 14.66 24.03 -5.39
CA THR A 593 13.49 24.49 -6.14
C THR A 593 13.26 23.77 -7.46
N MET A 594 12.00 23.43 -7.71
CA MET A 594 11.59 22.93 -9.04
C MET A 594 11.14 24.13 -9.83
N GLU A 595 11.49 24.09 -11.12
CA GLU A 595 11.28 25.21 -12.01
C GLU A 595 10.65 24.80 -13.33
N SER A 596 9.68 25.61 -13.77
CA SER A 596 9.03 25.46 -15.06
C SER A 596 8.22 26.71 -15.35
N GLU A 597 8.25 27.13 -16.61
CA GLU A 597 7.45 28.23 -17.08
C GLU A 597 6.13 27.68 -17.60
N SER A 598 6.04 26.36 -17.83
CA SER A 598 4.90 25.78 -18.57
C SER A 598 3.97 24.90 -17.74
N LEU A 599 4.52 24.28 -16.69
CA LEU A 599 3.86 23.17 -15.98
C LEU A 599 2.60 23.63 -15.28
N ARG A 600 1.55 22.82 -15.39
CA ARG A 600 0.22 23.13 -14.82
C ARG A 600 -0.23 22.12 -13.77
N THR A 601 0.12 20.86 -13.91
CA THR A 601 -0.28 19.82 -12.99
C THR A 601 0.95 19.06 -12.51
N LEU A 602 1.09 18.94 -11.18
CA LEU A 602 2.14 18.13 -10.58
C LEU A 602 1.53 17.17 -9.56
N GLU A 603 1.62 15.86 -9.86
CA GLU A 603 1.24 14.83 -8.93
C GLU A 603 2.48 14.39 -8.15
N PHE A 604 2.48 14.69 -6.84
CA PHE A 604 3.63 14.46 -5.95
C PHE A 604 3.18 13.63 -4.79
N ARG A 605 2.22 12.76 -5.05
CA ARG A 605 1.60 11.95 -4.01
C ARG A 605 2.50 10.76 -3.63
N GLY A 606 2.45 10.34 -2.38
CA GLY A 606 3.14 9.12 -1.95
C GLY A 606 4.65 9.30 -1.78
N ASN A 607 5.05 10.46 -1.27
CA ASN A 607 6.45 10.82 -1.07
C ASN A 607 6.65 11.19 0.40
N HIS A 608 7.71 11.93 0.73
CA HIS A 608 8.01 12.26 2.11
C HIS A 608 8.33 13.71 2.28
N LEU A 609 7.40 14.55 1.83
CA LEU A 609 7.51 15.96 2.15
C LEU A 609 7.56 16.22 3.67
N ASP A 610 7.02 15.34 4.48
CA ASP A 610 7.16 15.48 5.92
C ASP A 610 8.61 15.62 6.35
N VAL A 611 9.51 14.86 5.71
CA VAL A 611 10.93 14.85 6.02
C VAL A 611 11.64 16.00 5.34
N LEU A 612 11.28 16.26 4.09
CA LEU A 612 11.82 17.45 3.40
C LEU A 612 11.53 18.74 4.11
N TRP A 613 10.31 18.85 4.65
CA TRP A 613 9.83 20.01 5.40
C TRP A 613 9.88 19.75 6.91
N ARG A 614 10.88 18.98 7.33
CA ARG A 614 11.13 18.71 8.74
C ARG A 614 11.09 20.06 9.43
N ASP A 615 10.40 20.13 10.55
CA ASP A 615 10.28 21.40 11.26
C ASP A 615 11.66 21.91 11.70
N GLY A 616 11.91 23.18 11.40
CA GLY A 616 13.21 23.80 11.55
C GLY A 616 14.04 23.92 10.27
N ASP A 617 13.73 23.13 9.26
CA ASP A 617 14.47 23.14 8.00
C ASP A 617 13.64 23.85 6.95
N ASN A 618 14.10 25.03 6.59
CA ASN A 618 13.44 25.91 5.66
C ASN A 618 13.84 25.78 4.21
N ARG A 619 14.86 24.98 3.96
CA ARG A 619 15.45 24.92 2.64
C ARG A 619 14.53 24.49 1.51
N TYR A 620 13.51 23.68 1.81
CA TYR A 620 12.59 23.19 0.76
C TYR A 620 11.19 23.76 0.79
N LEU A 621 10.93 24.78 1.61
CA LEU A 621 9.59 25.38 1.69
C LEU A 621 9.13 26.07 0.42
N GLN A 622 10.07 26.26 -0.50
CA GLN A 622 9.79 26.98 -1.76
C GLN A 622 9.99 26.04 -2.96
N LEU A 623 9.97 24.74 -2.70
CA LEU A 623 10.20 23.70 -3.71
C LEU A 623 9.31 23.80 -4.95
N PHE A 624 8.04 24.18 -4.78
CA PHE A 624 7.11 24.35 -5.89
C PHE A 624 6.85 25.80 -6.32
N LYS A 625 7.48 26.79 -5.67
CA LYS A 625 7.10 28.19 -5.87
C LYS A 625 7.33 28.71 -7.29
N ASN A 626 8.38 28.22 -7.93
CA ASN A 626 8.78 28.68 -9.26
C ASN A 626 8.20 27.83 -10.40
N LEU A 627 7.15 27.07 -10.06
CA LEU A 627 6.28 26.47 -11.05
C LEU A 627 5.16 27.49 -11.25
N LEU A 628 5.49 28.54 -12.01
CA LEU A 628 4.66 29.76 -12.05
C LEU A 628 3.27 29.56 -12.57
N LYS A 629 3.08 28.65 -13.52
CA LYS A 629 1.75 28.37 -14.08
C LYS A 629 1.04 27.14 -13.46
N LEU A 630 1.56 26.65 -12.34
CA LEU A 630 1.01 25.46 -11.71
C LEU A 630 -0.38 25.73 -11.15
N GLU A 631 -1.36 25.01 -11.69
CA GLU A 631 -2.75 25.13 -11.28
C GLU A 631 -3.23 23.97 -10.40
N GLU A 632 -2.69 22.77 -10.60
CA GLU A 632 -3.05 21.60 -9.80
C GLU A 632 -1.85 20.96 -9.11
N LEU A 633 -1.95 20.80 -7.79
CA LEU A 633 -0.93 20.11 -6.99
C LEU A 633 -1.53 19.02 -6.09
N ASP A 634 -1.04 17.78 -6.23
CA ASP A 634 -1.40 16.64 -5.36
C ASP A 634 -0.26 16.25 -4.38
N ILE A 635 -0.42 16.56 -3.11
CA ILE A 635 0.56 16.17 -2.10
C ILE A 635 -0.12 15.41 -0.96
N SER A 636 -1.09 14.62 -1.37
CA SER A 636 -1.69 13.60 -0.53
C SER A 636 -0.65 12.54 -0.27
N LYS A 637 -0.90 11.71 0.74
CA LYS A 637 0.01 10.57 1.07
C LYS A 637 1.47 10.98 1.26
N ASN A 638 1.68 12.07 1.98
CA ASN A 638 3.02 12.55 2.24
C ASN A 638 3.39 12.56 3.72
N SER A 639 2.60 11.87 4.55
CA SER A 639 2.84 11.82 6.01
C SER A 639 2.93 13.19 6.70
N LEU A 640 2.13 14.13 6.21
CA LEU A 640 2.09 15.46 6.75
C LEU A 640 1.09 15.54 7.91
N SER A 641 1.57 15.22 9.10
CA SER A 641 0.81 15.44 10.34
C SER A 641 0.46 16.86 10.61
N PHE A 642 1.34 17.76 10.21
CA PHE A 642 1.14 19.20 10.30
C PHE A 642 1.81 19.77 9.07
N LEU A 643 1.48 21.01 8.77
CA LEU A 643 2.19 21.78 7.74
C LEU A 643 3.00 22.86 8.41
N PRO A 644 4.33 22.89 8.18
CA PRO A 644 5.09 24.00 8.74
C PRO A 644 4.66 25.31 8.14
N SER A 645 4.82 26.38 8.90
CA SER A 645 4.56 27.71 8.35
C SER A 645 5.55 27.92 7.22
N GLY A 646 5.06 28.48 6.14
CA GLY A 646 5.88 28.71 4.99
C GLY A 646 5.46 27.83 3.85
N VAL A 647 4.79 26.71 4.13
CA VAL A 647 4.31 25.87 3.08
C VAL A 647 3.38 26.65 2.15
N PHE A 648 2.43 27.39 2.71
CA PHE A 648 1.43 28.10 1.90
C PHE A 648 1.98 29.36 1.19
N ASP A 649 2.80 30.14 1.92
CA ASP A 649 3.53 31.24 1.32
C ASP A 649 4.35 30.79 0.10
N GLY A 650 4.95 29.63 0.21
CA GLY A 650 5.79 29.06 -0.84
C GLY A 650 5.11 28.37 -2.00
N MET A 651 3.77 28.26 -1.94
CA MET A 651 3.00 27.72 -3.05
C MET A 651 3.02 28.74 -4.20
N PRO A 652 3.01 28.26 -5.46
CA PRO A 652 2.98 29.18 -6.60
C PRO A 652 1.65 29.90 -6.74
N PRO A 653 1.65 31.01 -7.45
CA PRO A 653 0.58 31.98 -7.23
C PRO A 653 -0.73 31.63 -7.89
N ASN A 654 -0.72 30.72 -8.86
CA ASN A 654 -1.96 30.36 -9.57
C ASN A 654 -2.48 28.99 -9.19
N LEU A 655 -2.12 28.49 -8.00
CA LEU A 655 -2.57 27.19 -7.55
C LEU A 655 -4.11 27.18 -7.37
N LYS A 656 -4.79 26.22 -7.98
CA LYS A 656 -6.26 26.13 -7.97
C LYS A 656 -6.83 24.92 -7.28
N ASN A 657 -6.19 23.77 -7.44
CA ASN A 657 -6.67 22.48 -6.98
C ASN A 657 -5.56 21.88 -6.12
N LEU A 658 -5.77 21.87 -4.81
CA LEU A 658 -4.74 21.35 -3.88
C LEU A 658 -5.29 20.16 -3.10
N SER A 659 -4.59 19.05 -3.14
CA SER A 659 -4.93 17.90 -2.28
C SER A 659 -3.92 17.67 -1.17
N LEU A 660 -4.44 17.58 0.05
CA LEU A 660 -3.66 17.17 1.21
C LEU A 660 -4.31 15.95 1.82
N ALA A 661 -4.90 15.08 1.00
CA ALA A 661 -5.60 13.92 1.52
C ALA A 661 -4.63 12.92 2.12
N LYS A 662 -5.14 12.08 3.01
CA LYS A 662 -4.42 10.89 3.47
C LYS A 662 -3.02 11.22 3.97
N ASN A 663 -2.96 12.28 4.79
CA ASN A 663 -1.73 12.71 5.38
C ASN A 663 -1.61 12.45 6.89
N GLY A 664 -2.65 11.94 7.54
CA GLY A 664 -2.72 11.96 9.00
C GLY A 664 -2.66 13.35 9.62
N LEU A 665 -3.05 14.39 8.86
CA LEU A 665 -3.09 15.78 9.37
C LEU A 665 -3.93 15.98 10.61
N LYS A 666 -3.30 16.40 11.69
CA LYS A 666 -4.00 16.61 12.98
C LYS A 666 -4.35 18.06 13.26
N SER A 667 -3.92 18.98 12.41
CA SER A 667 -4.19 20.38 12.67
C SER A 667 -3.94 21.15 11.42
N PHE A 668 -4.58 22.30 11.32
CA PHE A 668 -4.58 23.07 10.12
C PHE A 668 -4.91 24.49 10.52
N ILE A 669 -3.92 25.38 10.39
CA ILE A 669 -4.15 26.83 10.43
C ILE A 669 -4.86 27.30 9.15
N TRP A 670 -6.18 27.40 9.24
CA TRP A 670 -7.06 27.75 8.12
C TRP A 670 -6.83 29.15 7.59
N GLU A 671 -6.39 30.06 8.45
CA GLU A 671 -6.10 31.47 8.06
C GLU A 671 -5.08 31.53 6.93
N LYS A 672 -4.13 30.59 6.94
CA LYS A 672 -3.07 30.53 5.94
C LYS A 672 -3.55 30.29 4.49
N LEU A 673 -4.78 29.88 4.33
CA LEU A 673 -5.37 29.81 3.00
C LEU A 673 -5.45 31.17 2.27
N ARG A 674 -5.43 32.26 3.02
CA ARG A 674 -5.28 33.60 2.44
C ARG A 674 -4.12 33.73 1.44
N TYR A 675 -3.00 33.06 1.69
CA TYR A 675 -1.90 33.10 0.72
C TYR A 675 -2.25 32.58 -0.70
N LEU A 676 -3.14 31.60 -0.81
CA LEU A 676 -3.42 30.89 -2.06
C LEU A 676 -4.56 31.58 -2.76
N LYS A 677 -4.23 32.66 -3.45
CA LYS A 677 -5.24 33.64 -3.80
C LYS A 677 -6.23 33.16 -4.86
N ASN A 678 -5.84 32.13 -5.62
CA ASN A 678 -6.71 31.50 -6.61
C ASN A 678 -7.15 30.10 -6.28
N LEU A 679 -7.17 29.74 -5.00
CA LEU A 679 -7.53 28.39 -4.64
C LEU A 679 -9.03 28.20 -4.88
N GLU A 680 -9.38 27.12 -5.57
CA GLU A 680 -10.78 26.77 -5.82
C GLU A 680 -11.22 25.41 -5.30
N THR A 681 -10.29 24.46 -5.17
CA THR A 681 -10.57 23.13 -4.68
C THR A 681 -9.54 22.75 -3.62
N LEU A 682 -10.00 22.37 -2.42
CA LEU A 682 -9.12 21.96 -1.33
C LEU A 682 -9.59 20.62 -0.80
N ASP A 683 -8.77 19.60 -1.00
CA ASP A 683 -9.12 18.26 -0.61
C ASP A 683 -8.31 17.89 0.62
N LEU A 684 -8.98 17.92 1.76
CA LEU A 684 -8.40 17.51 3.02
C LEU A 684 -9.03 16.18 3.46
N SER A 685 -9.64 15.44 2.54
CA SER A 685 -10.17 14.10 2.87
C SER A 685 -9.18 13.20 3.62
N HIS A 686 -9.74 12.30 4.42
CA HIS A 686 -8.99 11.20 5.09
C HIS A 686 -7.81 11.69 5.91
N ASN A 687 -8.11 12.54 6.88
CA ASN A 687 -7.10 13.10 7.80
C ASN A 687 -7.66 12.99 9.20
N GLN A 688 -7.11 13.72 10.15
CA GLN A 688 -7.61 13.74 11.54
C GLN A 688 -7.97 15.16 12.03
N LEU A 689 -8.57 15.98 11.16
CA LEU A 689 -8.95 17.33 11.55
C LEU A 689 -10.12 17.27 12.53
N THR A 690 -10.06 18.00 13.62
CA THR A 690 -11.17 18.02 14.57
C THR A 690 -12.06 19.26 14.46
N THR A 691 -11.64 20.28 13.73
CA THR A 691 -12.38 21.54 13.67
C THR A 691 -12.33 22.20 12.32
N VAL A 692 -13.39 22.97 12.07
CA VAL A 692 -13.49 23.82 10.85
C VAL A 692 -13.15 25.26 11.21
N PRO A 693 -12.78 26.07 10.20
CA PRO A 693 -12.54 27.50 10.48
C PRO A 693 -13.76 28.25 11.07
N GLU A 694 -13.51 29.17 11.99
CA GLU A 694 -14.54 30.04 12.58
C GLU A 694 -15.42 30.73 11.55
N ARG A 695 -14.79 31.23 10.48
CA ARG A 695 -15.50 31.86 9.34
C ARG A 695 -14.69 31.56 8.06
N LEU A 696 -15.16 30.62 7.24
CA LEU A 696 -14.44 30.19 6.05
C LEU A 696 -14.17 31.31 5.04
N SER A 697 -15.05 32.30 4.94
CA SER A 697 -14.86 33.44 4.00
C SER A 697 -13.67 34.34 4.35
N ASN A 698 -13.28 34.35 5.63
CA ASN A 698 -12.10 35.05 6.14
C ASN A 698 -10.80 34.30 5.84
N CYS A 699 -10.89 33.10 5.29
CA CYS A 699 -9.73 32.28 4.96
C CYS A 699 -9.48 32.30 3.48
N SER A 700 -10.54 32.13 2.72
CA SER A 700 -10.43 32.12 1.28
C SER A 700 -11.70 32.70 0.65
N ARG A 701 -11.50 33.69 -0.22
CA ARG A 701 -12.54 34.26 -1.04
C ARG A 701 -12.78 33.52 -2.34
N SER A 702 -11.78 32.75 -2.76
CA SER A 702 -11.84 32.07 -4.04
C SER A 702 -12.42 30.67 -3.94
N LEU A 703 -12.30 30.07 -2.76
CA LEU A 703 -12.56 28.65 -2.57
C LEU A 703 -13.98 28.24 -2.94
N LYS A 704 -14.09 27.24 -3.81
CA LYS A 704 -15.36 26.71 -4.28
C LYS A 704 -15.71 25.29 -3.87
N ASN A 705 -14.71 24.42 -3.71
CA ASN A 705 -14.97 23.01 -3.39
C ASN A 705 -14.16 22.60 -2.22
N LEU A 706 -14.81 22.28 -1.11
CA LEU A 706 -14.08 21.94 0.09
C LEU A 706 -14.43 20.52 0.49
N ILE A 707 -13.43 19.65 0.50
CA ILE A 707 -13.62 18.26 0.82
C ILE A 707 -13.01 18.00 2.15
N LEU A 708 -13.85 17.68 3.13
CA LEU A 708 -13.42 17.33 4.47
C LEU A 708 -13.85 15.95 4.88
N LYS A 709 -14.25 15.12 3.93
CA LYS A 709 -14.75 13.80 4.31
C LYS A 709 -13.68 12.97 4.99
N ASN A 710 -14.11 12.07 5.88
CA ASN A 710 -13.24 11.16 6.64
C ASN A 710 -12.27 11.85 7.54
N ASN A 711 -12.81 12.74 8.37
CA ASN A 711 -12.05 13.42 9.38
C ASN A 711 -12.68 13.15 10.73
N GLN A 712 -12.29 13.87 11.77
CA GLN A 712 -12.76 13.65 13.13
C GLN A 712 -13.54 14.88 13.65
N ILE A 713 -14.21 15.58 12.75
CA ILE A 713 -14.92 16.81 13.10
C ILE A 713 -16.18 16.50 13.93
N ARG A 714 -16.22 17.04 15.15
CA ARG A 714 -17.33 16.79 16.09
C ARG A 714 -18.43 17.86 16.10
N SER A 715 -18.12 19.07 15.63
CA SER A 715 -19.11 20.13 15.52
C SER A 715 -18.60 21.20 14.59
N LEU A 716 -19.49 22.07 14.13
CA LEU A 716 -19.07 23.19 13.28
C LEU A 716 -19.01 24.46 14.11
N THR A 717 -18.25 25.42 13.63
CA THR A 717 -18.12 26.71 14.27
C THR A 717 -19.45 27.48 14.08
N LYS A 718 -19.75 28.35 15.04
CA LYS A 718 -20.97 29.12 15.03
C LYS A 718 -21.31 29.84 13.69
N TYR A 719 -20.31 30.44 13.03
CA TYR A 719 -20.56 31.13 11.75
C TYR A 719 -19.76 30.57 10.54
N PHE A 720 -19.48 29.27 10.57
CA PHE A 720 -18.65 28.54 9.60
C PHE A 720 -18.77 29.02 8.18
N LEU A 721 -19.96 28.91 7.59
CA LEU A 721 -20.12 29.27 6.19
C LEU A 721 -20.64 30.69 5.94
N GLN A 722 -20.72 31.50 6.98
CA GLN A 722 -21.25 32.88 6.81
C GLN A 722 -20.58 33.68 5.65
N ASP A 723 -21.38 34.11 4.69
CA ASP A 723 -20.94 34.92 3.54
C ASP A 723 -19.92 34.25 2.60
N ALA A 724 -19.77 32.92 2.66
CA ALA A 724 -18.88 32.20 1.75
C ALA A 724 -19.51 32.03 0.39
N PHE A 725 -19.76 33.15 -0.30
CA PHE A 725 -20.61 33.18 -1.51
C PHE A 725 -20.00 32.46 -2.68
N GLN A 726 -18.68 32.24 -2.63
CA GLN A 726 -18.03 31.49 -3.69
C GLN A 726 -18.22 29.98 -3.61
N LEU A 727 -18.60 29.46 -2.43
CA LEU A 727 -18.66 28.03 -2.20
C LEU A 727 -19.71 27.32 -3.04
N ARG A 728 -19.40 26.10 -3.49
CA ARG A 728 -20.32 25.35 -4.34
C ARG A 728 -20.45 23.89 -4.07
N TYR A 729 -19.46 23.32 -3.41
CA TYR A 729 -19.45 21.89 -3.09
C TYR A 729 -18.79 21.72 -1.72
N LEU A 730 -19.48 21.08 -0.80
CA LEU A 730 -18.94 20.86 0.55
C LEU A 730 -19.18 19.44 0.97
N ASP A 731 -18.12 18.74 1.31
CA ASP A 731 -18.24 17.37 1.76
C ASP A 731 -17.82 17.28 3.21
N LEU A 732 -18.78 16.95 4.05
CA LEU A 732 -18.57 16.72 5.46
C LEU A 732 -18.96 15.30 5.85
N SER A 733 -19.09 14.41 4.86
CA SER A 733 -19.42 13.02 5.17
C SER A 733 -18.33 12.33 6.02
N SER A 734 -18.72 11.30 6.78
CA SER A 734 -17.81 10.46 7.56
C SER A 734 -16.96 11.28 8.54
N ASN A 735 -17.64 12.07 9.34
CA ASN A 735 -17.03 12.79 10.44
C ASN A 735 -17.87 12.34 11.63
N LYS A 736 -17.85 13.08 12.73
CA LYS A 736 -18.58 12.69 13.92
C LYS A 736 -19.40 13.88 14.43
N ILE A 737 -20.04 14.57 13.49
CA ILE A 737 -20.82 15.77 13.79
C ILE A 737 -22.15 15.35 14.40
N GLN A 738 -22.57 16.02 15.47
CA GLN A 738 -23.90 15.81 16.07
C GLN A 738 -24.97 16.79 15.65
N MET A 739 -24.58 18.04 15.54
CA MET A 739 -25.48 19.17 15.56
C MET A 739 -25.06 20.09 14.48
N ILE A 740 -25.99 20.59 13.69
CA ILE A 740 -25.71 21.74 12.83
C ILE A 740 -26.79 22.77 13.08
N GLN A 741 -26.40 23.97 13.48
CA GLN A 741 -27.34 25.10 13.66
C GLN A 741 -27.29 26.04 12.47
N LYS A 742 -28.42 26.72 12.22
CA LYS A 742 -28.58 27.69 11.13
C LYS A 742 -27.44 28.74 10.98
N THR A 743 -26.93 29.22 12.10
CA THR A 743 -25.87 30.19 12.10
C THR A 743 -24.66 29.67 11.29
N SER A 744 -24.30 28.40 11.47
CA SER A 744 -23.18 27.79 10.76
C SER A 744 -23.47 27.62 9.27
N PHE A 745 -24.72 27.33 8.95
CA PHE A 745 -25.16 26.97 7.60
C PHE A 745 -26.19 27.97 7.09
N PRO A 746 -25.79 29.20 6.77
CA PRO A 746 -26.80 30.16 6.35
C PRO A 746 -27.40 29.77 5.02
N GLU A 747 -28.72 29.94 4.93
CA GLU A 747 -29.50 29.50 3.79
C GLU A 747 -29.04 30.16 2.46
N ASN A 748 -28.64 31.42 2.51
CA ASN A 748 -28.17 32.11 1.29
C ASN A 748 -26.87 31.57 0.67
N VAL A 749 -26.08 30.83 1.47
CA VAL A 749 -24.89 30.10 0.97
C VAL A 749 -25.32 28.75 0.51
N LEU A 750 -26.11 28.08 1.35
CA LEU A 750 -26.54 26.70 1.07
C LEU A 750 -27.21 26.52 -0.26
N ASN A 751 -27.99 27.50 -0.69
CA ASN A 751 -28.91 27.29 -1.79
C ASN A 751 -28.25 27.44 -3.14
N ASN A 752 -27.01 27.98 -3.20
CA ASN A 752 -26.17 27.88 -4.41
C ASN A 752 -25.23 26.67 -4.50
N LEU A 753 -25.23 25.83 -3.47
CA LEU A 753 -24.39 24.64 -3.50
C LEU A 753 -24.94 23.69 -4.54
N LYS A 754 -24.06 23.19 -5.41
CA LYS A 754 -24.41 22.09 -6.34
C LYS A 754 -24.60 20.79 -5.61
N MET A 755 -23.83 20.60 -4.53
CA MET A 755 -23.90 19.41 -3.69
C MET A 755 -23.45 19.70 -2.25
N LEU A 756 -23.98 18.92 -1.29
CA LEU A 756 -23.64 19.06 0.11
C LEU A 756 -23.71 17.70 0.72
N LEU A 757 -22.57 17.09 1.03
CA LEU A 757 -22.52 15.71 1.54
C LEU A 757 -22.47 15.66 3.08
N LEU A 758 -23.40 14.98 3.71
CA LEU A 758 -23.49 14.95 5.17
C LEU A 758 -23.52 13.55 5.75
N HIS A 759 -23.54 12.54 4.91
CA HIS A 759 -23.77 11.18 5.39
C HIS A 759 -22.69 10.63 6.32
N HIS A 760 -23.04 9.57 7.04
CA HIS A 760 -22.14 8.88 7.96
C HIS A 760 -21.51 9.81 9.02
N ASN A 761 -22.38 10.53 9.73
CA ASN A 761 -22.02 11.38 10.84
C ASN A 761 -22.71 10.81 12.11
N ARG A 762 -22.79 11.58 13.20
CA ARG A 762 -23.28 11.08 14.47
C ARG A 762 -24.42 11.94 14.97
N PHE A 763 -25.40 12.18 14.08
CA PHE A 763 -26.46 13.17 14.33
C PHE A 763 -27.37 12.82 15.50
N LEU A 764 -27.57 13.78 16.38
CA LEU A 764 -28.43 13.59 17.53
C LEU A 764 -29.76 14.25 17.23
N CYS A 765 -30.85 13.51 17.30
CA CYS A 765 -32.15 14.01 16.87
C CYS A 765 -33.06 14.45 18.03
N THR A 766 -32.54 15.36 18.86
CA THR A 766 -33.30 16.03 19.91
C THR A 766 -34.02 17.26 19.37
N CYS A 767 -34.71 17.96 20.26
CA CYS A 767 -35.32 19.23 19.91
C CYS A 767 -34.33 20.34 19.52
N ASP A 768 -33.05 20.23 19.87
CA ASP A 768 -32.05 21.19 19.36
C ASP A 768 -31.84 21.07 17.84
N ALA A 769 -32.09 19.89 17.29
CA ALA A 769 -31.90 19.60 15.86
C ALA A 769 -33.05 20.01 14.96
N VAL A 770 -34.13 20.50 15.55
CA VAL A 770 -35.34 20.92 14.83
C VAL A 770 -35.09 21.58 13.46
N TRP A 771 -34.18 22.58 13.42
CA TRP A 771 -33.92 23.35 12.20
C TRP A 771 -33.21 22.48 11.16
N PHE A 772 -32.16 21.79 11.59
CA PHE A 772 -31.39 20.98 10.66
C PHE A 772 -32.32 19.97 9.97
N VAL A 773 -33.13 19.31 10.79
CA VAL A 773 -34.02 18.28 10.29
C VAL A 773 -35.02 18.88 9.31
N TRP A 774 -35.66 19.99 9.71
CA TRP A 774 -36.55 20.71 8.80
C TRP A 774 -35.86 21.04 7.45
N TRP A 775 -34.67 21.64 7.55
CA TRP A 775 -33.92 22.09 6.37
C TRP A 775 -33.70 20.91 5.44
N VAL A 776 -33.15 19.83 5.98
CA VAL A 776 -32.80 18.64 5.20
C VAL A 776 -34.02 18.05 4.47
N GLN A 777 -35.16 18.05 5.15
CA GLN A 777 -36.42 17.52 4.57
C GLN A 777 -36.99 18.36 3.43
N HIS A 778 -36.79 19.69 3.49
CA HIS A 778 -37.43 20.63 2.57
C HIS A 778 -36.54 21.38 1.56
N THR A 779 -35.26 20.99 1.45
CA THR A 779 -34.27 21.72 0.63
C THR A 779 -34.17 21.06 -0.73
N GLU A 780 -33.87 21.86 -1.75
CA GLU A 780 -33.68 21.36 -3.12
C GLU A 780 -32.20 20.96 -3.36
N VAL A 781 -31.31 21.43 -2.48
CA VAL A 781 -29.87 21.15 -2.57
C VAL A 781 -29.66 19.66 -2.53
N THR A 782 -28.81 19.20 -3.42
CA THR A 782 -28.56 17.78 -3.59
C THR A 782 -27.72 17.30 -2.44
N ILE A 783 -28.20 16.26 -1.78
CA ILE A 783 -27.54 15.64 -0.64
C ILE A 783 -27.69 14.15 -0.92
N PRO A 784 -26.59 13.48 -1.26
CA PRO A 784 -26.77 12.06 -1.49
C PRO A 784 -26.92 11.25 -0.22
N TYR A 785 -27.43 10.03 -0.39
CA TYR A 785 -27.57 9.02 0.62
C TYR A 785 -28.57 9.34 1.74
N LEU A 786 -29.52 10.24 1.52
CA LEU A 786 -30.60 10.48 2.52
C LEU A 786 -31.45 9.23 2.86
N ALA A 787 -31.66 8.36 1.89
CA ALA A 787 -32.31 7.07 2.07
C ALA A 787 -31.56 6.15 3.01
N THR A 788 -30.24 6.22 2.94
CA THR A 788 -29.37 5.10 3.25
C THR A 788 -28.47 5.34 4.47
N ASP A 789 -27.89 6.54 4.56
CA ASP A 789 -26.84 6.81 5.54
C ASP A 789 -26.83 8.27 5.99
N VAL A 790 -28.00 8.90 6.11
CA VAL A 790 -28.14 10.17 6.85
C VAL A 790 -29.15 9.90 7.97
N THR A 791 -28.62 9.80 9.17
CA THR A 791 -29.17 8.93 10.18
C THR A 791 -28.96 9.47 11.58
N CYS A 792 -30.01 9.37 12.39
CA CYS A 792 -29.89 9.62 13.84
C CYS A 792 -29.20 8.46 14.55
N VAL A 793 -28.23 8.75 15.41
CA VAL A 793 -27.67 7.75 16.36
C VAL A 793 -28.40 7.78 17.72
N GLY A 794 -29.08 8.89 17.99
CA GLY A 794 -29.85 9.07 19.20
C GLY A 794 -30.90 10.15 19.00
N PRO A 795 -31.72 10.46 20.01
CA PRO A 795 -31.40 10.21 21.41
C PRO A 795 -31.70 8.84 22.02
N GLY A 796 -32.58 8.05 21.42
CA GLY A 796 -32.93 6.78 22.03
C GLY A 796 -34.00 6.13 21.21
N ALA A 797 -35.20 6.73 21.25
CA ALA A 797 -36.28 6.36 20.35
C ALA A 797 -35.78 6.29 18.91
N HIS A 798 -35.23 7.41 18.44
CA HIS A 798 -34.96 7.60 17.02
C HIS A 798 -33.62 7.00 16.54
N LYS A 799 -32.90 6.25 17.39
CA LYS A 799 -31.66 5.56 16.97
C LYS A 799 -31.82 4.73 15.69
N GLY A 800 -30.98 4.99 14.69
CA GLY A 800 -31.01 4.26 13.41
C GLY A 800 -32.07 4.70 12.42
N GLN A 801 -32.89 5.68 12.82
CA GLN A 801 -33.87 6.26 11.96
C GLN A 801 -33.25 7.38 11.08
N SER A 802 -33.58 7.32 9.80
CA SER A 802 -33.16 8.33 8.88
C SER A 802 -33.79 9.72 9.22
N VAL A 803 -33.02 10.80 9.03
CA VAL A 803 -33.49 12.12 9.41
C VAL A 803 -34.54 12.61 8.42
N ILE A 804 -34.48 12.16 7.17
CA ILE A 804 -35.53 12.48 6.18
C ILE A 804 -36.94 12.08 6.68
N SER A 805 -37.04 10.96 7.41
CA SER A 805 -38.33 10.39 7.88
C SER A 805 -38.81 10.86 9.28
N LEU A 806 -38.09 11.79 9.87
CA LEU A 806 -38.17 12.07 11.31
C LEU A 806 -39.31 13.03 11.62
N ASP A 807 -40.27 12.61 12.47
CA ASP A 807 -41.37 13.50 12.89
C ASP A 807 -41.01 14.05 14.25
N LEU A 808 -40.82 15.37 14.33
CA LEU A 808 -40.41 16.08 15.56
C LEU A 808 -41.48 17.05 16.03
N TYR A 809 -42.74 16.67 15.83
CA TYR A 809 -43.88 17.49 16.25
C TYR A 809 -43.94 17.72 17.78
N THR A 810 -43.47 16.76 18.57
CA THR A 810 -43.41 16.90 20.03
C THR A 810 -42.56 18.07 20.53
N CYS A 811 -41.63 18.54 19.71
CA CYS A 811 -40.86 19.75 19.99
C CYS A 811 -41.67 21.06 19.80
N GLU A 812 -42.88 20.98 19.26
CA GLU A 812 -43.78 22.13 19.18
C GLU A 812 -45.08 22.02 20.02
N LEU A 813 -45.23 21.02 20.89
CA LEU A 813 -46.55 20.75 21.55
C LEU A 813 -46.76 21.73 22.71
N ALA B 5 -10.42 -11.37 42.59
CA ALA B 5 -9.19 -11.69 43.36
C ALA B 5 -8.77 -10.47 44.23
N ARG B 6 -8.36 -9.35 43.62
CA ARG B 6 -7.90 -8.13 44.36
C ARG B 6 -8.93 -7.56 45.34
N TRP B 7 -8.45 -7.06 46.47
CA TRP B 7 -9.34 -6.37 47.41
C TRP B 7 -9.49 -4.87 47.07
N PHE B 8 -8.41 -4.22 46.62
CA PHE B 8 -8.45 -2.78 46.28
C PHE B 8 -8.05 -2.52 44.82
N PRO B 9 -9.01 -2.08 43.98
CA PRO B 9 -8.72 -1.78 42.57
C PRO B 9 -7.58 -0.83 42.41
N LYS B 10 -6.73 -1.15 41.44
CA LYS B 10 -5.63 -0.28 41.12
C LYS B 10 -6.27 0.78 40.25
N THR B 11 -6.31 1.98 40.79
CA THR B 11 -6.95 3.10 40.13
C THR B 11 -5.92 4.13 39.62
N LEU B 12 -4.68 4.03 40.11
CA LEU B 12 -3.59 4.85 39.63
C LEU B 12 -3.41 4.64 38.14
N PRO B 13 -3.36 5.75 37.34
CA PRO B 13 -3.24 5.61 35.89
C PRO B 13 -1.79 5.34 35.40
N CYS B 14 -1.03 4.53 36.12
CA CYS B 14 0.39 4.28 35.83
C CYS B 14 0.71 2.81 36.11
N ASP B 15 1.55 2.18 35.28
CA ASP B 15 1.97 0.79 35.51
C ASP B 15 2.94 0.69 36.68
N VAL B 16 2.62 -0.20 37.63
CA VAL B 16 3.39 -0.36 38.87
C VAL B 16 4.01 -1.75 38.87
N THR B 17 5.29 -1.82 39.13
CA THR B 17 6.07 -3.06 39.09
C THR B 17 6.90 -3.13 40.37
N LEU B 18 7.16 -4.34 40.85
CA LEU B 18 8.07 -4.59 41.98
C LEU B 18 9.30 -5.30 41.44
N ASP B 19 10.36 -5.25 42.23
CA ASP B 19 11.61 -5.90 41.88
C ASP B 19 12.44 -5.98 43.17
N VAL B 20 12.74 -7.20 43.63
CA VAL B 20 13.49 -7.40 44.88
C VAL B 20 14.76 -8.22 44.61
N LYS B 22 16.39 -5.85 42.56
CA LYS B 22 16.24 -5.29 43.90
C LYS B 22 16.72 -3.82 44.03
N ASN B 23 16.21 -3.03 44.97
CA ASN B 23 14.90 -3.21 45.65
C ASN B 23 14.04 -2.03 45.26
N HIS B 24 13.43 -2.18 44.07
CA HIS B 24 12.80 -1.09 43.35
C HIS B 24 11.26 -1.23 43.26
N VAL B 25 10.56 -0.13 43.53
CA VAL B 25 9.14 0.03 43.28
C VAL B 25 9.04 1.03 42.13
N ILE B 26 8.58 0.54 40.97
CA ILE B 26 8.64 1.28 39.72
C ILE B 26 7.26 1.78 39.36
N VAL B 27 7.13 3.07 39.06
CA VAL B 27 5.86 3.67 38.71
C VAL B 27 6.06 4.38 37.40
N ASP B 28 5.40 3.88 36.36
CA ASP B 28 5.61 4.36 35.00
C ASP B 28 4.33 5.00 34.47
N CYS B 29 4.30 6.32 34.45
CA CYS B 29 3.16 7.06 33.91
C CYS B 29 3.47 7.60 32.50
N THR B 30 4.21 6.83 31.69
CA THR B 30 4.62 7.34 30.40
C THR B 30 3.33 7.51 29.58
N ASP B 31 3.09 8.74 29.10
CA ASP B 31 2.09 9.00 28.05
C ASP B 31 0.71 8.59 28.50
N LYS B 32 0.24 9.26 29.53
CA LYS B 32 -1.04 8.96 30.11
C LYS B 32 -1.89 10.22 30.09
N HIS B 33 -1.58 11.14 29.20
CA HIS B 33 -2.38 12.35 29.05
C HIS B 33 -2.69 12.99 30.39
N LEU B 34 -1.68 13.09 31.25
CA LEU B 34 -1.83 13.68 32.56
C LEU B 34 -1.55 15.17 32.54
N THR B 35 -2.34 15.95 33.27
CA THR B 35 -2.08 17.38 33.49
C THR B 35 -1.63 17.73 34.92
N GLU B 36 -1.67 16.73 35.81
CA GLU B 36 -1.21 16.86 37.20
C GLU B 36 -0.51 15.57 37.52
N ILE B 37 0.38 15.58 38.51
CA ILE B 37 0.92 14.33 39.03
C ILE B 37 -0.23 13.64 39.76
N PRO B 38 -0.51 12.38 39.44
CA PRO B 38 -1.67 11.74 40.08
C PRO B 38 -1.43 11.50 41.56
N GLY B 39 -2.52 11.46 42.32
CA GLY B 39 -2.49 11.13 43.74
C GLY B 39 -2.29 9.64 43.95
N GLY B 40 -1.83 9.29 45.14
CA GLY B 40 -1.75 7.89 45.57
C GLY B 40 -0.56 7.14 45.02
N ILE B 41 0.51 7.85 44.67
CA ILE B 41 1.71 7.17 44.21
C ILE B 41 2.29 6.42 45.42
N PRO B 42 2.67 5.15 45.23
CA PRO B 42 3.23 4.41 46.37
C PRO B 42 4.38 5.13 47.06
N THR B 43 4.30 5.30 48.37
CA THR B 43 5.32 5.94 49.21
C THR B 43 6.72 5.30 49.06
N ASN B 44 6.78 3.97 48.89
CA ASN B 44 8.03 3.25 48.61
C ASN B 44 8.59 3.46 47.19
N THR B 45 7.94 4.26 46.33
CA THR B 45 8.37 4.43 44.92
C THR B 45 9.85 4.80 44.86
N THR B 46 10.63 3.99 44.14
CA THR B 46 12.03 4.27 43.86
C THR B 46 12.21 4.93 42.52
N ASN B 47 11.47 4.48 41.50
CA ASN B 47 11.54 5.05 40.14
C ASN B 47 10.18 5.60 39.68
N LEU B 48 10.10 6.92 39.45
CA LEU B 48 8.88 7.54 38.93
C LEU B 48 9.08 8.14 37.53
N THR B 49 8.38 7.61 36.55
CA THR B 49 8.46 8.14 35.18
C THR B 49 7.17 8.86 34.76
N LEU B 50 7.30 10.12 34.37
CA LEU B 50 6.17 10.94 33.93
C LEU B 50 6.38 11.51 32.53
N THR B 51 7.14 10.78 31.71
CA THR B 51 7.52 11.18 30.36
C THR B 51 6.29 11.30 29.46
N ILE B 52 6.29 12.33 28.63
CA ILE B 52 5.19 12.65 27.71
C ILE B 52 3.83 12.76 28.41
N ASN B 53 3.64 13.88 29.08
CA ASN B 53 2.39 14.22 29.69
C ASN B 53 2.34 15.74 29.58
N HIS B 54 1.37 16.39 30.19
CA HIS B 54 1.27 17.83 30.08
C HIS B 54 1.19 18.41 31.47
N ILE B 55 2.10 17.97 32.33
CA ILE B 55 2.20 18.50 33.68
C ILE B 55 2.96 19.84 33.61
N PRO B 56 2.26 20.97 33.89
CA PRO B 56 2.83 22.30 33.70
C PRO B 56 3.75 22.79 34.80
N ASP B 57 3.76 22.15 35.98
CA ASP B 57 4.75 22.47 37.00
C ASP B 57 5.12 21.38 38.00
N ILE B 58 6.25 21.62 38.66
CA ILE B 58 6.77 20.83 39.76
C ILE B 58 6.88 21.76 40.96
N SER B 59 6.55 21.23 42.15
CA SER B 59 6.66 21.96 43.43
C SER B 59 7.01 20.99 44.57
N PRO B 60 7.23 21.50 45.80
CA PRO B 60 7.52 20.57 46.92
C PRO B 60 6.38 19.57 47.20
N ALA B 61 5.15 19.96 46.89
CA ALA B 61 4.03 19.03 46.91
C ALA B 61 4.23 17.82 45.96
N SER B 62 4.76 18.06 44.75
CA SER B 62 4.95 17.01 43.74
C SER B 62 5.49 15.69 44.28
N PHE B 63 6.57 15.75 45.05
CA PHE B 63 7.24 14.53 45.54
C PHE B 63 7.26 14.32 47.06
N HIS B 64 6.52 15.18 47.80
CA HIS B 64 6.44 15.24 49.28
C HIS B 64 6.65 13.90 50.01
N ARG B 65 5.73 12.96 49.79
CA ARG B 65 5.77 11.68 50.53
C ARG B 65 6.80 10.69 50.01
N LEU B 66 7.39 10.95 48.83
CA LEU B 66 8.09 9.94 48.04
C LEU B 66 9.56 9.92 48.34
N VAL B 67 9.89 9.91 49.62
CA VAL B 67 11.26 10.17 50.08
C VAL B 67 12.27 9.13 49.62
N HIS B 68 11.80 7.93 49.27
CA HIS B 68 12.68 6.84 48.81
C HIS B 68 13.03 6.84 47.29
N LEU B 69 12.62 7.88 46.55
CA LEU B 69 12.98 8.06 45.12
C LEU B 69 14.46 8.11 44.80
N VAL B 70 14.93 7.16 44.01
CA VAL B 70 16.28 7.19 43.41
C VAL B 70 16.27 7.76 41.98
N GLU B 71 15.18 7.65 41.24
CA GLU B 71 15.15 8.19 39.87
C GLU B 71 13.84 8.86 39.55
N ILE B 72 13.91 10.07 39.00
CA ILE B 72 12.75 10.74 38.43
C ILE B 72 13.04 10.94 36.98
N ASP B 73 12.19 10.40 36.14
CA ASP B 73 12.25 10.68 34.72
C ASP B 73 11.04 11.52 34.36
N PHE B 74 11.29 12.79 34.08
CA PHE B 74 10.24 13.78 33.84
C PHE B 74 10.51 14.42 32.48
N ARG B 75 10.70 13.59 31.47
CA ARG B 75 11.09 14.06 30.12
C ARG B 75 9.84 14.51 29.31
N CYS B 76 10.01 15.58 28.56
CA CYS B 76 9.09 15.92 27.48
C CYS B 76 7.67 16.23 27.93
N ASN B 77 7.56 17.06 28.95
CA ASN B 77 6.28 17.58 29.36
C ASN B 77 6.06 18.93 28.77
N CYS B 78 7.09 19.48 28.13
CA CYS B 78 6.98 20.71 27.34
C CYS B 78 8.08 20.78 26.31
N VAL B 79 7.95 20.03 25.22
CA VAL B 79 9.10 19.86 24.32
C VAL B 79 9.16 21.09 23.43
N PRO B 80 10.37 21.47 22.97
CA PRO B 80 10.43 22.66 22.12
C PRO B 80 9.47 22.57 20.94
N ILE B 81 8.91 23.73 20.57
CA ILE B 81 7.89 23.82 19.51
C ILE B 81 8.16 22.95 18.26
N ARG B 82 9.38 23.01 17.72
CA ARG B 82 9.72 22.30 16.47
C ARG B 82 9.94 20.82 16.61
N LEU B 83 10.28 20.35 17.81
CA LEU B 83 10.44 18.92 18.13
C LEU B 83 9.14 18.16 18.48
N GLY B 84 8.12 18.87 18.93
CA GLY B 84 6.93 18.22 19.45
C GLY B 84 5.75 18.24 18.52
N SER B 85 4.68 17.59 18.99
CA SER B 85 3.35 17.65 18.40
C SER B 85 2.92 19.10 18.11
N LYS B 86 2.31 19.31 16.94
CA LYS B 86 1.67 20.59 16.56
C LYS B 86 0.13 20.63 16.87
N SER B 87 -0.50 19.47 17.08
CA SER B 87 -1.90 19.39 17.52
C SER B 87 -2.03 19.71 19.02
N ASN B 88 -1.07 19.27 19.82
CA ASN B 88 -1.02 19.63 21.23
C ASN B 88 0.34 20.26 21.59
N MET B 89 0.51 21.53 21.21
CA MET B 89 1.71 22.27 21.57
C MET B 89 1.68 22.59 23.05
N CYS B 90 2.85 22.67 23.65
CA CYS B 90 2.96 23.11 25.03
C CYS B 90 2.79 24.66 25.12
N PRO B 91 1.79 25.13 25.89
CA PRO B 91 1.57 26.58 25.99
C PRO B 91 2.70 27.40 26.68
N ARG B 92 3.30 26.85 27.75
CA ARG B 92 4.22 27.61 28.62
C ARG B 92 5.28 26.68 29.23
N ARG B 93 6.53 27.13 29.30
CA ARG B 93 7.62 26.29 29.85
C ARG B 93 7.31 25.74 31.24
N LEU B 94 7.89 24.59 31.54
CA LEU B 94 7.70 23.94 32.83
C LEU B 94 8.24 24.81 33.98
N GLN B 95 7.43 25.01 35.02
CA GLN B 95 7.80 25.79 36.22
C GLN B 95 8.27 24.88 37.33
N ILE B 96 9.51 25.05 37.80
CA ILE B 96 10.03 24.27 38.92
C ILE B 96 10.18 25.20 40.09
N LYS B 97 9.54 24.88 41.21
CA LYS B 97 9.54 25.79 42.35
C LYS B 97 10.66 25.46 43.32
N PRO B 98 11.03 26.44 44.16
CA PRO B 98 12.13 26.19 45.08
C PRO B 98 11.90 24.94 45.95
N ARG B 99 12.98 24.19 46.15
CA ARG B 99 13.04 23.09 47.12
C ARG B 99 12.15 21.90 46.73
N SER B 100 11.91 21.72 45.42
CA SER B 100 11.13 20.60 44.92
C SER B 100 11.90 19.29 44.95
N PHE B 101 13.23 19.39 44.89
CA PHE B 101 14.07 18.21 44.86
C PHE B 101 14.93 18.04 46.11
N SER B 102 15.14 19.10 46.89
CA SER B 102 16.10 19.04 48.02
C SER B 102 15.73 18.04 49.13
N GLY B 103 14.44 17.73 49.29
CA GLY B 103 13.98 16.65 50.16
C GLY B 103 14.45 15.26 49.75
N LEU B 104 14.69 15.04 48.46
CA LEU B 104 14.89 13.70 47.90
C LEU B 104 16.31 13.22 48.13
N THR B 105 16.52 12.79 49.35
CA THR B 105 17.83 12.51 49.88
C THR B 105 18.55 11.37 49.18
N TYR B 106 17.80 10.46 48.56
CA TYR B 106 18.39 9.33 47.84
C TYR B 106 18.39 9.46 46.29
N LEU B 107 18.05 10.64 45.76
CA LEU B 107 17.87 10.84 44.31
C LEU B 107 19.18 10.73 43.53
N LYS B 108 19.27 9.75 42.65
CA LYS B 108 20.50 9.49 41.91
C LYS B 108 20.46 9.88 40.42
N SER B 109 19.28 9.91 39.82
CA SER B 109 19.11 10.24 38.41
C SER B 109 17.95 11.20 38.26
N LEU B 110 18.16 12.30 37.52
CA LEU B 110 17.07 13.21 37.17
C LEU B 110 17.11 13.61 35.68
N TYR B 111 16.06 13.25 34.96
CA TYR B 111 15.94 13.52 33.54
C TYR B 111 14.90 14.61 33.42
N LEU B 112 15.30 15.79 32.96
CA LEU B 112 14.37 16.89 32.69
C LEU B 112 14.47 17.33 31.23
N ASP B 113 14.79 16.41 30.32
CA ASP B 113 14.93 16.78 28.92
C ASP B 113 13.63 17.35 28.35
N GLY B 114 13.71 18.27 27.40
CA GLY B 114 12.54 18.60 26.62
C GLY B 114 11.42 19.26 27.40
N ASN B 115 11.77 20.27 28.18
CA ASN B 115 10.83 21.03 29.00
C ASN B 115 10.94 22.54 28.85
N GLN B 116 11.76 23.00 27.93
CA GLN B 116 11.93 24.43 27.65
C GLN B 116 12.44 25.21 28.86
N LEU B 117 13.18 24.54 29.72
CA LEU B 117 13.79 25.17 30.88
C LEU B 117 14.80 26.21 30.44
N LEU B 118 14.81 27.33 31.15
CA LEU B 118 15.78 28.42 30.90
C LEU B 118 17.09 28.32 31.67
N GLU B 119 17.15 27.47 32.70
CA GLU B 119 18.26 27.47 33.65
C GLU B 119 18.42 26.11 34.29
N ILE B 120 19.65 25.85 34.74
CA ILE B 120 19.91 24.60 35.42
C ILE B 120 19.17 24.62 36.75
N PRO B 121 18.12 23.78 36.89
CA PRO B 121 17.36 23.82 38.11
C PRO B 121 18.26 23.69 39.35
N GLN B 122 18.10 24.64 40.26
CA GLN B 122 18.90 24.69 41.49
C GLN B 122 18.23 23.95 42.66
N GLY B 123 18.98 23.78 43.75
CA GLY B 123 18.50 23.11 44.93
C GLY B 123 18.34 21.62 44.74
N LEU B 124 19.24 21.02 43.97
CA LEU B 124 19.24 19.58 43.78
C LEU B 124 20.09 18.96 44.84
N PRO B 125 19.76 17.71 45.19
CA PRO B 125 20.44 17.08 46.31
C PRO B 125 21.82 16.54 45.96
N PRO B 126 22.67 16.37 46.99
CA PRO B 126 24.05 15.98 46.74
C PRO B 126 24.25 14.53 46.36
N SER B 127 23.21 13.71 46.39
CA SER B 127 23.33 12.29 46.01
C SER B 127 23.26 12.06 44.49
N LEU B 128 22.95 13.12 43.74
CA LEU B 128 22.68 13.06 42.31
C LEU B 128 23.91 12.70 41.52
N GLN B 129 23.81 11.63 40.74
CA GLN B 129 24.87 11.15 39.84
C GLN B 129 24.61 11.47 38.36
N LEU B 130 23.36 11.37 37.90
CA LEU B 130 23.01 11.62 36.51
C LEU B 130 22.02 12.77 36.45
N LEU B 131 22.30 13.73 35.59
CA LEU B 131 21.39 14.87 35.32
C LEU B 131 21.33 15.10 33.82
N SER B 132 20.11 15.09 33.27
CA SER B 132 19.88 15.20 31.83
C SER B 132 18.95 16.37 31.57
N LEU B 133 19.44 17.32 30.76
CA LEU B 133 18.72 18.54 30.43
C LEU B 133 18.70 18.80 28.92
N GLU B 134 18.76 17.73 28.13
CA GLU B 134 18.66 17.81 26.69
C GLU B 134 17.38 18.56 26.22
N ALA B 135 17.48 19.23 25.09
CA ALA B 135 16.31 19.88 24.46
C ALA B 135 15.55 20.87 25.38
N ASN B 136 16.31 21.54 26.25
CA ASN B 136 15.81 22.74 26.95
C ASN B 136 16.34 24.02 26.28
N ASN B 137 16.25 25.17 26.93
CA ASN B 137 16.73 26.46 26.39
C ASN B 137 17.74 27.09 27.36
N ILE B 138 18.71 26.27 27.76
CA ILE B 138 19.79 26.65 28.64
C ILE B 138 20.98 26.72 27.73
N PHE B 139 21.46 27.91 27.46
CA PHE B 139 22.55 28.06 26.50
C PHE B 139 23.69 28.96 27.02
N SER B 140 23.86 28.93 28.35
CA SER B 140 24.91 29.65 29.07
C SER B 140 25.09 28.97 30.44
N ILE B 141 26.27 28.39 30.62
CA ILE B 141 26.64 27.61 31.79
C ILE B 141 27.60 28.44 32.62
N ARG B 142 27.31 28.58 33.90
CA ARG B 142 28.14 29.36 34.79
C ARG B 142 28.59 28.47 35.92
N LYS B 143 29.85 28.63 36.36
CA LYS B 143 30.40 27.88 37.50
C LYS B 143 29.49 27.85 38.71
N GLU B 144 28.89 28.99 39.03
CA GLU B 144 28.03 29.13 40.22
C GLU B 144 26.82 28.18 40.19
N GLN B 145 26.20 28.05 39.02
CA GLN B 145 25.03 27.17 38.80
C GLN B 145 25.36 25.69 38.91
N LEU B 146 26.62 25.35 38.70
CA LEU B 146 27.08 23.99 38.78
C LEU B 146 27.60 23.54 40.15
N THR B 147 27.57 24.39 41.19
CA THR B 147 28.21 24.01 42.47
C THR B 147 27.42 22.92 43.16
N GLU B 148 26.08 22.98 43.08
CA GLU B 148 25.19 21.88 43.57
C GLU B 148 25.60 20.46 43.08
N LEU B 149 26.32 20.38 41.98
CA LEU B 149 26.61 19.09 41.35
C LEU B 149 27.93 18.45 41.79
N ALA B 150 28.42 18.72 43.00
CA ALA B 150 29.71 18.16 43.45
C ALA B 150 29.91 16.69 43.04
N ASN B 151 28.94 15.85 43.42
CA ASN B 151 29.04 14.41 43.22
C ASN B 151 28.55 13.90 41.86
N ILE B 152 28.34 14.80 40.89
CA ILE B 152 27.75 14.40 39.62
C ILE B 152 28.75 13.63 38.77
N GLU B 153 28.25 12.55 38.16
CA GLU B 153 29.00 11.66 37.28
C GLU B 153 28.61 11.71 35.78
N ILE B 154 27.33 11.99 35.48
CA ILE B 154 26.84 11.98 34.07
C ILE B 154 26.01 13.23 33.87
N LEU B 155 26.38 14.04 32.88
CA LEU B 155 25.72 15.33 32.68
C LEU B 155 25.43 15.54 31.19
N TYR B 156 24.15 15.54 30.81
CA TYR B 156 23.71 15.67 29.40
C TYR B 156 23.14 17.02 29.24
N LEU B 157 23.81 17.87 28.45
CA LEU B 157 23.39 19.27 28.24
C LEU B 157 23.09 19.64 26.78
N GLY B 158 23.06 18.65 25.88
CA GLY B 158 22.98 18.90 24.45
C GLY B 158 21.62 19.29 23.91
N GLN B 159 21.56 19.66 22.63
CA GLN B 159 20.30 19.99 21.93
C GLN B 159 19.57 21.16 22.52
N ASN B 160 20.31 22.03 23.20
CA ASN B 160 19.76 23.26 23.76
C ASN B 160 19.89 24.45 22.79
N CYS B 161 20.71 24.33 21.75
CA CYS B 161 20.83 25.41 20.75
C CYS B 161 21.25 24.92 19.36
N TYR B 162 20.25 24.57 18.54
CA TYR B 162 20.46 24.06 17.19
C TYR B 162 19.19 24.24 16.36
N TYR B 163 19.20 23.88 15.08
CA TYR B 163 18.13 24.29 14.17
C TYR B 163 16.73 23.81 14.59
N ARG B 164 16.63 22.67 15.25
CA ARG B 164 15.35 22.20 15.74
C ARG B 164 14.93 22.93 17.02
N ASN B 165 15.82 23.69 17.63
CA ASN B 165 15.54 24.35 18.89
C ASN B 165 16.52 25.50 19.13
N PRO B 166 16.41 26.55 18.34
CA PRO B 166 17.47 27.56 18.32
C PRO B 166 17.44 28.45 19.54
N CYS B 167 18.62 28.96 19.89
CA CYS B 167 18.79 29.99 20.91
C CYS B 167 19.31 31.32 20.35
N TYR B 168 19.70 31.36 19.07
CA TYR B 168 20.09 32.61 18.37
C TYR B 168 21.39 33.28 18.83
N VAL B 169 22.18 32.63 19.69
CA VAL B 169 23.51 33.15 20.07
C VAL B 169 24.45 31.97 20.22
N SER B 170 25.72 32.25 20.45
CA SER B 170 26.66 31.21 20.78
C SER B 170 26.38 30.68 22.18
N TYR B 171 26.72 29.43 22.35
CA TYR B 171 26.75 28.84 23.64
C TYR B 171 27.85 29.57 24.42
N SER B 172 27.68 29.70 25.73
CA SER B 172 28.70 30.29 26.63
C SER B 172 28.95 29.33 27.77
N ILE B 173 30.22 29.12 28.06
CA ILE B 173 30.64 28.32 29.18
C ILE B 173 31.69 29.11 29.91
N GLU B 174 31.47 29.45 31.18
CA GLU B 174 32.51 30.12 31.97
C GLU B 174 33.81 29.29 32.00
N LYS B 175 34.96 29.99 31.99
CA LYS B 175 36.26 29.37 32.22
C LYS B 175 36.20 28.49 33.49
N ASP B 176 36.65 27.24 33.33
CA ASP B 176 36.75 26.26 34.43
C ASP B 176 35.39 25.85 35.05
N ALA B 177 34.27 26.10 34.34
CA ALA B 177 32.92 25.82 34.84
C ALA B 177 32.76 24.43 35.42
N PHE B 178 33.23 23.44 34.69
CA PHE B 178 33.12 22.04 35.09
C PHE B 178 34.28 21.52 35.92
N LEU B 179 35.29 22.35 36.22
CA LEU B 179 36.56 21.82 36.79
C LEU B 179 36.42 21.19 38.17
N ASN B 180 35.67 21.85 39.06
CA ASN B 180 35.48 21.36 40.42
C ASN B 180 34.36 20.28 40.55
N LEU B 181 33.88 19.74 39.41
CA LEU B 181 33.00 18.56 39.42
C LEU B 181 33.90 17.34 39.39
N THR B 182 34.50 17.04 40.53
CA THR B 182 35.65 16.13 40.59
C THR B 182 35.33 14.66 40.34
N LYS B 183 34.03 14.34 40.20
CA LYS B 183 33.59 12.97 39.93
C LYS B 183 32.98 12.75 38.54
N LEU B 184 32.91 13.82 37.74
CA LEU B 184 32.29 13.80 36.40
C LEU B 184 33.00 12.83 35.43
N LYS B 185 32.22 11.94 34.85
CA LYS B 185 32.75 10.97 33.92
C LYS B 185 32.24 11.21 32.49
N VAL B 186 30.99 11.65 32.34
CA VAL B 186 30.34 11.77 31.03
C VAL B 186 29.78 13.15 30.89
N LEU B 187 30.26 13.90 29.91
CA LEU B 187 29.77 15.24 29.60
C LEU B 187 29.36 15.26 28.12
N SER B 188 28.14 15.73 27.83
CA SER B 188 27.62 15.80 26.45
C SER B 188 27.14 17.21 26.18
N LEU B 189 27.77 17.87 25.22
CA LEU B 189 27.51 19.27 24.93
C LEU B 189 27.17 19.41 23.47
N LYS B 190 26.69 18.32 22.89
CA LYS B 190 26.35 18.22 21.47
C LYS B 190 25.22 19.13 21.07
N ASP B 191 25.12 19.39 19.77
CA ASP B 191 23.99 20.14 19.19
C ASP B 191 23.74 21.43 19.98
N ASN B 192 24.80 22.19 20.24
CA ASN B 192 24.68 23.38 21.09
C ASN B 192 25.21 24.73 20.61
N ASN B 193 25.71 24.85 19.39
CA ASN B 193 26.29 26.12 18.95
C ASN B 193 27.52 26.54 19.81
N VAL B 194 28.28 25.53 20.27
CA VAL B 194 29.50 25.74 21.04
C VAL B 194 30.58 26.21 20.09
N THR B 195 31.42 27.17 20.52
CA THR B 195 32.49 27.71 19.66
C THR B 195 33.89 27.28 20.03
N THR B 196 34.13 26.86 21.28
CA THR B 196 35.46 26.35 21.66
C THR B 196 35.29 25.23 22.67
N VAL B 197 36.26 24.32 22.66
CA VAL B 197 36.29 23.28 23.67
C VAL B 197 36.36 23.97 25.01
N PRO B 198 35.38 23.78 25.91
CA PRO B 198 35.52 24.40 27.23
C PRO B 198 36.67 23.81 28.02
N THR B 199 37.34 24.67 28.79
CA THR B 199 38.50 24.28 29.59
C THR B 199 38.43 25.02 30.92
N VAL B 200 39.09 24.53 31.96
CA VAL B 200 39.76 23.21 31.97
C VAL B 200 38.70 22.21 32.45
N LEU B 201 38.75 21.02 31.92
CA LEU B 201 37.74 20.01 32.22
C LEU B 201 38.33 19.07 33.24
N PRO B 202 37.47 18.45 34.07
CA PRO B 202 38.00 17.60 35.11
C PRO B 202 38.61 16.31 34.53
N SER B 203 39.73 15.86 35.09
CA SER B 203 40.55 14.80 34.46
C SER B 203 39.92 13.42 34.64
N THR B 204 38.97 13.39 35.54
CA THR B 204 38.15 12.24 35.76
C THR B 204 37.29 11.77 34.55
N LEU B 205 37.05 12.64 33.57
CA LEU B 205 36.25 12.33 32.36
C LEU B 205 36.64 11.08 31.60
N THR B 206 35.62 10.29 31.27
CA THR B 206 35.77 9.10 30.41
C THR B 206 35.18 9.30 29.03
N GLU B 207 34.12 10.09 28.93
CA GLU B 207 33.44 10.33 27.66
C GLU B 207 33.10 11.80 27.51
N LEU B 208 33.47 12.37 26.36
CA LEU B 208 33.22 13.77 26.04
C LEU B 208 32.58 13.87 24.65
N TYR B 209 31.37 14.45 24.59
CA TYR B 209 30.59 14.56 23.35
C TYR B 209 30.45 16.04 22.95
N LEU B 210 31.18 16.44 21.91
CA LEU B 210 31.23 17.85 21.45
C LEU B 210 30.80 17.97 20.02
N TYR B 211 30.10 16.95 19.51
CA TYR B 211 29.72 16.93 18.10
C TYR B 211 28.54 17.85 17.77
N ASN B 212 28.47 18.23 16.48
CA ASN B 212 27.46 19.14 15.95
C ASN B 212 27.47 20.48 16.68
N ASN B 213 28.52 21.24 16.43
CA ASN B 213 28.74 22.57 17.04
C ASN B 213 29.46 23.51 16.02
N MET B 214 29.97 24.65 16.50
CA MET B 214 30.67 25.65 15.69
C MET B 214 32.09 25.81 16.24
N ILE B 215 32.77 24.68 16.45
CA ILE B 215 34.14 24.67 16.89
C ILE B 215 34.99 24.60 15.61
N ALA B 216 35.72 25.68 15.32
CA ALA B 216 36.59 25.77 14.13
C ALA B 216 38.04 25.30 14.38
N GLU B 217 38.47 25.34 15.63
CA GLU B 217 39.81 24.99 16.02
C GLU B 217 39.88 24.29 17.34
N ILE B 218 40.68 23.23 17.40
CA ILE B 218 41.11 22.67 18.66
C ILE B 218 42.45 23.31 18.99
N GLN B 219 42.57 23.87 20.21
CA GLN B 219 43.86 24.32 20.76
C GLN B 219 44.64 23.11 21.26
N GLU B 220 45.97 23.16 21.20
CA GLU B 220 46.79 21.99 21.60
C GLU B 220 46.67 21.62 23.07
N ASP B 221 46.23 22.61 23.85
CA ASP B 221 45.86 22.50 25.27
C ASP B 221 44.58 21.76 25.60
N ASP B 222 43.63 21.74 24.67
CA ASP B 222 42.23 21.52 25.01
C ASP B 222 41.95 20.18 25.75
N PHE B 223 42.75 19.15 25.53
CA PHE B 223 42.54 17.83 26.15
C PHE B 223 43.73 17.36 27.01
N ASN B 224 44.55 18.32 27.46
CA ASN B 224 45.81 18.06 28.19
C ASN B 224 45.72 17.16 29.38
N ASN B 225 44.68 17.32 30.16
CA ASN B 225 44.64 16.57 31.41
C ASN B 225 43.76 15.34 31.34
N LEU B 226 43.12 15.08 30.20
CA LEU B 226 42.08 14.07 30.13
C LEU B 226 42.65 12.68 29.93
N ASN B 227 43.44 12.26 30.90
CA ASN B 227 44.21 11.01 30.81
C ASN B 227 43.39 9.75 31.11
N GLN B 228 42.12 9.90 31.50
CA GLN B 228 41.20 8.76 31.64
C GLN B 228 40.13 8.70 30.55
N LEU B 229 40.21 9.62 29.59
CA LEU B 229 39.22 9.70 28.51
C LEU B 229 39.26 8.47 27.58
N GLN B 230 38.08 7.91 27.34
CA GLN B 230 37.90 6.72 26.51
C GLN B 230 37.17 7.02 25.21
N ILE B 231 36.22 7.96 25.24
CA ILE B 231 35.47 8.32 24.05
C ILE B 231 35.54 9.82 23.84
N LEU B 232 36.05 10.21 22.67
CA LEU B 232 35.98 11.61 22.25
C LEU B 232 35.24 11.67 20.93
N ASP B 233 34.28 12.58 20.84
CA ASP B 233 33.54 12.79 19.61
C ASP B 233 33.52 14.28 19.31
N LEU B 234 34.15 14.65 18.20
CA LEU B 234 34.25 16.03 17.76
C LEU B 234 33.59 16.20 16.43
N SER B 235 32.75 15.21 16.06
CA SER B 235 32.16 15.17 14.70
C SER B 235 31.31 16.38 14.35
N GLY B 236 31.14 16.66 13.07
CA GLY B 236 30.18 17.70 12.64
C GLY B 236 30.51 19.07 13.13
N ASN B 237 31.80 19.34 13.27
CA ASN B 237 32.34 20.69 13.47
C ASN B 237 33.15 20.97 12.21
N CYS B 238 32.75 21.95 11.43
CA CYS B 238 33.17 22.09 10.03
C CYS B 238 32.64 20.91 9.19
N PRO B 239 31.30 20.77 9.17
CA PRO B 239 30.73 19.68 8.43
C PRO B 239 30.94 19.77 6.92
N ARG B 240 30.96 18.59 6.30
CA ARG B 240 30.88 18.41 4.87
C ARG B 240 29.39 18.42 4.55
N CYS B 241 28.95 19.35 3.73
CA CYS B 241 27.54 19.65 3.56
C CYS B 241 26.87 19.12 2.29
N TYR B 242 27.63 18.54 1.37
CA TYR B 242 27.05 17.99 0.14
C TYR B 242 25.93 16.95 0.46
N ASN B 243 24.73 17.20 -0.10
CA ASN B 243 23.52 16.36 0.12
C ASN B 243 23.15 16.12 1.59
N ALA B 244 23.51 17.04 2.46
CA ALA B 244 23.18 16.89 3.87
C ALA B 244 21.66 17.08 3.97
N PRO B 245 20.98 16.21 4.71
CA PRO B 245 19.53 16.31 4.89
C PRO B 245 19.14 17.18 6.08
N PHE B 246 20.07 17.98 6.56
CA PHE B 246 19.75 18.97 7.57
C PHE B 246 20.38 20.28 7.08
N PRO B 247 19.89 21.43 7.58
CA PRO B 247 20.59 22.68 7.27
C PRO B 247 22.03 22.62 7.79
N CYS B 248 22.96 23.03 6.94
CA CYS B 248 24.34 22.72 7.10
C CYS B 248 25.12 23.95 6.71
N THR B 249 25.90 24.46 7.65
CA THR B 249 26.74 25.60 7.40
C THR B 249 28.23 25.18 7.56
N PRO B 250 29.00 25.20 6.43
CA PRO B 250 30.41 24.78 6.48
C PRO B 250 31.25 25.90 7.09
N CYS B 251 32.45 25.55 7.56
CA CYS B 251 33.41 26.54 8.01
C CYS B 251 33.83 27.36 6.77
N LYS B 252 34.11 28.64 6.99
CA LYS B 252 34.57 29.54 5.93
C LYS B 252 35.88 29.00 5.28
N ASN B 253 36.08 29.38 4.02
CA ASN B 253 37.28 29.05 3.25
C ASN B 253 37.47 27.60 3.01
N ASN B 254 36.38 26.82 2.92
CA ASN B 254 36.49 25.33 2.85
C ASN B 254 37.48 24.72 3.85
N SER B 255 37.46 25.24 5.05
CA SER B 255 38.45 24.89 6.01
C SER B 255 37.99 23.63 6.77
N PRO B 256 38.94 22.81 7.27
CA PRO B 256 38.60 21.71 8.17
C PRO B 256 38.59 22.12 9.64
N LEU B 257 38.14 21.20 10.49
CA LEU B 257 38.36 21.33 11.91
C LEU B 257 39.86 21.25 12.02
N GLN B 258 40.47 22.30 12.54
CA GLN B 258 41.94 22.39 12.69
C GLN B 258 42.35 21.72 14.01
N ILE B 259 43.06 20.62 13.91
CA ILE B 259 43.52 19.88 15.09
C ILE B 259 45.07 19.85 15.06
N PRO B 260 45.71 20.44 16.08
CA PRO B 260 47.12 20.34 16.20
C PRO B 260 47.56 18.91 16.25
N VAL B 261 48.73 18.66 15.68
CA VAL B 261 49.30 17.32 15.66
C VAL B 261 49.51 16.67 17.05
N ASN B 262 49.73 17.48 18.07
CA ASN B 262 49.89 16.96 19.46
C ASN B 262 48.64 17.04 20.34
N ALA B 263 47.48 17.34 19.74
CA ALA B 263 46.24 17.57 20.48
C ALA B 263 45.80 16.38 21.32
N PHE B 264 46.11 15.17 20.85
CA PHE B 264 45.61 13.95 21.50
C PHE B 264 46.62 13.29 22.43
N ASP B 265 47.80 13.91 22.56
CA ASP B 265 48.90 13.31 23.33
C ASP B 265 48.60 12.78 24.74
N ALA B 266 47.76 13.49 25.46
CA ALA B 266 47.38 13.08 26.80
C ALA B 266 46.45 11.86 26.87
N LEU B 267 45.84 11.46 25.76
CA LEU B 267 44.68 10.57 25.79
C LEU B 267 45.09 9.11 25.68
N THR B 268 45.86 8.63 26.64
CA THR B 268 46.51 7.30 26.51
C THR B 268 45.48 6.18 26.58
N GLU B 269 44.32 6.47 27.20
CA GLU B 269 43.22 5.51 27.34
C GLU B 269 42.19 5.56 26.22
N LEU B 270 42.30 6.51 25.29
CA LEU B 270 41.29 6.71 24.24
C LEU B 270 41.03 5.43 23.44
N LYS B 271 39.78 4.97 23.51
CA LYS B 271 39.30 3.78 22.80
C LYS B 271 38.52 4.09 21.52
N VAL B 272 37.75 5.20 21.56
CA VAL B 272 36.90 5.63 20.46
C VAL B 272 37.18 7.08 20.12
N LEU B 273 37.47 7.33 18.85
CA LEU B 273 37.65 8.69 18.36
C LEU B 273 36.75 8.88 17.15
N ARG B 274 35.93 9.92 17.16
CA ARG B 274 34.92 10.13 16.12
C ARG B 274 35.12 11.48 15.48
N LEU B 275 35.54 11.47 14.23
CA LEU B 275 35.85 12.66 13.46
C LEU B 275 35.11 12.60 12.11
N HIS B 276 33.80 12.52 12.23
CA HIS B 276 32.87 12.41 11.12
C HIS B 276 32.47 13.81 10.82
N SER B 277 32.47 14.14 9.54
CA SER B 277 31.96 15.44 9.07
C SER B 277 32.73 16.59 9.73
N ASN B 278 34.04 16.53 9.60
CA ASN B 278 34.94 17.59 9.98
C ASN B 278 35.70 18.18 8.78
N SER B 279 35.31 17.82 7.56
CA SER B 279 35.93 18.36 6.34
C SER B 279 37.46 18.16 6.32
N LEU B 280 37.95 17.06 6.88
CA LEU B 280 39.38 16.76 6.91
C LEU B 280 39.91 16.35 5.54
N GLN B 281 41.00 16.97 5.13
CA GLN B 281 41.70 16.60 3.91
C GLN B 281 42.88 15.68 4.16
N HIS B 282 43.44 15.70 5.37
CA HIS B 282 44.61 14.90 5.73
C HIS B 282 44.37 14.27 7.08
N VAL B 283 45.06 13.16 7.32
CA VAL B 283 45.03 12.49 8.61
C VAL B 283 46.49 12.31 9.03
N PRO B 284 47.05 13.30 9.77
CA PRO B 284 48.47 13.24 10.19
C PRO B 284 48.77 12.11 11.16
N PRO B 285 49.71 11.20 10.81
CA PRO B 285 50.19 10.11 11.68
C PRO B 285 50.50 10.55 13.11
N ARG B 286 51.10 11.74 13.21
CA ARG B 286 51.51 12.28 14.48
C ARG B 286 50.36 12.29 15.53
N TRP B 287 49.10 12.51 15.08
CA TRP B 287 47.91 12.45 15.95
C TRP B 287 47.89 11.22 16.82
N PHE B 288 48.27 10.07 16.27
CA PHE B 288 48.16 8.79 17.00
C PHE B 288 49.43 8.25 17.65
N LYS B 289 50.48 9.08 17.75
CA LYS B 289 51.77 8.65 18.32
C LYS B 289 51.64 8.04 19.72
N ASN B 290 50.86 8.65 20.61
CA ASN B 290 50.66 8.13 21.99
C ASN B 290 49.30 7.48 22.27
N ILE B 291 48.53 7.12 21.24
CA ILE B 291 47.31 6.36 21.45
C ILE B 291 47.42 4.99 20.77
N ASN B 292 47.73 3.98 21.57
CA ASN B 292 47.79 2.61 21.08
C ASN B 292 46.70 1.72 21.62
N ASN B 293 45.79 2.28 22.42
CA ASN B 293 44.59 1.55 22.86
C ASN B 293 43.41 1.74 21.88
N LEU B 294 43.62 2.42 20.74
CA LEU B 294 42.46 2.91 19.97
C LEU B 294 41.82 1.79 19.20
N GLN B 295 40.53 1.64 19.43
CA GLN B 295 39.73 0.56 18.89
C GLN B 295 38.72 0.95 17.82
N GLU B 296 38.16 2.16 17.92
CA GLU B 296 37.18 2.65 16.95
C GLU B 296 37.55 4.04 16.43
N LEU B 297 37.52 4.18 15.11
CA LEU B 297 37.81 5.43 14.46
C LEU B 297 36.82 5.69 13.32
N ASP B 298 36.10 6.80 13.41
CA ASP B 298 35.15 7.21 12.41
C ASP B 298 35.68 8.43 11.66
N LEU B 299 36.09 8.21 10.41
CA LEU B 299 36.53 9.26 9.53
C LEU B 299 35.60 9.44 8.31
N SER B 300 34.32 9.11 8.49
CA SER B 300 33.32 9.30 7.45
C SER B 300 32.96 10.77 7.27
N GLN B 301 32.53 11.13 6.05
CA GLN B 301 32.12 12.50 5.69
C GLN B 301 33.23 13.50 5.81
N ASN B 302 34.39 13.15 5.29
CA ASN B 302 35.46 14.13 5.16
C ASN B 302 35.84 14.21 3.70
N PHE B 303 37.02 14.69 3.40
CA PHE B 303 37.49 14.78 2.03
C PHE B 303 38.78 14.00 1.95
N LEU B 304 38.69 12.73 2.30
CA LEU B 304 39.87 11.89 2.46
C LEU B 304 40.05 10.89 1.32
N ALA B 305 39.45 11.11 0.15
CA ALA B 305 39.64 10.19 -0.98
C ALA B 305 41.12 9.94 -1.28
N LYS B 306 41.93 11.02 -1.37
CA LYS B 306 43.36 10.90 -1.68
C LYS B 306 44.09 10.23 -0.55
N GLU B 307 43.80 10.63 0.68
CA GLU B 307 44.43 10.06 1.85
C GLU B 307 44.25 8.55 1.96
N ILE B 308 43.14 8.02 1.42
CA ILE B 308 42.92 6.57 1.44
C ILE B 308 43.99 5.82 0.64
N GLY B 309 44.53 6.46 -0.40
CA GLY B 309 45.63 5.88 -1.20
C GLY B 309 47.02 5.90 -0.53
N ASP B 310 47.15 6.73 0.50
CA ASP B 310 48.37 6.92 1.25
C ASP B 310 48.24 6.39 2.69
N ALA B 311 47.44 7.06 3.51
CA ALA B 311 47.08 6.57 4.84
C ALA B 311 48.26 6.11 5.72
N LYS B 312 49.33 6.90 5.80
CA LYS B 312 50.47 6.53 6.66
C LYS B 312 50.05 6.35 8.11
N PHE B 313 49.01 7.09 8.55
CA PHE B 313 48.52 7.01 9.94
C PHE B 313 48.10 5.61 10.42
N LEU B 314 47.73 4.74 9.48
CA LEU B 314 47.29 3.39 9.83
C LEU B 314 48.37 2.52 10.48
N HIS B 315 49.63 2.78 10.17
CA HIS B 315 50.75 2.07 10.82
C HIS B 315 50.76 2.27 12.36
N PHE B 316 50.12 3.34 12.86
CA PHE B 316 50.09 3.63 14.29
C PHE B 316 48.88 3.04 15.03
N LEU B 317 48.12 2.17 14.37
CA LEU B 317 46.81 1.73 14.87
C LEU B 317 46.64 0.21 14.89
N PRO B 318 47.58 -0.52 15.48
CA PRO B 318 47.50 -1.99 15.41
C PRO B 318 46.40 -2.64 16.27
N ASN B 319 45.89 -1.92 17.28
CA ASN B 319 44.78 -2.46 18.09
C ASN B 319 43.37 -2.08 17.61
N LEU B 320 43.29 -1.41 16.45
CA LEU B 320 42.04 -0.88 15.94
C LEU B 320 41.11 -1.99 15.44
N ILE B 321 39.88 -1.96 15.92
CA ILE B 321 38.86 -2.98 15.70
C ILE B 321 37.91 -2.56 14.58
N GLN B 322 37.44 -1.30 14.59
CA GLN B 322 36.60 -0.70 13.51
C GLN B 322 37.22 0.53 12.92
N LEU B 323 37.13 0.63 11.60
CA LEU B 323 37.52 1.82 10.86
C LEU B 323 36.44 2.17 9.85
N ASP B 324 36.05 3.45 9.83
CA ASP B 324 35.07 3.94 8.87
C ASP B 324 35.58 5.12 8.07
N LEU B 325 35.65 4.92 6.75
CA LEU B 325 36.13 5.93 5.81
C LEU B 325 35.07 6.21 4.76
N SER B 326 33.80 6.14 5.16
CA SER B 326 32.70 6.22 4.22
C SER B 326 32.41 7.66 3.83
N PHE B 327 31.96 7.85 2.60
CA PHE B 327 31.60 9.17 2.09
C PHE B 327 32.74 10.21 2.20
N ASN B 328 33.85 9.84 1.58
CA ASN B 328 34.99 10.72 1.36
C ASN B 328 35.21 11.10 -0.12
N PHE B 329 34.23 10.79 -0.98
CA PHE B 329 34.35 11.02 -2.42
C PHE B 329 34.59 12.44 -2.72
N GLU B 330 35.35 12.70 -3.76
CA GLU B 330 35.47 14.05 -4.29
C GLU B 330 34.26 14.39 -5.14
N LEU B 331 33.68 15.56 -4.91
CA LEU B 331 32.51 15.99 -5.66
C LEU B 331 32.79 15.90 -7.17
N GLN B 332 31.84 15.38 -7.94
CA GLN B 332 31.89 15.34 -9.42
C GLN B 332 32.91 14.35 -10.02
N VAL B 333 33.47 13.47 -9.20
CA VAL B 333 34.46 12.55 -9.68
C VAL B 333 33.91 11.15 -9.57
N TYR B 334 34.06 10.38 -10.64
CA TYR B 334 33.74 8.96 -10.69
C TYR B 334 35.04 8.22 -10.95
N ARG B 335 35.76 7.84 -9.90
CA ARG B 335 37.02 7.10 -10.07
C ARG B 335 36.88 5.79 -10.86
N ALA B 336 37.97 5.40 -11.54
CA ALA B 336 37.99 4.16 -12.29
C ALA B 336 38.09 2.98 -11.34
N SER B 337 38.73 3.20 -10.20
CA SER B 337 39.04 2.11 -9.28
C SER B 337 39.21 2.63 -7.86
N MET B 338 39.41 1.70 -6.93
CA MET B 338 39.72 2.01 -5.53
C MET B 338 41.19 1.80 -5.22
N ASN B 339 41.87 2.87 -4.79
CA ASN B 339 43.28 2.85 -4.43
C ASN B 339 43.29 2.77 -2.89
N LEU B 340 43.42 1.55 -2.36
CA LEU B 340 43.72 1.34 -0.91
C LEU B 340 45.24 1.22 -0.67
N SER B 341 45.77 2.10 0.17
CA SER B 341 47.14 2.02 0.60
C SER B 341 47.56 0.67 1.24
N GLN B 342 48.77 0.19 0.93
CA GLN B 342 49.34 -0.96 1.67
C GLN B 342 49.25 -0.80 3.17
N ALA B 343 49.28 0.43 3.67
CA ALA B 343 49.17 0.67 5.10
C ALA B 343 47.99 -0.04 5.75
N PHE B 344 46.88 -0.22 5.02
CA PHE B 344 45.77 -1.08 5.48
C PHE B 344 46.24 -2.47 6.00
N SER B 345 47.30 -3.05 5.43
CA SER B 345 47.88 -4.29 5.96
C SER B 345 48.48 -4.21 7.37
N SER B 346 48.71 -3.01 7.91
CA SER B 346 49.11 -2.83 9.33
C SER B 346 48.04 -3.16 10.34
N LEU B 347 46.77 -3.24 9.92
CA LEU B 347 45.65 -3.25 10.86
C LEU B 347 45.40 -4.66 11.40
N LYS B 348 46.36 -5.19 12.16
CA LYS B 348 46.29 -6.55 12.69
C LYS B 348 44.95 -6.85 13.39
N SER B 349 44.38 -5.91 14.16
CA SER B 349 43.14 -6.23 14.91
C SER B 349 41.80 -5.92 14.19
N LEU B 350 41.84 -5.38 12.98
CA LEU B 350 40.63 -4.95 12.29
C LEU B 350 39.59 -6.04 12.10
N LYS B 351 38.40 -5.78 12.60
CA LYS B 351 37.23 -6.61 12.38
C LYS B 351 36.27 -5.98 11.38
N ILE B 352 36.05 -4.68 11.46
CA ILE B 352 35.07 -4.01 10.62
C ILE B 352 35.73 -2.91 9.83
N LEU B 353 35.59 -2.97 8.50
CA LEU B 353 36.05 -1.87 7.66
C LEU B 353 34.88 -1.42 6.81
N ARG B 354 34.61 -0.12 6.81
CA ARG B 354 33.52 0.46 5.99
C ARG B 354 34.06 1.57 5.11
N ILE B 355 33.90 1.41 3.80
CA ILE B 355 34.23 2.46 2.85
C ILE B 355 33.06 2.55 1.86
N ARG B 356 31.91 2.93 2.41
CA ARG B 356 30.81 3.43 1.59
C ARG B 356 31.18 4.70 0.86
N GLY B 357 30.52 4.97 -0.26
CA GLY B 357 30.66 6.29 -0.91
C GLY B 357 32.07 6.78 -1.19
N TYR B 358 32.93 5.87 -1.61
CA TYR B 358 34.22 6.22 -2.20
C TYR B 358 33.98 6.61 -3.66
N VAL B 359 33.16 5.81 -4.35
CA VAL B 359 32.61 6.13 -5.67
C VAL B 359 33.58 5.82 -6.79
N PHE B 360 33.44 4.61 -7.34
CA PHE B 360 34.32 4.09 -8.37
C PHE B 360 33.64 3.03 -9.22
N LYS B 361 34.15 2.85 -10.45
CA LYS B 361 33.45 2.10 -11.49
C LYS B 361 33.70 0.61 -11.41
N GLU B 362 34.94 0.25 -11.15
CA GLU B 362 35.35 -1.14 -11.28
C GLU B 362 36.13 -1.58 -10.07
N LEU B 363 35.63 -2.60 -9.40
CA LEU B 363 36.34 -3.25 -8.32
C LEU B 363 37.07 -4.46 -8.87
N LYS B 364 38.35 -4.55 -8.54
CA LYS B 364 39.19 -5.69 -8.98
C LYS B 364 39.99 -6.33 -7.85
N SER B 365 40.13 -7.65 -7.92
CA SER B 365 40.65 -8.50 -6.82
C SER B 365 41.86 -7.91 -6.13
N PHE B 366 42.85 -7.53 -6.93
CA PHE B 366 44.13 -7.10 -6.42
C PHE B 366 43.98 -5.86 -5.53
N GLN B 367 43.03 -4.97 -5.88
CA GLN B 367 42.77 -3.71 -5.12
C GLN B 367 42.41 -3.90 -3.65
N LEU B 368 41.96 -5.11 -3.29
CA LEU B 368 41.72 -5.48 -1.89
C LEU B 368 42.89 -6.23 -1.21
N SER B 369 44.06 -6.32 -1.87
CA SER B 369 45.18 -7.15 -1.36
C SER B 369 45.78 -6.64 -0.07
N PRO B 370 45.68 -5.33 0.22
CA PRO B 370 46.06 -4.90 1.55
C PRO B 370 45.25 -5.53 2.66
N LEU B 371 44.06 -6.01 2.34
CA LEU B 371 43.22 -6.64 3.33
C LEU B 371 43.44 -8.16 3.46
N HIS B 372 44.23 -8.79 2.58
CA HIS B 372 44.28 -10.27 2.49
C HIS B 372 44.67 -10.94 3.80
N ASN B 373 45.73 -10.44 4.44
CA ASN B 373 46.20 -11.02 5.72
C ASN B 373 45.66 -10.38 6.99
N LEU B 374 44.55 -9.64 6.92
CA LEU B 374 43.87 -9.17 8.13
C LEU B 374 43.11 -10.34 8.73
N GLN B 375 43.79 -11.09 9.59
CA GLN B 375 43.26 -12.37 10.09
C GLN B 375 41.90 -12.24 10.82
N ASN B 376 41.64 -11.10 11.45
CA ASN B 376 40.40 -10.91 12.21
C ASN B 376 39.27 -10.21 11.47
N LEU B 377 39.47 -9.86 10.20
CA LEU B 377 38.45 -9.12 9.48
C LEU B 377 37.14 -9.91 9.39
N GLU B 378 36.05 -9.31 9.87
CA GLU B 378 34.73 -9.92 9.86
C GLU B 378 33.79 -9.21 8.89
N VAL B 379 33.95 -7.89 8.64
CA VAL B 379 33.01 -7.13 7.82
C VAL B 379 33.74 -6.24 6.87
N LEU B 380 33.40 -6.37 5.58
CA LEU B 380 33.87 -5.41 4.55
C LEU B 380 32.66 -4.78 3.89
N ASP B 381 32.48 -3.47 4.11
CA ASP B 381 31.31 -2.76 3.63
C ASP B 381 31.71 -1.76 2.56
N LEU B 382 31.40 -2.08 1.32
CA LEU B 382 31.69 -1.24 0.17
C LEU B 382 30.40 -0.88 -0.52
N GLY B 383 29.36 -0.63 0.28
CA GLY B 383 28.05 -0.26 -0.24
C GLY B 383 28.03 1.15 -0.80
N THR B 384 27.05 1.45 -1.66
CA THR B 384 26.82 2.84 -2.12
C THR B 384 28.09 3.41 -2.74
N ASN B 385 28.64 2.67 -3.67
CA ASN B 385 29.81 3.10 -4.43
C ASN B 385 29.63 3.27 -5.95
N PHE B 386 28.44 2.96 -6.48
CA PHE B 386 28.20 2.95 -7.90
C PHE B 386 29.22 2.08 -8.64
N ILE B 387 29.55 0.94 -8.04
CA ILE B 387 30.39 -0.05 -8.70
C ILE B 387 29.59 -0.67 -9.85
N LYS B 388 30.13 -0.67 -11.07
CA LYS B 388 29.52 -1.30 -12.24
C LYS B 388 30.02 -2.70 -12.53
N ILE B 389 31.24 -3.04 -12.11
CA ILE B 389 31.87 -4.30 -12.49
C ILE B 389 32.59 -4.87 -11.28
N ALA B 390 32.27 -6.12 -10.97
CA ALA B 390 32.90 -6.86 -9.87
C ALA B 390 32.91 -8.40 -10.09
N ASN B 391 34.09 -8.97 -10.33
CA ASN B 391 34.18 -10.42 -10.37
C ASN B 391 33.96 -10.85 -8.93
N LEU B 392 32.78 -11.41 -8.67
CA LEU B 392 32.40 -11.83 -7.32
C LEU B 392 33.29 -12.95 -6.79
N SER B 393 33.99 -13.66 -7.67
CA SER B 393 34.93 -14.71 -7.27
C SER B 393 36.10 -14.18 -6.46
N MET B 394 36.40 -12.87 -6.52
CA MET B 394 37.50 -12.35 -5.73
C MET B 394 37.30 -12.68 -4.26
N PHE B 395 36.04 -12.78 -3.85
CA PHE B 395 35.74 -13.05 -2.45
C PHE B 395 36.05 -14.48 -1.95
N LYS B 396 36.56 -15.37 -2.81
CA LYS B 396 37.13 -16.66 -2.36
C LYS B 396 38.27 -16.49 -1.35
N GLN B 397 38.97 -15.34 -1.41
CA GLN B 397 39.98 -14.96 -0.43
C GLN B 397 39.42 -14.26 0.80
N PHE B 398 38.11 -14.33 1.03
CA PHE B 398 37.51 -13.71 2.21
C PHE B 398 36.51 -14.65 2.86
N LYS B 399 36.76 -15.96 2.77
CA LYS B 399 35.97 -17.00 3.48
C LYS B 399 35.76 -16.71 4.97
N ARG B 400 36.75 -16.10 5.61
CA ARG B 400 36.73 -15.89 7.06
C ARG B 400 35.73 -14.81 7.46
N LEU B 401 35.43 -13.89 6.54
CA LEU B 401 34.50 -12.78 6.81
C LEU B 401 33.08 -13.26 7.06
N LYS B 402 32.40 -12.55 7.98
CA LYS B 402 30.98 -12.72 8.27
C LYS B 402 30.01 -12.03 7.30
N VAL B 403 30.38 -10.84 6.80
CA VAL B 403 29.58 -10.06 5.83
C VAL B 403 30.44 -9.30 4.82
N ILE B 404 30.14 -9.50 3.54
CA ILE B 404 30.68 -8.73 2.43
C ILE B 404 29.49 -7.94 1.88
N ASP B 405 29.48 -6.63 2.13
CA ASP B 405 28.37 -5.77 1.77
C ASP B 405 28.70 -4.95 0.53
N LEU B 406 28.07 -5.30 -0.59
CA LEU B 406 28.12 -4.53 -1.84
C LEU B 406 26.72 -3.95 -2.17
N SER B 407 25.92 -3.74 -1.13
CA SER B 407 24.59 -3.20 -1.25
C SER B 407 24.59 -1.81 -1.89
N VAL B 408 23.57 -1.55 -2.71
CA VAL B 408 23.37 -0.23 -3.31
C VAL B 408 24.56 0.12 -4.20
N ASN B 409 24.73 -0.68 -5.23
CA ASN B 409 25.76 -0.40 -6.20
C ASN B 409 25.13 -0.52 -7.56
N LYS B 410 25.93 -0.58 -8.61
CA LYS B 410 25.39 -0.59 -9.96
C LYS B 410 25.90 -1.79 -10.80
N ILE B 411 26.33 -2.84 -10.08
CA ILE B 411 26.84 -4.07 -10.65
C ILE B 411 25.88 -4.74 -11.63
N SER B 412 26.42 -5.22 -12.76
CA SER B 412 25.72 -6.14 -13.70
C SER B 412 26.75 -7.03 -14.45
N PRO B 413 26.37 -8.25 -14.94
CA PRO B 413 27.35 -9.37 -15.12
C PRO B 413 28.51 -9.10 -16.09
N VAL B 437 23.38 -4.71 11.13
CA VAL B 437 22.52 -3.80 10.36
C VAL B 437 22.66 -2.36 10.86
N LEU B 438 22.77 -1.42 9.92
CA LEU B 438 22.82 0.03 10.21
C LEU B 438 21.51 0.69 9.81
N GLU B 439 21.26 1.89 10.36
CA GLU B 439 20.06 2.69 10.03
C GLU B 439 19.98 3.01 8.52
N GLN B 440 18.77 3.10 7.98
CA GLN B 440 18.57 3.45 6.55
C GLN B 440 18.98 4.92 6.27
N LEU B 441 18.76 5.77 7.27
CA LEU B 441 19.44 7.07 7.41
C LEU B 441 20.42 6.89 8.60
N TYR B 442 21.70 6.69 8.27
CA TYR B 442 22.78 6.46 9.24
C TYR B 442 23.90 7.47 9.04
N TYR B 443 24.50 7.45 7.86
CA TYR B 443 25.64 8.35 7.53
C TYR B 443 25.25 9.79 7.29
N PHE B 444 23.98 10.01 6.96
CA PHE B 444 23.51 11.33 6.60
C PHE B 444 22.64 12.00 7.67
N ARG B 445 21.99 11.23 8.55
CA ARG B 445 21.15 11.84 9.59
C ARG B 445 21.96 12.70 10.57
N TYR B 446 21.29 13.73 11.09
CA TYR B 446 21.94 14.81 11.85
C TYR B 446 22.67 14.31 13.11
N ASP B 447 21.95 13.55 13.91
CA ASP B 447 22.44 13.01 15.16
C ASP B 447 21.89 11.60 15.23
N LYS B 448 22.71 10.63 14.84
CA LYS B 448 22.31 9.21 14.85
C LYS B 448 22.05 8.66 16.28
N TYR B 449 22.47 9.39 17.32
CA TYR B 449 22.23 9.03 18.74
C TYR B 449 21.21 9.94 19.43
N ALA B 450 20.34 10.62 18.68
CA ALA B 450 19.34 11.52 19.29
C ALA B 450 18.30 10.72 20.03
N ARG B 451 18.05 11.12 21.27
CA ARG B 451 17.06 10.51 22.14
C ARG B 451 15.68 11.01 21.75
N SER B 452 14.74 10.07 21.62
CA SER B 452 13.32 10.41 21.47
C SER B 452 12.63 10.21 22.82
N CYS B 453 11.80 11.17 23.19
CA CYS B 453 10.82 11.05 24.26
C CYS B 453 10.13 9.67 24.26
N SER B 468 16.94 -10.41 8.74
CA SER B 468 18.39 -10.38 8.51
C SER B 468 19.08 -11.78 8.61
N CYS B 469 19.92 -12.11 7.62
CA CYS B 469 20.45 -13.47 7.44
C CYS B 469 21.90 -13.67 7.88
N TYR B 470 22.48 -12.68 8.58
CA TYR B 470 23.91 -12.72 8.99
C TYR B 470 24.22 -13.94 9.88
N LYS B 471 23.24 -14.31 10.69
CA LYS B 471 23.35 -15.43 11.62
C LYS B 471 23.43 -16.83 10.99
N TYR B 472 23.11 -16.95 9.72
CA TYR B 472 23.33 -18.20 8.99
C TYR B 472 24.80 -18.47 8.67
N GLY B 473 25.62 -17.41 8.73
CA GLY B 473 27.07 -17.48 8.48
C GLY B 473 27.42 -16.48 7.39
N GLN B 474 28.42 -16.81 6.60
CA GLN B 474 28.95 -15.89 5.60
C GLN B 474 27.92 -15.33 4.61
N THR B 475 27.90 -14.00 4.52
CA THR B 475 26.91 -13.31 3.76
C THR B 475 27.54 -12.45 2.64
N LEU B 476 27.00 -12.62 1.43
CA LEU B 476 27.34 -11.73 0.35
C LEU B 476 26.08 -10.93 0.06
N ASP B 477 26.10 -9.64 0.36
CA ASP B 477 24.94 -8.77 0.13
C ASP B 477 25.11 -8.05 -1.21
N LEU B 478 24.29 -8.43 -2.19
CA LEU B 478 24.28 -7.79 -3.49
C LEU B 478 22.96 -7.06 -3.75
N SER B 479 22.25 -6.73 -2.69
CA SER B 479 20.95 -6.12 -2.85
C SER B 479 21.06 -4.75 -3.52
N LYS B 480 20.02 -4.37 -4.25
CA LYS B 480 19.93 -3.08 -4.88
C LYS B 480 21.13 -2.82 -5.77
N ASN B 481 21.23 -3.67 -6.78
CA ASN B 481 22.24 -3.57 -7.82
C ASN B 481 21.53 -3.69 -9.14
N SER B 482 22.25 -3.88 -10.23
CA SER B 482 21.63 -3.92 -11.54
C SER B 482 21.85 -5.27 -12.24
N ILE B 483 21.76 -6.37 -11.49
CA ILE B 483 21.99 -7.71 -12.03
C ILE B 483 20.71 -8.10 -12.72
N PHE B 484 20.77 -8.23 -14.05
CA PHE B 484 19.62 -8.65 -14.86
C PHE B 484 19.70 -10.11 -15.23
N PHE B 485 20.89 -10.68 -15.20
CA PHE B 485 21.08 -12.07 -15.63
C PHE B 485 22.07 -12.69 -14.73
N ILE B 486 21.78 -13.90 -14.27
CA ILE B 486 22.75 -14.70 -13.54
C ILE B 486 23.02 -16.02 -14.25
N LYS B 487 24.23 -16.52 -14.07
CA LYS B 487 24.54 -17.93 -14.40
C LYS B 487 25.59 -18.48 -13.46
N SER B 488 25.71 -19.80 -13.40
CA SER B 488 26.68 -20.50 -12.53
C SER B 488 28.04 -19.86 -12.27
N SER B 489 28.75 -19.52 -13.35
CA SER B 489 30.13 -19.04 -13.23
C SER B 489 30.22 -17.71 -12.47
N ASP B 490 29.13 -16.95 -12.44
CA ASP B 490 29.06 -15.73 -11.63
C ASP B 490 29.40 -16.00 -10.17
N PHE B 491 29.04 -17.19 -9.69
CA PHE B 491 29.32 -17.63 -8.33
C PHE B 491 30.44 -18.69 -8.20
N GLN B 492 31.37 -18.71 -9.16
CA GLN B 492 32.47 -19.66 -9.10
C GLN B 492 33.33 -19.33 -7.88
N HIS B 493 33.83 -20.36 -7.22
CA HIS B 493 34.70 -20.26 -6.06
C HIS B 493 34.03 -19.70 -4.84
N LEU B 494 32.69 -19.66 -4.83
CA LEU B 494 31.94 -19.08 -3.71
C LEU B 494 31.09 -20.11 -2.91
N SER B 495 31.51 -21.36 -2.88
CA SER B 495 30.69 -22.42 -2.29
C SER B 495 30.55 -22.28 -0.77
N PHE B 496 31.49 -21.59 -0.15
CA PHE B 496 31.39 -21.31 1.31
C PHE B 496 30.20 -20.47 1.76
N LEU B 497 29.57 -19.76 0.83
CA LEU B 497 28.51 -18.81 1.20
C LEU B 497 27.31 -19.48 1.85
N LYS B 498 26.83 -18.86 2.92
CA LYS B 498 25.69 -19.34 3.66
C LYS B 498 24.42 -18.52 3.35
N CYS B 499 24.57 -17.20 3.13
CA CYS B 499 23.44 -16.33 2.75
C CYS B 499 23.85 -15.49 1.57
N LEU B 500 22.94 -15.26 0.65
CA LEU B 500 23.19 -14.40 -0.49
C LEU B 500 22.02 -13.43 -0.61
N ASN B 501 22.29 -12.14 -0.68
CA ASN B 501 21.19 -11.19 -0.83
C ASN B 501 21.14 -10.66 -2.24
N LEU B 502 20.15 -11.06 -3.01
CA LEU B 502 19.97 -10.51 -4.36
C LEU B 502 18.74 -9.65 -4.39
N SER B 503 18.31 -9.18 -3.23
CA SER B 503 17.05 -8.46 -3.17
C SER B 503 17.17 -7.19 -3.91
N GLY B 504 16.23 -6.89 -4.77
CA GLY B 504 16.22 -5.59 -5.43
C GLY B 504 17.20 -5.50 -6.59
N ASN B 505 17.27 -6.56 -7.37
CA ASN B 505 17.95 -6.53 -8.64
C ASN B 505 16.95 -6.62 -9.77
N LEU B 506 17.41 -6.97 -10.97
CA LEU B 506 16.56 -6.93 -12.16
C LEU B 506 16.40 -8.31 -12.78
N ILE B 507 16.41 -9.35 -11.95
CA ILE B 507 16.50 -10.72 -12.46
C ILE B 507 15.12 -11.12 -12.93
N SER B 508 15.07 -11.57 -14.17
CA SER B 508 13.89 -11.53 -14.99
C SER B 508 14.03 -12.67 -16.00
N GLN B 509 14.04 -13.88 -15.48
CA GLN B 509 14.74 -15.01 -16.10
C GLN B 509 14.09 -16.32 -15.67
N THR B 510 14.08 -17.31 -16.55
CA THR B 510 13.35 -18.55 -16.26
C THR B 510 14.28 -19.53 -15.56
N LEU B 511 14.58 -19.24 -14.28
CA LEU B 511 15.45 -20.08 -13.47
C LEU B 511 15.06 -21.53 -13.63
N ASN B 512 16.01 -22.38 -14.05
CA ASN B 512 15.78 -23.80 -14.38
C ASN B 512 16.59 -24.78 -13.50
N GLY B 513 17.25 -24.29 -12.45
CA GLY B 513 18.14 -25.10 -11.62
C GLY B 513 19.63 -25.08 -11.97
N SER B 514 20.06 -24.29 -12.94
CA SER B 514 21.47 -24.23 -13.29
C SER B 514 22.18 -22.96 -12.79
N GLU B 515 21.42 -21.96 -12.35
CA GLU B 515 21.97 -20.62 -12.16
C GLU B 515 22.92 -20.46 -10.97
N PHE B 516 22.71 -21.26 -9.92
CA PHE B 516 23.36 -21.10 -8.61
C PHE B 516 24.18 -22.30 -8.23
N GLN B 517 24.67 -23.05 -9.21
CA GLN B 517 25.13 -24.44 -8.96
C GLN B 517 26.32 -24.52 -7.98
N PRO B 518 27.22 -23.50 -7.97
CA PRO B 518 28.31 -23.54 -6.99
C PRO B 518 27.94 -23.32 -5.54
N LEU B 519 26.70 -22.92 -5.25
CA LEU B 519 26.38 -22.46 -3.91
C LEU B 519 25.89 -23.60 -3.04
N ALA B 520 26.75 -24.60 -2.93
CA ALA B 520 26.39 -25.88 -2.33
C ALA B 520 26.11 -25.81 -0.83
N GLU B 521 26.58 -24.76 -0.16
CA GLU B 521 26.35 -24.61 1.27
C GLU B 521 25.32 -23.52 1.60
N LEU B 522 24.69 -22.90 0.59
CA LEU B 522 23.81 -21.78 0.80
C LEU B 522 22.57 -22.16 1.58
N ARG B 523 22.30 -21.40 2.64
CA ARG B 523 21.19 -21.66 3.55
C ARG B 523 20.05 -20.67 3.43
N TYR B 524 20.33 -19.46 2.97
CA TYR B 524 19.34 -18.40 2.85
C TYR B 524 19.55 -17.64 1.54
N LEU B 525 18.50 -17.58 0.74
CA LEU B 525 18.51 -16.75 -0.44
C LEU B 525 17.36 -15.77 -0.37
N ASP B 526 17.70 -14.49 -0.38
CA ASP B 526 16.75 -13.40 -0.51
C ASP B 526 16.75 -12.99 -2.00
N PHE B 527 15.70 -13.42 -2.68
CA PHE B 527 15.48 -13.11 -4.06
C PHE B 527 14.31 -12.12 -4.16
N SER B 528 14.06 -11.31 -3.13
CA SER B 528 12.86 -10.44 -3.13
C SER B 528 13.10 -9.25 -4.02
N ASN B 529 12.04 -8.63 -4.52
CA ASN B 529 12.17 -7.49 -5.45
C ASN B 529 13.01 -7.85 -6.68
N ASN B 530 12.66 -8.93 -7.34
CA ASN B 530 13.16 -9.28 -8.69
C ASN B 530 11.94 -9.63 -9.53
N ARG B 531 12.12 -10.27 -10.68
CA ARG B 531 10.98 -10.64 -11.55
C ARG B 531 11.08 -12.12 -11.89
N LEU B 532 10.93 -12.96 -10.88
CA LEU B 532 11.01 -14.40 -11.04
C LEU B 532 9.98 -14.92 -12.03
N ASP B 533 10.49 -15.62 -13.03
CA ASP B 533 9.62 -16.33 -13.95
C ASP B 533 9.61 -17.82 -13.57
N LEU B 534 8.50 -18.28 -13.00
CA LEU B 534 8.38 -19.69 -12.61
C LEU B 534 7.84 -20.55 -13.76
N LEU B 535 8.50 -20.51 -14.90
CA LEU B 535 8.17 -21.41 -15.98
C LEU B 535 8.50 -22.81 -15.55
N HIS B 536 9.65 -22.97 -14.90
CA HIS B 536 10.18 -24.30 -14.62
C HIS B 536 10.05 -24.58 -13.14
N SER B 537 9.57 -25.78 -12.80
CA SER B 537 9.48 -26.22 -11.38
C SER B 537 10.82 -26.65 -10.80
N THR B 538 11.85 -26.70 -11.65
CA THR B 538 13.22 -26.96 -11.24
C THR B 538 13.94 -25.70 -10.70
N ALA B 539 13.27 -24.55 -10.69
CA ALA B 539 13.84 -23.34 -10.13
C ALA B 539 14.35 -23.58 -8.72
N PHE B 540 15.57 -23.13 -8.46
CA PHE B 540 16.18 -23.20 -7.13
C PHE B 540 16.60 -24.61 -6.63
N GLU B 541 16.37 -25.68 -7.39
CA GLU B 541 16.60 -27.05 -6.89
C GLU B 541 18.10 -27.36 -6.67
N GLU B 542 18.99 -26.63 -7.32
CA GLU B 542 20.42 -26.80 -7.13
C GLU B 542 20.88 -26.35 -5.75
N LEU B 543 20.10 -25.52 -5.08
CA LEU B 543 20.43 -25.04 -3.73
C LEU B 543 20.03 -26.08 -2.68
N ARG B 544 20.75 -27.21 -2.68
CA ARG B 544 20.35 -28.37 -1.88
C ARG B 544 20.37 -28.17 -0.39
N LYS B 545 21.03 -27.15 0.13
CA LYS B 545 21.02 -26.86 1.56
C LYS B 545 20.11 -25.68 1.93
N LEU B 546 19.23 -25.26 1.03
CA LEU B 546 18.45 -24.04 1.24
C LEU B 546 17.41 -24.24 2.35
N GLU B 547 17.53 -23.40 3.39
CA GLU B 547 16.57 -23.39 4.50
C GLU B 547 15.52 -22.28 4.42
N VAL B 548 15.86 -21.15 3.80
CA VAL B 548 14.96 -20.01 3.69
C VAL B 548 15.08 -19.44 2.29
N LEU B 549 13.94 -19.27 1.63
CA LEU B 549 13.85 -18.66 0.31
C LEU B 549 12.84 -17.52 0.37
N ASP B 550 13.29 -16.29 0.15
CA ASP B 550 12.39 -15.15 -0.01
C ASP B 550 12.25 -14.82 -1.49
N ILE B 551 11.07 -15.09 -2.04
CA ILE B 551 10.72 -14.61 -3.39
C ILE B 551 9.55 -13.64 -3.33
N SER B 552 9.43 -12.93 -2.21
CA SER B 552 8.46 -11.86 -2.10
C SER B 552 8.72 -10.71 -3.08
N SER B 553 7.64 -10.02 -3.46
CA SER B 553 7.71 -8.86 -4.39
C SER B 553 8.39 -9.23 -5.71
N ASN B 554 7.95 -10.33 -6.29
CA ASN B 554 8.30 -10.73 -7.61
C ASN B 554 6.98 -10.83 -8.36
N SER B 555 6.18 -9.78 -8.28
CA SER B 555 4.84 -9.84 -8.80
C SER B 555 4.75 -9.73 -10.31
N HIS B 556 5.81 -9.24 -10.96
CA HIS B 556 5.76 -8.89 -12.40
C HIS B 556 5.11 -9.95 -13.27
N TYR B 557 5.62 -11.18 -13.21
CA TYR B 557 5.10 -12.25 -14.05
C TYR B 557 3.78 -12.84 -13.52
N PHE B 558 3.43 -12.63 -12.25
CA PHE B 558 2.11 -13.08 -11.76
C PHE B 558 0.97 -12.12 -12.15
N GLN B 559 1.30 -10.89 -12.51
CA GLN B 559 0.31 -9.85 -12.84
C GLN B 559 -0.27 -9.91 -14.24
N SER B 560 0.37 -10.68 -15.14
CA SER B 560 -0.17 -10.86 -16.49
C SER B 560 -0.83 -12.24 -16.64
N GLU B 561 -1.97 -12.20 -17.34
CA GLU B 561 -2.79 -13.36 -17.66
C GLU B 561 -2.10 -14.34 -18.66
N GLY B 562 -2.32 -15.64 -18.46
CA GLY B 562 -1.97 -16.65 -19.48
C GLY B 562 -0.53 -17.11 -19.49
N ILE B 563 0.18 -16.87 -18.40
CA ILE B 563 1.59 -17.14 -18.25
C ILE B 563 1.65 -18.36 -17.35
N THR B 564 2.65 -19.22 -17.51
CA THR B 564 2.75 -20.41 -16.66
C THR B 564 3.38 -20.07 -15.31
N HIS B 565 2.93 -20.71 -14.22
CA HIS B 565 3.51 -20.53 -12.87
C HIS B 565 3.55 -21.87 -12.13
N MET B 566 4.75 -22.43 -11.96
CA MET B 566 4.90 -23.70 -11.32
C MET B 566 5.13 -23.45 -9.86
N LEU B 567 4.05 -23.26 -9.10
CA LEU B 567 4.18 -23.14 -7.64
C LEU B 567 4.57 -24.45 -6.92
N ASN B 568 4.55 -25.59 -7.62
CA ASN B 568 5.02 -26.85 -7.05
C ASN B 568 6.54 -27.01 -6.96
N PHE B 569 7.28 -25.99 -7.40
CA PHE B 569 8.73 -25.98 -7.33
C PHE B 569 9.41 -26.35 -6.00
N THR B 570 8.65 -26.28 -4.90
CA THR B 570 9.16 -26.58 -3.52
C THR B 570 9.51 -28.02 -3.23
N LYS B 571 9.04 -28.93 -4.11
CA LYS B 571 9.20 -30.36 -3.89
C LYS B 571 10.67 -30.79 -3.88
N ASN B 572 11.49 -30.10 -4.67
CA ASN B 572 12.89 -30.45 -4.83
C ASN B 572 13.75 -30.01 -3.64
N LEU B 573 13.28 -29.08 -2.82
CA LEU B 573 14.09 -28.49 -1.74
C LEU B 573 13.90 -29.21 -0.43
N LYS B 574 14.82 -30.13 -0.15
CA LYS B 574 14.60 -31.13 0.90
C LYS B 574 14.72 -30.65 2.31
N VAL B 575 15.40 -29.53 2.52
CA VAL B 575 15.57 -29.00 3.87
C VAL B 575 14.99 -27.61 4.00
N LEU B 576 14.07 -27.24 3.10
CA LEU B 576 13.48 -25.90 3.10
C LEU B 576 12.54 -25.77 4.26
N GLN B 577 12.80 -24.76 5.07
CA GLN B 577 12.09 -24.53 6.34
C GLN B 577 11.07 -23.39 6.21
N LYS B 578 11.42 -22.36 5.45
CA LYS B 578 10.68 -21.11 5.42
C LYS B 578 10.68 -20.56 4.02
N LEU B 579 9.48 -20.28 3.52
CA LEU B 579 9.31 -19.74 2.20
C LEU B 579 8.45 -18.50 2.33
N MET B 580 8.94 -17.41 1.76
CA MET B 580 8.23 -16.14 1.79
C MET B 580 7.90 -15.78 0.36
N MET B 581 6.62 -15.71 0.08
CA MET B 581 6.21 -15.33 -1.25
C MET B 581 5.10 -14.28 -1.21
N ASN B 582 5.40 -13.25 -0.43
CA ASN B 582 4.51 -12.12 -0.19
C ASN B 582 4.42 -11.11 -1.32
N ASP B 583 3.27 -10.44 -1.41
CA ASP B 583 3.04 -9.36 -2.36
C ASP B 583 3.35 -9.73 -3.80
N ASN B 584 3.00 -10.95 -4.19
CA ASN B 584 3.29 -11.43 -5.50
C ASN B 584 2.09 -11.34 -6.42
N ASP B 585 0.95 -10.90 -5.90
CA ASP B 585 -0.26 -10.77 -6.72
C ASP B 585 -0.71 -12.07 -7.38
N ILE B 586 -0.40 -13.20 -6.73
CA ILE B 586 -0.62 -14.51 -7.31
C ILE B 586 -2.13 -14.76 -7.40
N SER B 587 -2.63 -14.90 -8.62
CA SER B 587 -4.05 -15.17 -8.84
C SER B 587 -4.32 -16.35 -9.72
N SER B 588 -3.28 -17.00 -10.23
CA SER B 588 -3.43 -18.18 -11.07
C SER B 588 -2.21 -19.03 -10.83
N SER B 589 -2.35 -20.34 -11.06
CA SER B 589 -1.24 -21.26 -10.86
C SER B 589 -1.44 -22.43 -11.77
N THR B 590 -0.37 -22.84 -12.42
CA THR B 590 -0.40 -24.06 -13.18
C THR B 590 -0.51 -25.29 -12.25
N SER B 591 0.19 -25.30 -11.12
CA SER B 591 0.07 -26.44 -10.22
C SER B 591 -1.11 -26.25 -9.29
N ARG B 592 -1.82 -27.34 -9.09
CA ARG B 592 -2.93 -27.44 -8.15
C ARG B 592 -2.46 -27.56 -6.69
N THR B 593 -1.23 -28.04 -6.47
CA THR B 593 -0.72 -28.29 -5.13
C THR B 593 0.73 -27.93 -4.93
N MET B 594 1.02 -27.31 -3.80
CA MET B 594 2.40 -27.07 -3.38
C MET B 594 2.79 -28.22 -2.50
N GLU B 595 4.03 -28.63 -2.64
CA GLU B 595 4.54 -29.81 -1.97
C GLU B 595 5.89 -29.59 -1.30
N SER B 596 6.01 -30.11 -0.08
CA SER B 596 7.26 -30.12 0.66
C SER B 596 7.11 -31.08 1.84
N GLU B 597 8.19 -31.80 2.12
CA GLU B 597 8.28 -32.66 3.29
C GLU B 597 8.88 -31.89 4.44
N SER B 598 9.50 -30.72 4.15
CA SER B 598 10.32 -30.02 5.17
C SER B 598 9.75 -28.73 5.68
N LEU B 599 8.98 -28.06 4.83
CA LEU B 599 8.60 -26.67 5.04
C LEU B 599 7.71 -26.49 6.29
N ARG B 600 8.00 -25.44 7.06
CA ARG B 600 7.29 -25.12 8.32
C ARG B 600 6.55 -23.79 8.32
N THR B 601 7.09 -22.79 7.63
CA THR B 601 6.50 -21.48 7.56
C THR B 601 6.33 -21.06 6.12
N LEU B 602 5.12 -20.62 5.76
CA LEU B 602 4.84 -20.08 4.44
C LEU B 602 4.13 -18.74 4.59
N GLU B 603 4.82 -17.69 4.16
CA GLU B 603 4.21 -16.35 4.08
C GLU B 603 3.66 -16.13 2.68
N PHE B 604 2.33 -16.06 2.58
CA PHE B 604 1.61 -15.98 1.29
C PHE B 604 0.71 -14.76 1.31
N ARG B 605 1.18 -13.74 1.99
CA ARG B 605 0.39 -12.52 2.20
C ARG B 605 0.46 -11.65 0.96
N GLY B 606 -0.63 -10.93 0.69
CA GLY B 606 -0.64 -9.91 -0.38
C GLY B 606 -0.78 -10.50 -1.77
N ASN B 607 -1.59 -11.54 -1.88
CA ASN B 607 -1.81 -12.28 -3.13
C ASN B 607 -3.33 -12.28 -3.42
N HIS B 608 -3.80 -13.19 -4.27
CA HIS B 608 -5.19 -13.20 -4.65
C HIS B 608 -5.77 -14.61 -4.57
N LEU B 609 -5.63 -15.21 -3.40
CA LEU B 609 -6.36 -16.44 -3.15
C LEU B 609 -7.85 -16.25 -3.38
N ASP B 610 -8.38 -15.05 -3.23
CA ASP B 610 -9.82 -14.83 -3.51
C ASP B 610 -10.21 -15.30 -4.91
N VAL B 611 -9.32 -15.06 -5.86
CA VAL B 611 -9.53 -15.42 -7.25
C VAL B 611 -9.19 -16.89 -7.49
N LEU B 612 -8.11 -17.37 -6.88
CA LEU B 612 -7.78 -18.79 -6.96
C LEU B 612 -8.86 -19.69 -6.42
N TRP B 613 -9.48 -19.26 -5.31
CA TRP B 613 -10.56 -19.97 -4.64
C TRP B 613 -11.91 -19.34 -5.00
N ARG B 614 -12.03 -18.84 -6.24
CA ARG B 614 -13.27 -18.26 -6.75
C ARG B 614 -14.36 -19.28 -6.46
N ASP B 615 -15.50 -18.83 -5.95
CA ASP B 615 -16.57 -19.75 -5.58
C ASP B 615 -17.07 -20.49 -6.82
N GLY B 616 -17.18 -21.81 -6.68
CA GLY B 616 -17.42 -22.71 -7.80
C GLY B 616 -16.20 -23.45 -8.38
N ASP B 617 -15.00 -22.94 -8.11
CA ASP B 617 -13.76 -23.54 -8.58
C ASP B 617 -13.05 -24.20 -7.38
N ASN B 618 -13.04 -25.50 -7.35
CA ASN B 618 -12.41 -26.20 -6.25
C ASN B 618 -11.00 -26.77 -6.57
N ARG B 619 -10.45 -26.45 -7.73
CA ARG B 619 -9.15 -26.95 -8.14
C ARG B 619 -7.99 -26.58 -7.20
N TYR B 620 -8.08 -25.43 -6.53
CA TYR B 620 -6.97 -24.97 -5.68
C TYR B 620 -7.23 -25.02 -4.18
N LEU B 621 -8.32 -25.65 -3.74
CA LEU B 621 -8.65 -25.73 -2.30
C LEU B 621 -7.65 -26.55 -1.48
N GLN B 622 -6.76 -27.27 -2.16
CA GLN B 622 -5.82 -28.18 -1.52
C GLN B 622 -4.39 -27.72 -1.78
N LEU B 623 -4.25 -26.45 -2.17
CA LEU B 623 -2.97 -25.88 -2.56
C LEU B 623 -1.86 -26.04 -1.52
N PHE B 624 -2.22 -25.95 -0.24
CA PHE B 624 -1.24 -26.08 0.86
C PHE B 624 -1.29 -27.43 1.59
N LYS B 625 -2.16 -28.34 1.18
CA LYS B 625 -2.43 -29.56 1.96
C LYS B 625 -1.25 -30.51 2.09
N ASN B 626 -0.43 -30.58 1.04
CA ASN B 626 0.75 -31.46 1.01
C ASN B 626 2.06 -30.78 1.48
N LEU B 627 1.92 -29.66 2.21
CA LEU B 627 2.99 -29.10 2.99
C LEU B 627 2.84 -29.72 4.39
N LEU B 628 3.27 -30.96 4.52
CA LEU B 628 2.87 -31.81 5.64
C LEU B 628 3.34 -31.31 6.99
N LYS B 629 4.52 -30.70 7.04
CA LYS B 629 5.06 -30.18 8.31
C LYS B 629 4.79 -28.65 8.52
N LEU B 630 3.90 -28.07 7.73
CA LEU B 630 3.64 -26.65 7.78
C LEU B 630 2.95 -26.28 9.07
N GLU B 631 3.61 -25.45 9.85
CA GLU B 631 3.11 -25.02 11.16
C GLU B 631 2.58 -23.59 11.15
N GLU B 632 3.17 -22.74 10.32
CA GLU B 632 2.75 -21.33 10.23
C GLU B 632 2.35 -20.96 8.79
N LEU B 633 1.12 -20.43 8.65
CA LEU B 633 0.62 -19.92 7.37
C LEU B 633 0.06 -18.50 7.50
N ASP B 634 0.60 -17.58 6.71
CA ASP B 634 0.11 -16.20 6.59
C ASP B 634 -0.62 -15.95 5.24
N ILE B 635 -1.95 -15.84 5.30
CA ILE B 635 -2.75 -15.53 4.12
C ILE B 635 -3.64 -14.33 4.44
N SER B 636 -3.06 -13.40 5.22
CA SER B 636 -3.56 -12.04 5.32
C SER B 636 -3.42 -11.32 3.95
N LYS B 637 -4.16 -10.22 3.79
CA LYS B 637 -4.10 -9.39 2.56
C LYS B 637 -4.35 -10.16 1.27
N ASN B 638 -5.37 -11.02 1.26
CA ASN B 638 -5.68 -11.84 0.10
C ASN B 638 -7.07 -11.59 -0.45
N SER B 639 -7.70 -10.49 -0.02
CA SER B 639 -9.06 -10.10 -0.48
C SER B 639 -10.09 -11.20 -0.28
N LEU B 640 -9.93 -11.94 0.82
CA LEU B 640 -10.88 -13.00 1.16
C LEU B 640 -12.06 -12.47 1.95
N SER B 641 -13.09 -12.03 1.22
CA SER B 641 -14.37 -11.61 1.82
C SER B 641 -15.04 -12.73 2.55
N PHE B 642 -14.84 -13.94 2.03
CA PHE B 642 -15.39 -15.16 2.61
C PHE B 642 -14.37 -16.21 2.31
N LEU B 643 -14.48 -17.32 3.02
CA LEU B 643 -13.71 -18.52 2.73
C LEU B 643 -14.65 -19.57 2.18
N PRO B 644 -14.38 -20.08 0.98
CA PRO B 644 -15.21 -21.17 0.50
C PRO B 644 -15.06 -22.39 1.40
N SER B 645 -16.11 -23.22 1.44
CA SER B 645 -16.01 -24.50 2.17
C SER B 645 -14.96 -25.33 1.45
N GLY B 646 -14.10 -25.97 2.25
CA GLY B 646 -13.00 -26.71 1.70
C GLY B 646 -11.66 -26.07 2.00
N VAL B 647 -11.65 -24.76 2.25
CA VAL B 647 -10.40 -24.13 2.62
C VAL B 647 -9.79 -24.77 3.86
N PHE B 648 -10.60 -25.00 4.90
CA PHE B 648 -10.11 -25.57 6.16
C PHE B 648 -9.75 -27.05 6.09
N ASP B 649 -10.63 -27.83 5.44
CA ASP B 649 -10.36 -29.23 5.17
C ASP B 649 -9.03 -29.38 4.46
N GLY B 650 -8.76 -28.48 3.52
CA GLY B 650 -7.55 -28.52 2.73
C GLY B 650 -6.28 -28.01 3.37
N MET B 651 -6.38 -27.49 4.60
CA MET B 651 -5.21 -27.04 5.34
C MET B 651 -4.41 -28.26 5.77
N PRO B 652 -3.05 -28.14 5.85
CA PRO B 652 -2.25 -29.29 6.27
C PRO B 652 -2.41 -29.57 7.74
N PRO B 653 -2.11 -30.79 8.14
CA PRO B 653 -2.61 -31.25 9.44
C PRO B 653 -1.96 -30.64 10.67
N ASN B 654 -0.75 -30.08 10.55
CA ASN B 654 -0.04 -29.55 11.72
C ASN B 654 -0.02 -28.05 11.80
N LEU B 655 -0.99 -27.41 11.15
CA LEU B 655 -1.06 -25.94 11.13
C LEU B 655 -1.32 -25.40 12.53
N LYS B 656 -0.48 -24.47 12.97
CA LYS B 656 -0.52 -23.92 14.34
C LYS B 656 -0.84 -22.43 14.43
N ASN B 657 -0.29 -21.65 13.51
CA ASN B 657 -0.37 -20.20 13.51
C ASN B 657 -0.97 -19.78 12.15
N LEU B 658 -2.23 -19.38 12.15
CA LEU B 658 -2.91 -18.99 10.91
C LEU B 658 -3.32 -17.52 10.97
N SER B 659 -2.90 -16.74 9.98
CA SER B 659 -3.39 -15.36 9.85
C SER B 659 -4.34 -15.18 8.65
N LEU B 660 -5.52 -14.63 8.94
CA LEU B 660 -6.45 -14.19 7.94
C LEU B 660 -6.70 -12.71 8.13
N ALA B 661 -5.70 -11.96 8.57
CA ALA B 661 -5.90 -10.54 8.78
C ALA B 661 -6.11 -9.78 7.46
N LYS B 662 -6.72 -8.59 7.57
CA LYS B 662 -6.75 -7.62 6.48
C LYS B 662 -7.24 -8.24 5.17
N ASN B 663 -8.33 -9.01 5.31
CA ASN B 663 -8.97 -9.65 4.18
C ASN B 663 -10.33 -9.05 3.78
N GLY B 664 -10.85 -8.08 4.53
CA GLY B 664 -12.25 -7.66 4.38
C GLY B 664 -13.27 -8.77 4.62
N LEU B 665 -12.89 -9.82 5.38
CA LEU B 665 -13.77 -10.94 5.76
C LEU B 665 -15.04 -10.50 6.41
N LYS B 666 -16.17 -10.79 5.78
CA LYS B 666 -17.49 -10.41 6.31
C LYS B 666 -18.21 -11.53 7.03
N SER B 667 -17.66 -12.73 7.02
CA SER B 667 -18.34 -13.87 7.62
C SER B 667 -17.35 -14.99 7.78
N PHE B 668 -17.64 -15.86 8.73
CA PHE B 668 -16.71 -16.88 9.12
C PHE B 668 -17.52 -17.99 9.79
N ILE B 669 -17.59 -19.14 9.14
CA ILE B 669 -18.11 -20.37 9.75
C ILE B 669 -17.07 -20.91 10.76
N TRP B 670 -17.26 -20.55 12.02
CA TRP B 670 -16.36 -20.89 13.11
C TRP B 670 -16.26 -22.39 13.39
N GLU B 671 -17.35 -23.13 13.11
CA GLU B 671 -17.38 -24.60 13.31
C GLU B 671 -16.27 -25.30 12.54
N LYS B 672 -15.95 -24.75 11.36
CA LYS B 672 -14.91 -25.31 10.50
C LYS B 672 -13.50 -25.29 11.10
N LEU B 673 -13.29 -24.52 12.17
CA LEU B 673 -12.02 -24.64 12.89
C LEU B 673 -11.74 -26.04 13.48
N ARG B 674 -12.78 -26.85 13.65
CA ARG B 674 -12.61 -28.27 14.02
C ARG B 674 -11.61 -29.01 13.14
N TYR B 675 -11.58 -28.72 11.84
CA TYR B 675 -10.63 -29.39 10.94
C TYR B 675 -9.16 -29.17 11.35
N LEU B 676 -8.83 -28.01 11.91
CA LEU B 676 -7.45 -27.61 12.17
C LEU B 676 -7.06 -28.06 13.57
N LYS B 677 -6.67 -29.33 13.68
CA LYS B 677 -6.66 -29.97 14.97
C LYS B 677 -5.56 -29.52 15.91
N ASN B 678 -4.52 -28.91 15.37
CA ASN B 678 -3.44 -28.31 16.15
C ASN B 678 -3.37 -26.80 16.15
N LEU B 679 -4.48 -26.12 15.87
CA LEU B 679 -4.46 -24.68 15.71
C LEU B 679 -4.27 -24.07 17.10
N GLU B 680 -3.31 -23.16 17.23
CA GLU B 680 -3.05 -22.48 18.48
C GLU B 680 -3.17 -20.97 18.43
N THR B 681 -2.93 -20.38 17.26
CA THR B 681 -3.00 -18.93 17.06
C THR B 681 -3.86 -18.64 15.82
N LEU B 682 -4.93 -17.86 15.98
CA LEU B 682 -5.78 -17.48 14.86
C LEU B 682 -5.89 -15.97 14.82
N ASP B 683 -5.35 -15.36 13.78
CA ASP B 683 -5.35 -13.91 13.65
C ASP B 683 -6.37 -13.50 12.60
N LEU B 684 -7.49 -12.99 13.06
CA LEU B 684 -8.54 -12.47 12.23
C LEU B 684 -8.60 -10.96 12.39
N SER B 685 -7.55 -10.34 12.92
CA SER B 685 -7.47 -8.86 12.96
C SER B 685 -7.86 -8.16 11.63
N HIS B 686 -8.39 -6.95 11.76
CA HIS B 686 -8.64 -6.02 10.64
C HIS B 686 -9.49 -6.64 9.54
N ASN B 687 -10.69 -7.05 9.91
CA ASN B 687 -11.67 -7.63 9.00
C ASN B 687 -13.01 -6.99 9.33
N GLN B 688 -14.12 -7.59 8.90
CA GLN B 688 -15.46 -7.06 9.13
C GLN B 688 -16.38 -8.11 9.75
N LEU B 689 -15.84 -8.89 10.67
CA LEU B 689 -16.63 -9.90 11.38
C LEU B 689 -17.61 -9.20 12.33
N THR B 690 -18.87 -9.57 12.30
CA THR B 690 -19.85 -8.95 13.20
C THR B 690 -20.20 -9.83 14.43
N THR B 691 -19.76 -11.10 14.44
CA THR B 691 -20.13 -12.03 15.51
C THR B 691 -19.02 -13.01 15.85
N VAL B 692 -19.09 -13.47 17.08
CA VAL B 692 -18.23 -14.52 17.60
C VAL B 692 -19.00 -15.87 17.62
N PRO B 693 -18.26 -17.00 17.71
CA PRO B 693 -18.93 -18.32 17.82
C PRO B 693 -19.77 -18.49 19.08
N GLU B 694 -20.89 -19.19 18.96
CA GLU B 694 -21.82 -19.47 20.07
C GLU B 694 -21.15 -20.10 21.27
N ARG B 695 -20.23 -21.04 21.00
CA ARG B 695 -19.35 -21.67 22.03
C ARG B 695 -17.97 -21.98 21.40
N LEU B 696 -16.94 -21.21 21.75
CA LEU B 696 -15.63 -21.35 21.11
C LEU B 696 -14.97 -22.71 21.32
N SER B 697 -15.24 -23.36 22.47
CA SER B 697 -14.69 -24.71 22.77
C SER B 697 -15.23 -25.85 21.87
N ASN B 698 -16.42 -25.64 21.28
CA ASN B 698 -17.04 -26.49 20.24
C ASN B 698 -16.47 -26.23 18.83
N CYS B 699 -15.55 -25.27 18.69
CA CYS B 699 -14.89 -24.97 17.42
C CYS B 699 -13.47 -25.44 17.42
N SER B 700 -12.76 -25.16 18.50
CA SER B 700 -11.38 -25.56 18.62
C SER B 700 -11.00 -25.84 20.08
N ARG B 701 -10.47 -27.03 20.32
CA ARG B 701 -9.94 -27.45 21.63
C ARG B 701 -8.48 -27.05 21.84
N SER B 702 -7.78 -26.81 20.75
CA SER B 702 -6.37 -26.51 20.79
C SER B 702 -6.10 -25.00 20.93
N LEU B 703 -7.05 -24.17 20.47
CA LEU B 703 -6.82 -22.75 20.24
C LEU B 703 -6.47 -22.01 21.50
N LYS B 704 -5.35 -21.29 21.44
CA LYS B 704 -4.80 -20.53 22.57
C LYS B 704 -4.78 -19.02 22.42
N ASN B 705 -4.59 -18.50 21.22
CA ASN B 705 -4.47 -17.05 20.99
C ASN B 705 -5.39 -16.62 19.89
N LEU B 706 -6.39 -15.82 20.24
CA LEU B 706 -7.40 -15.44 19.30
C LEU B 706 -7.37 -13.94 19.17
N ILE B 707 -7.06 -13.48 17.97
CA ILE B 707 -6.97 -12.07 17.69
C ILE B 707 -8.15 -11.67 16.83
N LEU B 708 -9.06 -10.90 17.41
CA LEU B 708 -10.22 -10.36 16.72
C LEU B 708 -10.22 -8.83 16.71
N LYS B 709 -9.08 -8.20 17.00
CA LYS B 709 -9.07 -6.74 16.97
C LYS B 709 -9.44 -6.17 15.62
N ASN B 710 -10.05 -4.98 15.63
CA ASN B 710 -10.41 -4.20 14.42
C ASN B 710 -11.39 -4.96 13.56
N ASN B 711 -12.47 -5.37 14.20
CA ASN B 711 -13.60 -5.95 13.52
C ASN B 711 -14.84 -5.14 13.87
N GLN B 712 -16.02 -5.63 13.54
CA GLN B 712 -17.26 -4.88 13.72
C GLN B 712 -18.16 -5.60 14.72
N ILE B 713 -17.56 -6.28 15.71
CA ILE B 713 -18.33 -7.07 16.66
C ILE B 713 -19.10 -6.15 17.61
N ARG B 714 -20.43 -6.29 17.63
CA ARG B 714 -21.31 -5.48 18.47
C ARG B 714 -21.71 -6.10 19.82
N SER B 715 -21.62 -7.42 19.93
CA SER B 715 -21.92 -8.12 21.19
C SER B 715 -21.38 -9.54 21.13
N LEU B 716 -21.23 -10.17 22.28
CA LEU B 716 -20.73 -11.52 22.32
C LEU B 716 -21.91 -12.47 22.50
N THR B 717 -21.69 -13.73 22.13
CA THR B 717 -22.70 -14.78 22.26
C THR B 717 -22.82 -15.11 23.73
N LYS B 718 -24.00 -15.55 24.12
CA LYS B 718 -24.31 -15.84 25.50
C LYS B 718 -23.30 -16.74 26.24
N TYR B 719 -22.77 -17.77 25.57
CA TYR B 719 -21.78 -18.66 26.19
C TYR B 719 -20.40 -18.73 25.49
N PHE B 720 -20.04 -17.65 24.82
CA PHE B 720 -18.83 -17.54 24.01
C PHE B 720 -17.65 -18.35 24.51
N LEU B 721 -17.12 -18.01 25.67
CA LEU B 721 -15.87 -18.63 26.13
C LEU B 721 -16.10 -19.83 27.03
N GLN B 722 -17.34 -20.28 27.19
CA GLN B 722 -17.66 -21.35 28.15
C GLN B 722 -16.78 -22.61 27.93
N ASP B 723 -16.05 -22.98 28.99
CA ASP B 723 -15.15 -24.13 28.99
C ASP B 723 -13.97 -24.12 27.97
N ALA B 724 -13.61 -22.95 27.43
CA ALA B 724 -12.46 -22.83 26.51
C ALA B 724 -11.15 -22.83 27.28
N PHE B 725 -10.87 -23.91 27.98
CA PHE B 725 -9.79 -23.94 28.98
C PHE B 725 -8.42 -23.77 28.38
N GLN B 726 -8.28 -24.01 27.07
CA GLN B 726 -6.98 -23.85 26.42
C GLN B 726 -6.60 -22.43 26.16
N LEU B 727 -7.59 -21.52 26.18
CA LEU B 727 -7.41 -20.13 25.77
C LEU B 727 -6.47 -19.36 26.67
N ARG B 728 -5.65 -18.50 26.09
CA ARG B 728 -4.66 -17.77 26.87
C ARG B 728 -4.47 -16.30 26.52
N TYR B 729 -4.84 -15.91 25.30
CA TYR B 729 -4.70 -14.53 24.83
C TYR B 729 -5.91 -14.24 23.95
N LEU B 730 -6.65 -13.21 24.29
CA LEU B 730 -7.83 -12.83 23.53
C LEU B 730 -7.79 -11.34 23.28
N ASP B 731 -7.84 -10.94 22.01
CA ASP B 731 -7.87 -9.54 21.65
C ASP B 731 -9.23 -9.25 21.04
N LEU B 732 -9.99 -8.41 21.72
CA LEU B 732 -11.24 -7.86 21.22
C LEU B 732 -11.21 -6.34 21.09
N SER B 733 -10.03 -5.75 21.11
CA SER B 733 -9.94 -4.30 21.00
C SER B 733 -10.46 -3.79 19.65
N SER B 734 -10.89 -2.53 19.62
CA SER B 734 -11.33 -1.87 18.39
C SER B 734 -12.46 -2.64 17.68
N ASN B 735 -13.48 -2.96 18.44
CA ASN B 735 -14.70 -3.50 17.92
C ASN B 735 -15.75 -2.50 18.39
N LYS B 736 -17.03 -2.88 18.46
CA LYS B 736 -18.09 -1.96 18.87
C LYS B 736 -18.97 -2.64 19.89
N ILE B 737 -18.33 -3.35 20.81
CA ILE B 737 -19.04 -4.10 21.88
C ILE B 737 -19.58 -3.15 22.93
N GLN B 738 -20.84 -3.33 23.34
CA GLN B 738 -21.44 -2.55 24.47
C GLN B 738 -21.41 -3.25 25.82
N MET B 739 -21.67 -4.55 25.79
CA MET B 739 -22.05 -5.29 26.96
C MET B 739 -21.25 -6.56 26.97
N ILE B 740 -20.68 -6.92 28.10
CA ILE B 740 -20.20 -8.27 28.32
C ILE B 740 -20.80 -8.80 29.62
N GLN B 741 -21.57 -9.89 29.52
CA GLN B 741 -22.14 -10.56 30.68
C GLN B 741 -21.26 -11.74 31.06
N LYS B 742 -21.31 -12.09 32.36
CA LYS B 742 -20.63 -13.26 32.95
C LYS B 742 -20.75 -14.60 32.19
N THR B 743 -21.93 -14.87 31.65
CA THR B 743 -22.17 -16.08 30.87
C THR B 743 -21.18 -16.21 29.69
N SER B 744 -20.94 -15.11 28.96
CA SER B 744 -19.97 -15.09 27.86
C SER B 744 -18.52 -15.21 28.31
N PHE B 745 -18.19 -14.63 29.47
CA PHE B 745 -16.83 -14.53 29.99
C PHE B 745 -16.72 -15.23 31.35
N PRO B 746 -16.77 -16.56 31.37
CA PRO B 746 -16.71 -17.19 32.67
C PRO B 746 -15.37 -16.99 33.33
N GLU B 747 -15.41 -16.75 34.63
CA GLU B 747 -14.24 -16.41 35.43
C GLU B 747 -13.14 -17.48 35.38
N ASN B 748 -13.54 -18.75 35.36
CA ASN B 748 -12.58 -19.86 35.33
C ASN B 748 -11.74 -19.93 34.07
N VAL B 749 -12.23 -19.33 32.97
CA VAL B 749 -11.46 -19.18 31.71
C VAL B 749 -10.64 -17.93 31.78
N LEU B 750 -11.28 -16.84 32.19
CA LEU B 750 -10.63 -15.53 32.25
C LEU B 750 -9.35 -15.50 33.06
N ASN B 751 -9.30 -16.23 34.15
CA ASN B 751 -8.23 -16.06 35.12
C ASN B 751 -6.93 -16.75 34.73
N ASN B 752 -6.96 -17.65 33.74
CA ASN B 752 -5.71 -18.18 33.14
C ASN B 752 -5.20 -17.40 31.93
N LEU B 753 -5.91 -16.34 31.52
CA LEU B 753 -5.49 -15.54 30.37
C LEU B 753 -4.23 -14.78 30.74
N LYS B 754 -3.21 -14.86 29.91
CA LYS B 754 -2.02 -14.03 30.08
C LYS B 754 -2.34 -12.58 29.78
N MET B 755 -3.27 -12.36 28.86
CA MET B 755 -3.68 -11.02 28.42
C MET B 755 -5.10 -11.05 27.86
N LEU B 756 -5.79 -9.93 27.98
CA LEU B 756 -7.16 -9.78 27.48
C LEU B 756 -7.35 -8.35 27.07
N LEU B 757 -7.37 -8.06 25.76
CA LEU B 757 -7.43 -6.71 25.25
C LEU B 757 -8.89 -6.29 24.95
N LEU B 758 -9.35 -5.20 25.57
CA LEU B 758 -10.73 -4.76 25.42
C LEU B 758 -10.87 -3.32 24.96
N HIS B 759 -9.77 -2.61 24.79
CA HIS B 759 -9.85 -1.18 24.57
C HIS B 759 -10.51 -0.78 23.27
N HIS B 760 -10.92 0.48 23.20
CA HIS B 760 -11.54 1.08 22.04
C HIS B 760 -12.77 0.32 21.55
N ASN B 761 -13.71 0.12 22.47
CA ASN B 761 -15.01 -0.51 22.20
C ASN B 761 -16.09 0.55 22.50
N ARG B 762 -17.36 0.16 22.63
CA ARG B 762 -18.45 1.11 22.81
C ARG B 762 -19.24 0.80 24.07
N PHE B 763 -18.52 0.65 25.19
CA PHE B 763 -19.10 0.13 26.46
C PHE B 763 -20.16 1.02 27.07
N LEU B 764 -21.30 0.45 27.40
CA LEU B 764 -22.41 1.19 28.01
C LEU B 764 -22.37 0.90 29.51
N CYS B 765 -22.25 1.92 30.32
CA CYS B 765 -22.05 1.72 31.76
C CYS B 765 -23.33 1.89 32.61
N THR B 766 -24.37 1.14 32.24
CA THR B 766 -25.65 1.07 32.98
C THR B 766 -25.52 0.00 34.07
N CYS B 767 -26.62 -0.20 34.79
CA CYS B 767 -26.67 -1.23 35.80
C CYS B 767 -26.57 -2.66 35.25
N ASP B 768 -26.80 -2.85 33.95
CA ASP B 768 -26.55 -4.16 33.35
C ASP B 768 -25.06 -4.52 33.32
N ALA B 769 -24.18 -3.50 33.32
CA ALA B 769 -22.73 -3.69 33.24
C ALA B 769 -22.05 -3.94 34.56
N VAL B 770 -22.82 -3.92 35.64
CA VAL B 770 -22.32 -4.08 37.01
C VAL B 770 -21.20 -5.12 37.14
N TRP B 771 -21.41 -6.31 36.54
CA TRP B 771 -20.45 -7.42 36.69
C TRP B 771 -19.17 -7.17 35.91
N PHE B 772 -19.32 -6.77 34.66
CA PHE B 772 -18.15 -6.47 33.85
C PHE B 772 -17.26 -5.42 34.56
N VAL B 773 -17.88 -4.36 35.04
CA VAL B 773 -17.14 -3.27 35.64
C VAL B 773 -16.42 -3.79 36.89
N TRP B 774 -17.14 -4.50 37.74
CA TRP B 774 -16.56 -5.10 38.94
C TRP B 774 -15.36 -5.96 38.56
N TRP B 775 -15.56 -6.85 37.57
CA TRP B 775 -14.52 -7.80 37.16
C TRP B 775 -13.26 -7.06 36.73
N VAL B 776 -13.42 -6.11 35.82
CA VAL B 776 -12.32 -5.30 35.30
C VAL B 776 -11.53 -4.59 36.39
N GLN B 777 -12.23 -4.07 37.40
CA GLN B 777 -11.58 -3.37 38.53
C GLN B 777 -10.75 -4.28 39.46
N HIS B 778 -11.20 -5.52 39.63
CA HIS B 778 -10.68 -6.46 40.65
C HIS B 778 -9.88 -7.66 40.14
N THR B 779 -9.57 -7.67 38.85
CA THR B 779 -8.95 -8.85 38.21
C THR B 779 -7.44 -8.65 38.12
N GLU B 780 -6.69 -9.75 38.20
CA GLU B 780 -5.22 -9.73 38.11
C GLU B 780 -4.80 -9.81 36.64
N VAL B 781 -5.74 -10.24 35.78
CA VAL B 781 -5.52 -10.44 34.36
C VAL B 781 -5.08 -9.13 33.75
N THR B 782 -4.03 -9.21 32.95
CA THR B 782 -3.44 -8.03 32.34
C THR B 782 -4.34 -7.53 31.20
N ILE B 783 -4.67 -6.25 31.25
CA ILE B 783 -5.58 -5.63 30.31
C ILE B 783 -4.91 -4.31 30.06
N PRO B 784 -4.35 -4.12 28.86
CA PRO B 784 -3.71 -2.84 28.67
C PRO B 784 -4.70 -1.73 28.41
N TYR B 785 -4.20 -0.52 28.58
CA TYR B 785 -4.87 0.73 28.28
C TYR B 785 -6.06 1.07 29.17
N LEU B 786 -6.17 0.46 30.36
CA LEU B 786 -7.25 0.80 31.30
C LEU B 786 -7.27 2.26 31.68
N ALA B 787 -6.06 2.82 31.81
CA ALA B 787 -5.88 4.22 32.15
C ALA B 787 -6.37 5.15 31.06
N THR B 788 -6.32 4.69 29.82
CA THR B 788 -6.28 5.53 28.64
C THR B 788 -7.47 5.37 27.67
N ASP B 789 -7.90 4.13 27.39
CA ASP B 789 -8.86 3.85 26.31
C ASP B 789 -9.76 2.65 26.62
N VAL B 790 -10.12 2.46 27.89
CA VAL B 790 -11.18 1.50 28.26
C VAL B 790 -12.21 2.35 28.98
N THR B 791 -13.31 2.58 28.27
CA THR B 791 -14.07 3.80 28.41
C THR B 791 -15.54 3.59 28.17
N CYS B 792 -16.33 4.22 29.01
CA CYS B 792 -17.76 4.29 28.78
C CYS B 792 -18.08 5.33 27.71
N VAL B 793 -18.97 4.99 26.78
CA VAL B 793 -19.56 5.97 25.84
C VAL B 793 -20.89 6.52 26.34
N GLY B 794 -21.49 5.80 27.27
CA GLY B 794 -22.74 6.19 27.91
C GLY B 794 -22.97 5.37 29.17
N PRO B 795 -24.12 5.52 29.82
CA PRO B 795 -25.15 6.50 29.47
C PRO B 795 -24.65 7.93 29.76
N GLY B 796 -25.30 8.94 29.20
CA GLY B 796 -25.05 10.37 29.49
C GLY B 796 -24.05 10.78 30.57
N ALA B 797 -24.37 10.46 31.82
CA ALA B 797 -23.54 10.82 32.99
C ALA B 797 -22.07 10.39 32.82
N HIS B 798 -21.86 9.11 32.61
CA HIS B 798 -20.53 8.50 32.61
C HIS B 798 -19.82 8.56 31.25
N LYS B 799 -20.36 9.27 30.26
CA LYS B 799 -19.70 9.37 28.94
C LYS B 799 -18.24 9.81 29.06
N GLY B 800 -17.32 9.06 28.46
CA GLY B 800 -15.91 9.41 28.41
C GLY B 800 -15.13 9.02 29.65
N GLN B 801 -15.82 8.50 30.65
CA GLN B 801 -15.21 8.08 31.88
C GLN B 801 -14.66 6.65 31.75
N SER B 802 -13.44 6.46 32.22
CA SER B 802 -12.80 5.16 32.24
C SER B 802 -13.52 4.19 33.21
N VAL B 803 -13.63 2.93 32.80
CA VAL B 803 -14.43 1.97 33.56
C VAL B 803 -13.69 1.55 34.83
N ILE B 804 -12.38 1.63 34.84
CA ILE B 804 -11.60 1.41 36.06
C ILE B 804 -12.05 2.35 37.21
N SER B 805 -12.41 3.61 36.89
CA SER B 805 -12.74 4.64 37.87
C SER B 805 -14.24 4.72 38.23
N LEU B 806 -15.04 3.81 37.73
CA LEU B 806 -16.50 3.97 37.69
C LEU B 806 -17.14 3.53 39.00
N ASP B 807 -17.86 4.43 39.66
CA ASP B 807 -18.58 4.10 40.90
C ASP B 807 -20.00 3.84 40.47
N LEU B 808 -20.45 2.58 40.64
CA LEU B 808 -21.81 2.16 40.29
C LEU B 808 -22.62 1.78 41.51
N TYR B 809 -22.41 2.50 42.61
CA TYR B 809 -23.12 2.27 43.87
C TYR B 809 -24.63 2.46 43.75
N THR B 810 -25.06 3.38 42.90
CA THR B 810 -26.50 3.63 42.68
C THR B 810 -27.28 2.40 42.17
N CYS B 811 -26.56 1.43 41.57
CA CYS B 811 -27.15 0.14 41.16
C CYS B 811 -27.41 -0.82 42.33
N GLU B 812 -26.92 -0.48 43.52
CA GLU B 812 -27.23 -1.26 44.73
C GLU B 812 -28.06 -0.49 45.80
N LEU B 813 -28.60 0.71 45.51
CA LEU B 813 -29.20 1.56 46.56
C LEU B 813 -30.60 1.02 46.89
C1 NAG C . 24.52 30.25 16.70
C2 NAG C . 23.06 30.48 16.44
C3 NAG C . 22.93 31.49 15.30
C4 NAG C . 23.58 32.83 15.68
C5 NAG C . 25.02 32.49 16.08
C6 NAG C . 25.80 33.64 16.68
C7 NAG C . 21.32 28.72 16.57
C8 NAG C . 20.88 27.45 15.89
N2 NAG C . 22.44 29.24 16.03
O3 NAG C . 21.56 31.64 14.93
O4 NAG C . 23.57 33.79 14.59
O5 NAG C . 25.07 31.49 17.11
O6 NAG C . 27.15 33.19 16.64
O7 NAG C . 20.66 29.19 17.50
C1 NAG C . 22.92 35.08 14.83
C2 NAG C . 23.61 36.07 13.88
C3 NAG C . 22.94 37.42 13.88
C4 NAG C . 21.50 37.21 13.39
C5 NAG C . 20.83 36.34 14.46
C6 NAG C . 19.36 36.03 14.15
C7 NAG C . 25.98 35.59 13.56
C8 NAG C . 27.37 35.85 14.07
N2 NAG C . 25.02 36.21 14.23
O3 NAG C . 23.72 38.28 13.04
O4 NAG C . 20.84 38.47 13.11
O5 NAG C . 21.50 35.08 14.58
O6 NAG C . 19.26 34.76 13.52
O7 NAG C . 25.73 34.85 12.61
O EWL D . 25.89 6.83 -11.48
C4 EWL D . 25.65 7.66 -10.50
N3 EWL D . 26.65 8.22 -9.77
C9 EWL D . 28.10 8.07 -9.89
C10 EWL D . 28.70 9.27 -10.51
C11 EWL D . 28.65 9.43 -11.89
C12 EWL D . 29.20 10.55 -12.50
C13 EWL D . 29.82 11.51 -11.69
C15 EWL D . 29.88 11.35 -10.30
C14 EWL D . 29.32 10.21 -9.71
C1 EWL D . 26.05 8.98 -8.85
N EWL D . 26.48 9.80 -7.84
C3 EWL D . 25.61 10.47 -7.03
N1 EWL D . 24.28 10.35 -7.20
C2 EWL D . 23.74 9.60 -8.18
N4 EWL D . 22.42 9.52 -8.31
C EWL D . 24.60 8.83 -9.10
N2 EWL D . 24.41 7.98 -10.13
O1 EWL D . 26.01 11.29 -6.01
C5 EWL D . 27.38 11.33 -5.64
C6 EWL D . 27.89 9.96 -5.16
C7 EWL D . 27.74 9.74 -3.64
C8 EWL D . 27.21 8.39 -3.24
C1 NAG E . -23.58 -30.76 -17.46
C2 NAG E . -23.50 -30.64 -15.93
C3 NAG E . -22.90 -31.86 -15.19
C4 NAG E . -23.62 -33.13 -15.58
C5 NAG E . -23.58 -33.12 -17.11
C6 NAG E . -24.28 -34.36 -17.65
C7 NAG E . -23.17 -28.50 -14.66
C8 NAG E . -22.16 -27.42 -14.41
N2 NAG E . -22.74 -29.46 -15.51
O3 NAG E . -23.02 -31.71 -13.78
O4 NAG E . -23.11 -34.30 -14.87
O5 NAG E . -24.25 -31.97 -17.70
O6 NAG E . -24.90 -34.02 -18.89
O7 NAG E . -24.30 -28.51 -14.13
C1 NAG F . 1.38 2.11 -20.11
C2 NAG F . 0.06 2.84 -19.96
C3 NAG F . -0.46 2.64 -18.54
C4 NAG F . -0.67 1.14 -18.26
C5 NAG F . 0.64 0.37 -18.57
C6 NAG F . 0.29 -1.07 -18.68
C7 NAG F . -0.44 5.13 -20.81
C8 NAG F . 0.02 6.57 -20.68
N2 NAG F . 0.30 4.25 -20.09
O3 NAG F . -1.68 3.33 -18.34
O4 NAG F . -1.21 0.89 -16.91
O5 NAG F . 1.18 0.71 -19.85
O6 NAG F . 1.52 -1.75 -18.86
O7 NAG F . -1.39 4.79 -21.50
C1 NAG G . 17.84 -1.54 -37.09
C2 NAG G . 19.36 -1.56 -37.14
C3 NAG G . 19.84 -0.29 -37.86
C4 NAG G . 19.11 0.04 -39.16
C5 NAG G . 17.58 -0.08 -38.96
C6 NAG G . 16.78 0.08 -40.25
C7 NAG G . 20.30 -2.59 -35.08
C8 NAG G . 20.93 -2.33 -33.73
N2 NAG G . 19.97 -1.51 -35.80
O3 NAG G . 21.26 -0.37 -38.01
O4 NAG G . 19.45 1.37 -39.56
O5 NAG G . 17.29 -1.36 -38.40
O6 NAG G . 15.57 0.81 -40.01
O7 NAG G . 20.10 -3.72 -35.49
C1 NAG H . -36.90 2.88 -19.55
C2 NAG H . -35.44 3.01 -20.01
C3 NAG H . -35.20 2.86 -21.55
C4 NAG H . -35.89 1.63 -22.15
C5 NAG H . -37.32 1.65 -21.63
C6 NAG H . -38.09 0.48 -22.21
C7 NAG H . -34.14 4.37 -18.42
C8 NAG H . -33.52 5.72 -18.21
N2 NAG H . -34.80 4.25 -19.57
O3 NAG H . -33.79 2.71 -21.77
O4 NAG H . -35.80 1.55 -23.60
O5 NAG H . -37.36 1.65 -20.16
O6 NAG H . -37.49 -0.75 -21.81
O7 NAG H . -34.05 3.46 -17.60
C1 NAG I . -10.97 38.81 8.05
C2 NAG I . -10.40 39.68 6.93
C3 NAG I . -9.78 40.97 7.51
C4 NAG I . -10.90 41.72 8.27
C5 NAG I . -11.45 40.77 9.36
C6 NAG I . -12.59 41.35 10.18
C7 NAG I . -9.85 38.42 4.90
C8 NAG I . -8.78 37.63 4.20
N2 NAG I . -9.49 38.89 6.10
O3 NAG I . -9.17 41.78 6.49
O4 NAG I . -10.46 42.96 8.87
O5 NAG I . -11.96 39.56 8.78
O6 NAG I . -13.71 41.32 9.31
O7 NAG I . -10.96 38.60 4.39
C1 NAG J . -9.21 18.56 -8.80
C2 NAG J . -10.26 18.64 -9.92
C3 NAG J . -11.01 17.30 -9.97
C4 NAG J . -10.07 16.08 -10.13
C5 NAG J . -9.01 16.10 -9.06
C6 NAG J . -8.02 14.98 -9.44
C7 NAG J . -11.54 20.66 -10.69
C8 NAG J . -12.62 21.62 -10.28
N2 NAG J . -11.24 19.72 -9.76
O3 NAG J . -11.91 17.39 -11.09
O4 NAG J . -10.69 14.78 -10.04
O5 NAG J . -8.36 17.39 -8.93
O6 NAG J . -6.81 15.27 -8.75
O7 NAG J . -10.99 20.80 -11.79
C1 NAG K . 19.92 22.43 -11.08
C2 NAG K . 20.52 23.25 -12.22
C3 NAG K . 22.02 22.99 -12.23
C4 NAG K . 22.61 23.47 -10.93
C5 NAG K . 22.00 22.73 -9.73
C6 NAG K . 22.33 23.32 -8.36
C7 NAG K . 18.97 23.38 -14.14
C8 NAG K . 18.63 22.78 -15.48
N2 NAG K . 20.01 22.82 -13.52
O3 NAG K . 22.61 23.62 -13.37
O4 NAG K . 24.01 23.19 -11.00
O5 NAG K . 20.55 22.64 -9.80
O6 NAG K . 21.79 22.46 -7.30
O7 NAG K . 18.35 24.30 -13.63
S SO4 L . -49.20 9.56 -6.87
O1 SO4 L . -49.83 10.61 -6.01
O2 SO4 L . -48.70 10.22 -8.11
O3 SO4 L . -48.06 8.95 -6.13
O4 SO4 L . -50.21 8.53 -7.17
S SO4 M . 3.26 4.29 -43.19
O1 SO4 M . 4.55 4.70 -42.55
O2 SO4 M . 2.58 5.40 -43.93
O3 SO4 M . 3.69 3.20 -44.12
O4 SO4 M . 2.24 3.80 -42.22
S SO4 N . 15.13 -6.14 -38.47
O1 SO4 N . 14.48 -6.45 -37.15
O2 SO4 N . 14.89 -4.70 -38.76
O3 SO4 N . 14.57 -6.95 -39.58
O4 SO4 N . 16.57 -6.51 -38.40
S SO4 O . 23.93 18.09 -14.21
O1 SO4 O . 23.38 19.09 -13.23
O2 SO4 O . 24.87 18.67 -15.21
O3 SO4 O . 24.56 16.95 -13.45
O4 SO4 O . 22.85 17.60 -15.07
O EWL P . 10.11 -17.45 -21.27
C4 EWL P . 8.94 -17.88 -20.93
N3 EWL P . 8.15 -18.50 -21.81
C9 EWL P . 8.40 -18.81 -23.21
C10 EWL P . 8.49 -20.27 -23.50
C11 EWL P . 9.62 -21.00 -23.10
C12 EWL P . 9.70 -22.37 -23.40
C13 EWL P . 8.66 -22.99 -24.12
C15 EWL P . 7.53 -22.27 -24.53
C14 EWL P . 7.45 -20.90 -24.22
C1 EWL P . 7.03 -18.79 -21.14
N EWL P . 5.85 -19.40 -21.45
C3 EWL P . 4.85 -19.57 -20.54
N1 EWL P . 4.98 -19.11 -19.26
C2 EWL P . 6.11 -18.49 -18.82
N4 EWL P . 6.24 -18.04 -17.55
C EWL P . 7.23 -18.30 -19.76
N2 EWL P . 8.45 -17.75 -19.68
O1 EWL P . 3.69 -20.22 -20.91
C5 EWL P . 3.39 -20.48 -22.29
C6 EWL P . 3.15 -19.21 -23.13
C7 EWL P . 2.12 -18.31 -22.44
C8 EWL P . 1.59 -17.19 -23.31
C1 NAG Q . 18.69 -7.96 1.87
C2 NAG Q . 18.21 -8.16 3.28
C3 NAG Q . 17.07 -7.23 3.67
C4 NAG Q . 17.20 -5.81 3.16
C5 NAG Q . 17.65 -5.86 1.70
C6 NAG Q . 17.65 -4.51 0.97
C7 NAG Q . 18.22 -10.27 4.45
C8 NAG Q . 17.63 -11.62 4.70
N2 NAG Q . 17.69 -9.49 3.50
O3 NAG Q . 16.98 -7.13 5.07
O4 NAG Q . 15.85 -5.31 3.28
O5 NAG Q . 18.90 -6.56 1.69
O6 NAG Q . 18.79 -3.73 1.24
O7 NAG Q . 19.17 -9.90 5.10
C1 NAG R . 15.75 3.01 38.62
C2 NAG R . 16.09 2.42 37.23
C3 NAG R . 17.53 1.83 37.22
C4 NAG R . 18.54 2.92 37.55
C5 NAG R . 18.09 3.56 38.89
C6 NAG R . 18.92 4.77 39.25
C7 NAG R . 13.95 1.80 35.97
C8 NAG R . 13.69 3.12 35.28
N2 NAG R . 15.00 1.52 36.81
O3 NAG R . 17.91 1.29 35.95
O4 NAG R . 19.95 2.46 37.50
O5 NAG R . 16.73 4.04 38.87
O6 NAG R . 18.64 5.78 38.27
O7 NAG R . 13.13 0.94 35.76
C1 NAG S . 19.18 -24.73 -18.00
C2 NAG S . 19.35 -26.04 -18.81
C3 NAG S . 20.82 -26.17 -19.20
C4 NAG S . 21.31 -24.93 -19.93
C5 NAG S . 20.97 -23.62 -19.18
C6 NAG S . 21.29 -22.39 -20.04
C7 NAG S . 17.92 -28.08 -18.43
C8 NAG S . 17.70 -29.26 -17.52
N2 NAG S . 18.94 -27.25 -18.08
O3 NAG S . 20.95 -27.33 -20.01
O4 NAG S . 22.73 -24.99 -20.12
O5 NAG S . 19.58 -23.62 -18.81
O6 NAG S . 20.27 -21.39 -19.85
O7 NAG S . 17.22 -27.93 -19.42
C1 NAG T . 4.78 -29.83 -11.07
C2 NAG T . 5.56 -31.01 -11.65
C3 NAG T . 5.36 -30.91 -13.15
C4 NAG T . 3.88 -31.09 -13.56
C5 NAG T . 2.87 -30.44 -12.58
C6 NAG T . 2.08 -31.44 -11.70
C7 NAG T . 7.41 -31.12 -9.99
C8 NAG T . 8.88 -31.04 -9.69
N2 NAG T . 6.97 -30.94 -11.26
O3 NAG T . 6.17 -31.87 -13.80
O4 NAG T . 3.71 -30.47 -14.84
O5 NAG T . 3.52 -29.50 -11.73
O6 NAG T . 1.21 -30.70 -10.81
O7 NAG T . 6.65 -31.37 -9.05
S SO4 U . 9.08 -28.24 -15.73
O1 SO4 U . 10.20 -27.59 -15.01
O2 SO4 U . 8.95 -27.59 -17.08
O3 SO4 U . 9.43 -29.68 -15.84
O4 SO4 U . 7.79 -28.21 -14.98
S SO4 V . 1.47 16.54 15.06
O1 SO4 V . 2.78 17.24 14.86
O2 SO4 V . 0.36 17.43 14.58
O3 SO4 V . 1.50 15.25 14.33
O4 SO4 V . 1.24 16.12 16.49
#